data_6ALY
#
_entry.id   6ALY
#
_entity_poly.entity_id   1
_entity_poly.type   'polypeptide(L)'
_entity_poly.pdbx_seq_one_letter_code
;NNPLQQQSSQNTVPNVLNQINQIFSPEEQRSLLQEAIETCKNFEKTQLGSTMTEPVKQSFIRKYINQKALRKIQALRDVK
NNNNANNNGSNL
;
_entity_poly.pdbx_strand_id   A
#
# COMPACT_ATOMS: atom_id res chain seq x y z
N ASN A 1 8.20 35.57 -1.33
CA ASN A 1 8.98 34.33 -1.60
C ASN A 1 8.88 33.39 -0.44
N ASN A 2 7.72 32.69 -0.32
CA ASN A 2 7.53 31.75 0.75
C ASN A 2 8.25 30.48 0.37
N PRO A 3 8.70 29.68 1.33
CA PRO A 3 9.39 28.44 1.01
C PRO A 3 8.47 27.38 0.52
N LEU A 4 9.01 26.46 -0.32
CA LEU A 4 8.23 25.38 -0.88
C LEU A 4 9.00 24.12 -0.64
N GLN A 5 8.35 23.13 0.01
CA GLN A 5 8.99 21.86 0.30
C GLN A 5 8.28 20.82 -0.51
N GLN A 6 6.99 20.60 -0.21
CA GLN A 6 6.22 19.63 -0.93
C GLN A 6 4.78 19.99 -0.72
N GLN A 7 3.89 19.45 -1.59
CA GLN A 7 2.49 19.76 -1.44
C GLN A 7 1.76 18.64 -2.10
N SER A 8 0.71 18.10 -1.42
CA SER A 8 -0.04 17.02 -2.00
C SER A 8 -1.42 17.09 -1.42
N SER A 9 -2.43 16.70 -2.22
CA SER A 9 -3.80 16.75 -1.75
C SER A 9 -4.05 15.51 -0.93
N GLN A 10 -4.92 15.63 0.09
CA GLN A 10 -5.24 14.51 0.94
C GLN A 10 -6.70 14.24 0.77
N ASN A 11 -7.07 12.97 0.51
CA ASN A 11 -8.44 12.62 0.33
C ASN A 11 -8.52 11.13 0.40
N THR A 12 -9.74 10.59 0.63
CA THR A 12 -9.92 9.16 0.71
C THR A 12 -9.99 8.66 -0.70
N VAL A 13 -9.15 7.66 -1.04
CA VAL A 13 -9.13 7.12 -2.37
C VAL A 13 -9.52 5.65 -2.26
N PRO A 14 -10.80 5.31 -2.45
CA PRO A 14 -11.23 3.93 -2.38
C PRO A 14 -10.93 3.17 -3.64
N ASN A 15 -11.12 1.82 -3.60
CA ASN A 15 -10.88 0.96 -4.74
C ASN A 15 -9.42 1.08 -5.15
N VAL A 16 -8.52 0.86 -4.17
CA VAL A 16 -7.10 0.94 -4.42
C VAL A 16 -6.53 -0.45 -4.28
N LEU A 17 -7.31 -1.37 -3.68
CA LEU A 17 -6.86 -2.73 -3.50
C LEU A 17 -6.76 -3.39 -4.86
N ASN A 18 -7.75 -3.12 -5.73
CA ASN A 18 -7.75 -3.71 -7.05
C ASN A 18 -6.65 -3.11 -7.88
N GLN A 19 -6.14 -1.92 -7.49
CA GLN A 19 -5.11 -1.27 -8.26
C GLN A 19 -3.76 -1.74 -7.78
N ILE A 20 -3.72 -2.64 -6.76
CA ILE A 20 -2.44 -3.11 -6.26
C ILE A 20 -1.76 -3.95 -7.33
N ASN A 21 -2.54 -4.51 -8.27
CA ASN A 21 -1.99 -5.34 -9.32
C ASN A 21 -1.42 -4.45 -10.40
N GLN A 22 -1.67 -3.12 -10.33
CA GLN A 22 -1.16 -2.21 -11.34
C GLN A 22 -0.04 -1.42 -10.73
N ILE A 23 -0.14 -1.12 -9.42
CA ILE A 23 0.90 -0.35 -8.75
C ILE A 23 2.11 -1.23 -8.60
N PHE A 24 1.89 -2.52 -8.24
CA PHE A 24 3.00 -3.44 -8.04
C PHE A 24 2.76 -4.67 -8.84
N SER A 25 3.86 -5.32 -9.27
CA SER A 25 3.77 -6.55 -10.03
C SER A 25 3.55 -7.64 -9.02
N PRO A 26 2.96 -8.78 -9.40
CA PRO A 26 2.71 -9.86 -8.43
C PRO A 26 3.97 -10.42 -7.82
N GLU A 27 5.08 -10.44 -8.61
CA GLU A 27 6.34 -10.94 -8.10
C GLU A 27 6.81 -10.02 -7.00
N GLU A 28 6.56 -8.70 -7.18
CA GLU A 28 6.96 -7.73 -6.20
C GLU A 28 6.09 -7.90 -4.98
N GLN A 29 4.77 -8.13 -5.22
CA GLN A 29 3.82 -8.30 -4.14
C GLN A 29 4.22 -9.47 -3.27
N ARG A 30 4.68 -10.59 -3.89
CA ARG A 30 5.09 -11.74 -3.10
C ARG A 30 6.25 -11.38 -2.22
N SER A 31 7.21 -10.58 -2.74
CA SER A 31 8.36 -10.18 -1.95
C SER A 31 7.90 -9.31 -0.81
N LEU A 32 6.97 -8.38 -1.11
CA LEU A 32 6.45 -7.47 -0.11
C LEU A 32 5.75 -8.25 0.97
N LEU A 33 5.03 -9.32 0.60
CA LEU A 33 4.32 -10.12 1.58
C LEU A 33 5.31 -10.74 2.54
N GLN A 34 6.43 -11.29 2.00
CA GLN A 34 7.44 -11.91 2.85
C GLN A 34 8.03 -10.88 3.77
N GLU A 35 8.30 -9.65 3.24
CA GLU A 35 8.88 -8.61 4.06
C GLU A 35 7.91 -8.23 5.14
N ALA A 36 6.60 -8.15 4.80
CA ALA A 36 5.58 -7.79 5.74
C ALA A 36 5.55 -8.77 6.89
N ILE A 37 5.75 -10.09 6.62
CA ILE A 37 5.75 -11.08 7.68
C ILE A 37 6.87 -10.78 8.64
N GLU A 38 8.08 -10.51 8.09
CA GLU A 38 9.23 -10.18 8.92
C GLU A 38 8.93 -8.92 9.70
N THR A 39 8.28 -7.92 9.06
CA THR A 39 7.92 -6.69 9.74
C THR A 39 7.00 -6.98 10.88
N CYS A 40 6.07 -7.95 10.72
CA CYS A 40 5.12 -8.28 11.77
C CYS A 40 5.88 -8.78 12.97
N LYS A 41 6.95 -9.57 12.77
CA LYS A 41 7.75 -10.06 13.89
C LYS A 41 8.38 -8.88 14.59
N ASN A 42 8.80 -7.87 13.79
CA ASN A 42 9.44 -6.69 14.34
C ASN A 42 8.44 -5.97 15.21
N PHE A 43 7.18 -5.87 14.74
CA PHE A 43 6.12 -5.22 15.49
C PHE A 43 5.84 -6.01 16.74
N GLU A 44 5.90 -7.36 16.61
CA GLU A 44 5.58 -8.25 17.72
C GLU A 44 6.54 -8.01 18.85
N LYS A 45 7.83 -7.87 18.53
CA LYS A 45 8.84 -7.65 19.54
C LYS A 45 8.58 -6.36 20.29
N THR A 46 8.16 -5.27 19.61
CA THR A 46 7.95 -4.02 20.31
C THR A 46 6.64 -4.03 21.08
N GLN A 47 5.54 -4.53 20.46
CA GLN A 47 4.26 -4.56 21.14
C GLN A 47 3.52 -5.78 20.70
N LEU A 48 2.54 -6.22 21.53
CA LEU A 48 1.74 -7.40 21.23
C LEU A 48 2.65 -8.59 21.15
N GLY A 49 3.04 -9.11 22.34
CA GLY A 49 3.92 -10.26 22.39
C GLY A 49 3.25 -11.27 23.27
N SER A 50 2.22 -11.94 22.72
CA SER A 50 1.49 -12.91 23.49
C SER A 50 0.67 -13.69 22.50
N THR A 51 -0.50 -14.21 22.93
CA THR A 51 -1.33 -14.97 22.03
C THR A 51 -1.99 -13.99 21.10
N MET A 52 -1.77 -14.17 19.78
CA MET A 52 -2.34 -13.28 18.79
C MET A 52 -3.12 -14.11 17.82
N THR A 53 -4.25 -13.57 17.35
CA THR A 53 -5.06 -14.27 16.38
C THR A 53 -4.46 -14.04 15.03
N GLU A 54 -4.91 -14.80 14.02
CA GLU A 54 -4.37 -14.64 12.68
C GLU A 54 -4.94 -13.40 11.97
N PRO A 55 -6.27 -13.13 11.96
CA PRO A 55 -6.81 -11.94 11.26
C PRO A 55 -6.20 -10.62 11.61
N VAL A 56 -5.77 -10.40 12.88
CA VAL A 56 -5.19 -9.12 13.23
C VAL A 56 -3.85 -8.98 12.55
N LYS A 57 -3.10 -10.10 12.42
CA LYS A 57 -1.80 -10.05 11.76
C LYS A 57 -2.02 -9.81 10.30
N GLN A 58 -3.05 -10.49 9.73
CA GLN A 58 -3.35 -10.36 8.33
C GLN A 58 -3.75 -8.94 8.03
N SER A 59 -4.53 -8.31 8.94
CA SER A 59 -4.98 -6.95 8.75
C SER A 59 -3.79 -6.04 8.79
N PHE A 60 -2.83 -6.34 9.70
CA PHE A 60 -1.65 -5.51 9.85
C PHE A 60 -0.87 -5.52 8.56
N ILE A 61 -0.75 -6.70 7.91
CA ILE A 61 0.01 -6.81 6.68
C ILE A 61 -0.69 -6.01 5.61
N ARG A 62 -2.04 -6.12 5.55
CA ARG A 62 -2.80 -5.42 4.53
C ARG A 62 -2.65 -3.93 4.72
N LYS A 63 -2.69 -3.45 5.98
CA LYS A 63 -2.57 -2.02 6.22
C LYS A 63 -1.17 -1.58 5.88
N TYR A 64 -0.16 -2.40 6.24
CA TYR A 64 1.23 -2.05 5.97
C TYR A 64 1.44 -1.93 4.48
N ILE A 65 0.96 -2.91 3.70
CA ILE A 65 1.13 -2.89 2.27
C ILE A 65 0.40 -1.70 1.68
N ASN A 66 -0.85 -1.45 2.14
CA ASN A 66 -1.61 -0.33 1.61
C ASN A 66 -0.93 0.98 1.90
N GLN A 67 -0.32 1.15 3.11
CA GLN A 67 0.33 2.40 3.42
C GLN A 67 1.53 2.58 2.53
N LYS A 68 2.29 1.49 2.30
CA LYS A 68 3.45 1.55 1.45
C LYS A 68 3.01 1.92 0.05
N ALA A 69 1.89 1.35 -0.41
CA ALA A 69 1.38 1.62 -1.74
C ALA A 69 1.05 3.09 -1.86
N LEU A 70 0.44 3.68 -0.80
CA LEU A 70 0.07 5.08 -0.84
C LEU A 70 1.31 5.92 -0.97
N ARG A 71 2.40 5.55 -0.26
CA ARG A 71 3.62 6.33 -0.33
C ARG A 71 4.19 6.26 -1.73
N LYS A 72 4.14 5.06 -2.35
CA LYS A 72 4.64 4.90 -3.69
C LYS A 72 3.83 5.74 -4.64
N ILE A 73 2.49 5.74 -4.47
CA ILE A 73 1.62 6.51 -5.34
C ILE A 73 1.94 7.98 -5.18
N GLN A 74 2.15 8.45 -3.93
CA GLN A 74 2.46 9.84 -3.70
C GLN A 74 3.78 10.18 -4.34
N ALA A 75 4.75 9.23 -4.29
CA ALA A 75 6.05 9.46 -4.89
C ALA A 75 5.89 9.68 -6.37
N LEU A 76 4.98 8.93 -7.00
CA LEU A 76 4.75 9.06 -8.43
C LEU A 76 3.89 10.26 -8.70
N ARG A 77 3.33 10.88 -7.62
CA ARG A 77 2.46 12.01 -7.79
C ARG A 77 3.33 13.24 -7.85
N ASP A 78 4.62 13.07 -7.49
CA ASP A 78 5.56 14.18 -7.48
C ASP A 78 5.76 14.71 -8.88
N VAL A 79 5.48 13.89 -9.93
CA VAL A 79 5.66 14.36 -11.28
C VAL A 79 4.35 15.00 -11.67
N LYS A 80 4.42 16.17 -12.34
CA LYS A 80 3.21 16.86 -12.71
C LYS A 80 2.65 16.19 -13.95
N ASN A 81 1.30 16.29 -14.12
CA ASN A 81 0.63 15.72 -15.25
C ASN A 81 0.86 14.23 -15.28
N ASN A 82 0.81 13.58 -14.10
CA ASN A 82 1.03 12.15 -14.00
C ASN A 82 -0.11 11.61 -13.20
N ASN A 83 -0.85 10.64 -13.78
CA ASN A 83 -1.96 10.05 -13.08
C ASN A 83 -2.14 8.67 -13.63
N ASN A 84 -2.81 7.79 -12.85
CA ASN A 84 -3.03 6.44 -13.30
C ASN A 84 -4.09 6.47 -14.36
N ALA A 85 -3.93 5.62 -15.40
CA ALA A 85 -4.89 5.58 -16.46
C ALA A 85 -4.90 4.18 -16.99
N ASN A 86 -6.05 3.76 -17.57
CA ASN A 86 -6.16 2.41 -18.09
C ASN A 86 -5.19 2.26 -19.24
N ASN A 87 -5.06 3.33 -20.08
CA ASN A 87 -4.17 3.31 -21.23
C ASN A 87 -4.56 2.18 -22.14
N ASN A 88 -5.89 1.98 -22.31
CA ASN A 88 -6.37 0.93 -23.17
C ASN A 88 -7.58 1.46 -23.86
N GLY A 89 -7.57 1.40 -25.21
CA GLY A 89 -8.69 1.89 -25.97
C GLY A 89 -8.36 1.69 -27.41
N SER A 90 -9.29 2.10 -28.30
CA SER A 90 -9.05 1.95 -29.72
C SER A 90 -9.83 3.02 -30.40
N ASN A 91 -9.22 3.62 -31.45
CA ASN A 91 -9.88 4.68 -32.18
C ASN A 91 -10.52 4.05 -33.38
N LEU A 92 -11.86 4.19 -33.49
CA LEU A 92 -12.56 3.62 -34.61
C LEU A 92 -13.79 4.50 -34.87
N ASN A 1 8.92 20.47 11.61
CA ASN A 1 8.74 19.36 10.63
C ASN A 1 9.50 19.64 9.37
N ASN A 2 10.70 19.05 9.23
CA ASN A 2 11.51 19.25 8.06
C ASN A 2 12.15 17.92 7.71
N PRO A 3 11.39 16.99 7.15
CA PRO A 3 11.93 15.68 6.80
C PRO A 3 12.83 15.70 5.59
N LEU A 4 12.82 16.85 4.84
CA LEU A 4 13.64 17.00 3.65
C LEU A 4 13.22 15.94 2.66
N GLN A 5 11.90 15.77 2.49
CA GLN A 5 11.40 14.79 1.57
C GLN A 5 10.15 15.36 0.95
N GLN A 6 10.01 15.18 -0.38
CA GLN A 6 8.84 15.70 -1.07
C GLN A 6 7.94 14.52 -1.31
N GLN A 7 6.76 14.53 -0.66
CA GLN A 7 5.82 13.45 -0.81
C GLN A 7 4.73 13.91 -1.73
N SER A 8 3.69 14.56 -1.17
CA SER A 8 2.61 15.03 -2.00
C SER A 8 2.06 16.25 -1.34
N SER A 9 1.47 17.16 -2.16
CA SER A 9 0.92 18.39 -1.64
C SER A 9 -0.53 18.17 -1.32
N GLN A 10 -1.05 16.94 -1.54
CA GLN A 10 -2.44 16.69 -1.26
C GLN A 10 -2.58 15.22 -0.99
N ASN A 11 -3.59 14.86 -0.15
CA ASN A 11 -3.83 13.47 0.17
C ASN A 11 -4.98 13.02 -0.68
N THR A 12 -4.69 12.20 -1.71
CA THR A 12 -5.72 11.69 -2.59
C THR A 12 -5.56 10.21 -2.63
N VAL A 13 -6.69 9.47 -2.40
CA VAL A 13 -6.66 8.03 -2.41
C VAL A 13 -7.47 7.60 -3.63
N PRO A 14 -7.16 6.46 -4.24
CA PRO A 14 -7.90 6.01 -5.39
C PRO A 14 -9.26 5.48 -5.04
N ASN A 15 -10.25 5.69 -5.95
CA ASN A 15 -11.59 5.21 -5.70
C ASN A 15 -11.56 3.71 -5.69
N VAL A 16 -10.77 3.10 -6.61
CA VAL A 16 -10.66 1.67 -6.68
C VAL A 16 -9.42 1.28 -5.94
N LEU A 17 -9.58 0.49 -4.86
CA LEU A 17 -8.45 0.07 -4.07
C LEU A 17 -7.83 -1.14 -4.69
N ASN A 18 -8.44 -1.67 -5.77
CA ASN A 18 -7.92 -2.86 -6.41
C ASN A 18 -6.82 -2.46 -7.35
N GLN A 19 -6.58 -1.14 -7.53
CA GLN A 19 -5.56 -0.70 -8.44
C GLN A 19 -4.21 -0.89 -7.81
N ILE A 20 -4.15 -1.19 -6.49
CA ILE A 20 -2.88 -1.38 -5.83
C ILE A 20 -2.34 -2.74 -6.22
N ASN A 21 -3.20 -3.60 -6.80
CA ASN A 21 -2.75 -4.91 -7.18
C ASN A 21 -2.11 -4.83 -8.55
N GLN A 22 -2.30 -3.71 -9.27
CA GLN A 22 -1.74 -3.55 -10.59
C GLN A 22 -0.53 -2.64 -10.53
N ILE A 23 -0.33 -1.94 -9.40
CA ILE A 23 0.80 -1.02 -9.30
C ILE A 23 2.06 -1.80 -9.03
N PHE A 24 1.91 -3.05 -8.50
CA PHE A 24 3.07 -3.87 -8.18
C PHE A 24 2.98 -5.13 -8.98
N SER A 25 4.14 -5.63 -9.44
CA SER A 25 4.18 -6.86 -10.19
C SER A 25 4.12 -7.99 -9.18
N PRO A 26 3.67 -9.18 -9.56
CA PRO A 26 3.58 -10.31 -8.62
C PRO A 26 4.87 -10.64 -7.90
N GLU A 27 6.01 -10.56 -8.60
CA GLU A 27 7.30 -10.85 -7.98
C GLU A 27 7.55 -9.83 -6.89
N GLU A 28 7.18 -8.55 -7.15
CA GLU A 28 7.40 -7.51 -6.18
C GLU A 28 6.46 -7.73 -5.03
N GLN A 29 5.20 -8.12 -5.33
CA GLN A 29 4.20 -8.36 -4.31
C GLN A 29 4.66 -9.46 -3.39
N ARG A 30 5.25 -10.54 -3.94
CA ARG A 30 5.72 -11.63 -3.11
C ARG A 30 6.80 -11.14 -2.19
N SER A 31 7.70 -10.27 -2.68
CA SER A 31 8.78 -9.76 -1.85
C SER A 31 8.20 -8.90 -0.77
N LEU A 32 7.19 -8.06 -1.12
CA LEU A 32 6.57 -7.17 -0.16
C LEU A 32 5.91 -7.99 0.92
N LEU A 33 5.27 -9.11 0.56
CA LEU A 33 4.60 -9.93 1.56
C LEU A 33 5.63 -10.50 2.51
N GLN A 34 6.79 -10.96 1.98
CA GLN A 34 7.82 -11.52 2.82
C GLN A 34 8.34 -10.45 3.74
N GLU A 35 8.54 -9.22 3.22
CA GLU A 35 9.04 -8.14 4.04
C GLU A 35 8.03 -7.82 5.11
N ALA A 36 6.73 -7.84 4.74
CA ALA A 36 5.66 -7.56 5.70
C ALA A 36 5.71 -8.56 6.83
N ILE A 37 5.99 -9.84 6.54
CA ILE A 37 6.05 -10.84 7.60
C ILE A 37 7.18 -10.48 8.54
N GLU A 38 8.35 -10.13 7.96
CA GLU A 38 9.50 -9.75 8.77
C GLU A 38 9.15 -8.54 9.61
N THR A 39 8.42 -7.57 9.02
CA THR A 39 8.01 -6.39 9.74
C THR A 39 7.11 -6.78 10.89
N CYS A 40 6.23 -7.79 10.67
CA CYS A 40 5.33 -8.25 11.71
C CYS A 40 6.16 -8.78 12.86
N LYS A 41 7.23 -9.55 12.56
CA LYS A 41 8.08 -10.09 13.61
C LYS A 41 8.74 -8.95 14.35
N ASN A 42 9.07 -7.88 13.60
CA ASN A 42 9.70 -6.71 14.18
C ASN A 42 8.74 -6.11 15.18
N PHE A 43 7.44 -6.08 14.83
CA PHE A 43 6.41 -5.55 15.70
C PHE A 43 6.26 -6.45 16.91
N GLU A 44 6.41 -7.78 16.69
CA GLU A 44 6.26 -8.74 17.76
C GLU A 44 7.34 -8.52 18.78
N LYS A 45 8.57 -8.24 18.30
CA LYS A 45 9.68 -7.99 19.20
C LYS A 45 9.38 -6.80 20.07
N THR A 46 8.78 -5.72 19.51
CA THR A 46 8.48 -4.56 20.32
C THR A 46 7.38 -4.90 21.29
N GLN A 47 6.32 -5.60 20.80
CA GLN A 47 5.24 -5.97 21.67
C GLN A 47 4.60 -7.20 21.13
N LEU A 48 4.41 -8.22 22.00
CA LEU A 48 3.80 -9.46 21.59
C LEU A 48 2.62 -9.67 22.49
N GLY A 49 1.42 -9.92 21.89
CA GLY A 49 0.23 -10.12 22.67
C GLY A 49 0.28 -11.50 23.25
N SER A 50 -0.65 -11.78 24.20
CA SER A 50 -0.72 -13.08 24.84
C SER A 50 -1.05 -14.10 23.79
N THR A 51 -2.01 -13.79 22.91
CA THR A 51 -2.38 -14.70 21.87
C THR A 51 -2.82 -13.86 20.72
N MET A 52 -1.97 -13.77 19.66
CA MET A 52 -2.31 -12.97 18.52
C MET A 52 -3.05 -13.84 17.54
N THR A 53 -4.25 -13.38 17.14
CA THR A 53 -5.05 -14.13 16.20
C THR A 53 -4.54 -13.80 14.82
N GLU A 54 -4.94 -14.60 13.80
CA GLU A 54 -4.48 -14.37 12.45
C GLU A 54 -5.01 -13.06 11.85
N PRO A 55 -6.33 -12.74 11.93
CA PRO A 55 -6.85 -11.47 11.36
C PRO A 55 -6.13 -10.23 11.80
N VAL A 56 -5.62 -10.19 13.04
CA VAL A 56 -4.92 -9.00 13.51
C VAL A 56 -3.66 -8.82 12.67
N LYS A 57 -2.90 -9.92 12.46
CA LYS A 57 -1.68 -9.84 11.69
C LYS A 57 -2.03 -9.57 10.24
N GLN A 58 -3.12 -10.20 9.77
CA GLN A 58 -3.55 -10.03 8.39
C GLN A 58 -3.87 -8.58 8.14
N SER A 59 -4.58 -7.93 9.09
CA SER A 59 -4.93 -6.54 8.95
C SER A 59 -3.69 -5.71 9.01
N PHE A 60 -2.74 -6.10 9.90
CA PHE A 60 -1.51 -5.35 10.07
C PHE A 60 -0.74 -5.29 8.78
N ILE A 61 -0.57 -6.44 8.08
CA ILE A 61 0.20 -6.43 6.85
C ILE A 61 -0.63 -5.82 5.75
N ARG A 62 -1.97 -5.95 5.83
CA ARG A 62 -2.84 -5.40 4.81
C ARG A 62 -2.70 -3.89 4.82
N LYS A 63 -2.72 -3.28 6.02
CA LYS A 63 -2.59 -1.85 6.12
C LYS A 63 -1.19 -1.44 5.76
N TYR A 64 -0.19 -2.26 6.18
CA TYR A 64 1.20 -1.94 5.92
C TYR A 64 1.46 -1.86 4.43
N ILE A 65 1.03 -2.88 3.65
CA ILE A 65 1.28 -2.87 2.23
C ILE A 65 0.39 -1.84 1.57
N ASN A 66 -0.79 -1.56 2.16
CA ASN A 66 -1.69 -0.58 1.56
C ASN A 66 -1.06 0.78 1.63
N GLN A 67 -0.41 1.11 2.77
CA GLN A 67 0.20 2.41 2.93
C GLN A 67 1.33 2.56 1.95
N LYS A 68 2.12 1.48 1.74
CA LYS A 68 3.23 1.54 0.82
C LYS A 68 2.72 1.79 -0.57
N ALA A 69 1.59 1.13 -0.95
CA ALA A 69 1.04 1.32 -2.28
C ALA A 69 0.58 2.75 -2.43
N LEU A 70 -0.03 3.31 -1.36
CA LEU A 70 -0.52 4.67 -1.41
C LEU A 70 0.63 5.62 -1.57
N ARG A 71 1.77 5.36 -0.91
CA ARG A 71 2.90 6.25 -1.03
C ARG A 71 3.47 6.14 -2.42
N LYS A 72 3.52 4.91 -2.97
CA LYS A 72 4.09 4.70 -4.28
C LYS A 72 3.26 5.40 -5.34
N ILE A 73 1.93 5.27 -5.30
CA ILE A 73 1.11 5.87 -6.34
C ILE A 73 1.18 7.38 -6.25
N GLN A 74 1.27 7.95 -5.02
CA GLN A 74 1.35 9.39 -4.88
C GLN A 74 2.66 9.88 -5.47
N ALA A 75 3.76 9.10 -5.27
CA ALA A 75 5.04 9.51 -5.78
C ALA A 75 5.06 9.33 -7.27
N LEU A 76 4.18 8.47 -7.80
CA LEU A 76 4.14 8.20 -9.22
C LEU A 76 3.46 9.35 -9.94
N ARG A 77 2.77 10.24 -9.20
CA ARG A 77 2.08 11.33 -9.85
C ARG A 77 3.06 12.48 -9.97
N ASP A 78 4.16 12.42 -9.19
CA ASP A 78 5.14 13.48 -9.20
C ASP A 78 6.21 13.18 -10.21
N VAL A 79 6.25 11.92 -10.72
CA VAL A 79 7.27 11.55 -11.69
C VAL A 79 6.59 10.82 -12.79
N LYS A 80 6.71 11.32 -14.04
CA LYS A 80 6.09 10.67 -15.16
C LYS A 80 6.98 10.92 -16.33
N ASN A 81 7.20 9.90 -17.18
CA ASN A 81 8.06 10.08 -18.32
C ASN A 81 7.70 9.01 -19.31
N ASN A 82 7.85 9.33 -20.62
CA ASN A 82 7.54 8.36 -21.64
C ASN A 82 8.80 7.61 -21.92
N ASN A 83 8.86 6.33 -21.47
CA ASN A 83 10.03 5.52 -21.69
C ASN A 83 9.55 4.13 -21.98
N ASN A 84 9.70 3.70 -23.25
CA ASN A 84 9.27 2.37 -23.63
C ASN A 84 10.41 1.43 -23.37
N ALA A 85 10.71 1.18 -22.08
CA ALA A 85 11.78 0.30 -21.71
C ALA A 85 11.43 -1.10 -22.17
N ASN A 86 10.14 -1.47 -22.00
CA ASN A 86 9.70 -2.78 -22.41
C ASN A 86 8.22 -2.69 -22.61
N ASN A 87 7.67 -3.57 -23.48
CA ASN A 87 6.27 -3.56 -23.75
C ASN A 87 5.60 -4.44 -22.72
N ASN A 88 5.00 -3.82 -21.69
CA ASN A 88 4.34 -4.57 -20.66
C ASN A 88 2.91 -4.76 -21.08
N GLY A 89 2.63 -5.87 -21.81
CA GLY A 89 1.28 -6.13 -22.27
C GLY A 89 0.41 -6.37 -21.08
N SER A 90 0.91 -7.14 -20.09
CA SER A 90 0.14 -7.41 -18.91
C SER A 90 1.10 -7.82 -17.85
N ASN A 91 0.79 -7.50 -16.57
CA ASN A 91 1.65 -7.84 -15.47
C ASN A 91 1.73 -9.34 -15.38
N LEU A 92 0.58 -10.02 -15.61
CA LEU A 92 0.50 -11.48 -15.56
C LEU A 92 0.88 -11.93 -14.14
N ASN A 1 12.53 11.64 12.13
CA ASN A 1 12.93 11.99 13.52
C ASN A 1 11.93 12.95 14.13
N ASN A 2 11.34 13.83 13.30
CA ASN A 2 10.38 14.78 13.80
C ASN A 2 9.06 14.04 13.93
N PRO A 3 8.18 14.47 14.83
CA PRO A 3 6.91 13.80 15.02
C PRO A 3 5.84 14.34 14.10
N LEU A 4 6.04 14.14 12.78
CA LEU A 4 5.06 14.61 11.83
C LEU A 4 5.32 13.90 10.54
N GLN A 5 4.27 13.79 9.70
CA GLN A 5 4.41 13.13 8.43
C GLN A 5 3.63 13.95 7.44
N GLN A 6 4.03 13.89 6.15
CA GLN A 6 3.35 14.66 5.14
C GLN A 6 2.27 13.77 4.57
N GLN A 7 1.02 14.26 4.59
CA GLN A 7 -0.10 13.50 4.07
C GLN A 7 -0.70 14.31 2.95
N SER A 8 -1.06 13.61 1.85
CA SER A 8 -1.66 14.28 0.73
C SER A 8 -2.51 13.28 0.02
N SER A 9 -3.79 13.64 -0.22
CA SER A 9 -4.68 12.74 -0.90
C SER A 9 -5.83 13.57 -1.40
N GLN A 10 -5.97 13.66 -2.74
CA GLN A 10 -7.06 14.43 -3.30
C GLN A 10 -7.47 13.76 -4.57
N ASN A 11 -8.80 13.53 -4.73
CA ASN A 11 -9.30 12.89 -5.91
C ASN A 11 -10.76 13.22 -5.97
N THR A 12 -11.37 13.06 -7.17
CA THR A 12 -12.78 13.37 -7.33
C THR A 12 -13.55 12.09 -7.23
N VAL A 13 -12.84 10.94 -7.39
CA VAL A 13 -13.49 9.64 -7.32
C VAL A 13 -12.62 8.80 -6.38
N PRO A 14 -13.20 7.81 -5.69
CA PRO A 14 -12.40 6.98 -4.81
C PRO A 14 -11.48 6.06 -5.55
N ASN A 15 -10.35 5.70 -4.91
CA ASN A 15 -9.40 4.82 -5.54
C ASN A 15 -9.91 3.42 -5.40
N VAL A 16 -9.76 2.61 -6.47
CA VAL A 16 -10.22 1.24 -6.44
C VAL A 16 -9.04 0.39 -6.06
N LEU A 17 -9.31 -0.69 -5.30
CA LEU A 17 -8.26 -1.56 -4.81
C LEU A 17 -7.68 -2.35 -5.96
N ASN A 18 -8.48 -2.58 -7.01
CA ASN A 18 -8.03 -3.36 -8.15
C ASN A 18 -6.92 -2.63 -8.88
N GLN A 19 -6.85 -1.29 -8.73
CA GLN A 19 -5.83 -0.53 -9.44
C GLN A 19 -4.58 -0.50 -8.60
N ILE A 20 -4.72 -0.70 -7.27
CA ILE A 20 -3.59 -0.64 -6.36
C ILE A 20 -2.63 -1.75 -6.68
N ASN A 21 -3.15 -2.97 -6.93
CA ASN A 21 -2.30 -4.11 -7.18
C ASN A 21 -1.66 -4.02 -8.54
N GLN A 22 -2.09 -3.06 -9.40
CA GLN A 22 -1.52 -2.97 -10.73
C GLN A 22 -0.26 -2.13 -10.70
N ILE A 23 0.05 -1.46 -9.56
CA ILE A 23 1.24 -0.64 -9.51
C ILE A 23 2.44 -1.53 -9.23
N PHE A 24 2.20 -2.78 -8.77
CA PHE A 24 3.29 -3.67 -8.42
C PHE A 24 3.14 -4.94 -9.19
N SER A 25 4.29 -5.57 -9.49
CA SER A 25 4.28 -6.84 -10.18
C SER A 25 4.05 -7.88 -9.11
N PRO A 26 3.55 -9.06 -9.45
CA PRO A 26 3.29 -10.08 -8.44
C PRO A 26 4.53 -10.54 -7.72
N GLU A 27 5.69 -10.52 -8.42
CA GLU A 27 6.94 -10.91 -7.80
C GLU A 27 7.29 -9.90 -6.75
N GLU A 28 7.03 -8.61 -7.05
CA GLU A 28 7.35 -7.54 -6.13
C GLU A 28 6.41 -7.63 -4.95
N GLN A 29 5.12 -7.86 -5.25
CA GLN A 29 4.11 -7.97 -4.20
C GLN A 29 4.44 -9.11 -3.28
N ARG A 30 4.91 -10.25 -3.85
CA ARG A 30 5.27 -11.40 -3.04
C ARG A 30 6.39 -11.03 -2.12
N SER A 31 7.39 -10.26 -2.63
CA SER A 31 8.52 -9.88 -1.82
C SER A 31 8.04 -8.96 -0.71
N LEU A 32 7.12 -8.03 -1.04
CA LEU A 32 6.60 -7.10 -0.06
C LEU A 32 5.87 -7.87 1.02
N LEU A 33 5.13 -8.93 0.63
CA LEU A 33 4.40 -9.72 1.60
C LEU A 33 5.37 -10.38 2.54
N GLN A 34 6.49 -10.92 2.01
CA GLN A 34 7.47 -11.58 2.84
C GLN A 34 8.10 -10.57 3.77
N GLU A 35 8.39 -9.35 3.26
CA GLU A 35 9.00 -8.33 4.09
C GLU A 35 8.05 -7.94 5.19
N ALA A 36 6.74 -7.83 4.85
CA ALA A 36 5.74 -7.46 5.83
C ALA A 36 5.71 -8.48 6.95
N ILE A 37 5.86 -9.79 6.63
CA ILE A 37 5.86 -10.81 7.66
C ILE A 37 7.06 -10.58 8.55
N GLU A 38 8.23 -10.30 7.92
CA GLU A 38 9.44 -10.04 8.67
C GLU A 38 9.24 -8.86 9.60
N THR A 39 8.60 -7.76 9.13
CA THR A 39 8.39 -6.61 10.00
C THR A 39 7.39 -6.95 11.07
N CYS A 40 6.55 -7.99 10.87
CA CYS A 40 5.59 -8.36 11.88
C CYS A 40 6.35 -8.87 13.08
N LYS A 41 7.42 -9.65 12.83
CA LYS A 41 8.22 -10.20 13.90
C LYS A 41 8.87 -9.07 14.66
N ASN A 42 9.24 -8.00 13.92
CA ASN A 42 9.88 -6.84 14.53
C ASN A 42 8.93 -6.25 15.55
N PHE A 43 7.62 -6.17 15.20
CA PHE A 43 6.63 -5.63 16.09
C PHE A 43 6.44 -6.58 17.25
N GLU A 44 6.51 -7.90 16.96
CA GLU A 44 6.28 -8.90 18.00
C GLU A 44 7.38 -8.81 19.03
N LYS A 45 8.64 -8.61 18.58
CA LYS A 45 9.75 -8.49 19.50
C LYS A 45 9.55 -7.30 20.40
N THR A 46 9.03 -6.17 19.85
CA THR A 46 8.83 -4.99 20.67
C THR A 46 7.73 -5.28 21.66
N GLN A 47 6.62 -5.90 21.19
CA GLN A 47 5.53 -6.22 22.07
C GLN A 47 4.85 -7.44 21.53
N LEU A 48 4.67 -8.47 22.39
CA LEU A 48 4.04 -9.70 21.98
C LEU A 48 2.76 -9.79 22.77
N GLY A 49 1.62 -9.98 22.08
CA GLY A 49 0.34 -10.07 22.75
C GLY A 49 0.24 -11.41 23.42
N SER A 50 -0.75 -11.56 24.33
CA SER A 50 -0.93 -12.80 25.05
C SER A 50 -1.29 -13.87 24.06
N THR A 51 -2.18 -13.52 23.10
CA THR A 51 -2.57 -14.49 22.09
C THR A 51 -2.95 -13.68 20.89
N MET A 52 -2.06 -13.63 19.89
CA MET A 52 -2.33 -12.87 18.69
C MET A 52 -3.01 -13.78 17.71
N THR A 53 -4.17 -13.33 17.19
CA THR A 53 -4.90 -14.10 16.23
C THR A 53 -4.30 -13.81 14.87
N GLU A 54 -4.68 -14.59 13.84
CA GLU A 54 -4.15 -14.37 12.52
C GLU A 54 -4.77 -13.13 11.84
N PRO A 55 -6.11 -12.91 11.84
CA PRO A 55 -6.71 -11.74 11.18
C PRO A 55 -6.14 -10.40 11.56
N VAL A 56 -5.74 -10.19 12.83
CA VAL A 56 -5.21 -8.90 13.19
C VAL A 56 -3.86 -8.71 12.52
N LYS A 57 -3.05 -9.80 12.41
CA LYS A 57 -1.76 -9.69 11.76
C LYS A 57 -1.97 -9.49 10.29
N GLN A 58 -2.98 -10.18 9.74
CA GLN A 58 -3.29 -10.07 8.32
C GLN A 58 -3.70 -8.66 8.02
N SER A 59 -4.50 -8.04 8.91
CA SER A 59 -4.96 -6.69 8.71
C SER A 59 -3.78 -5.75 8.80
N PHE A 60 -2.85 -6.05 9.74
CA PHE A 60 -1.67 -5.22 9.93
C PHE A 60 -0.86 -5.23 8.66
N ILE A 61 -0.65 -6.41 8.06
CA ILE A 61 0.16 -6.52 6.86
C ILE A 61 -0.56 -5.82 5.73
N ARG A 62 -1.90 -6.02 5.66
CA ARG A 62 -2.70 -5.43 4.59
C ARG A 62 -2.59 -3.93 4.65
N LYS A 63 -2.73 -3.32 5.85
CA LYS A 63 -2.64 -1.88 5.97
C LYS A 63 -1.25 -1.44 5.63
N TYR A 64 -0.24 -2.22 6.05
CA TYR A 64 1.15 -1.88 5.80
C TYR A 64 1.42 -1.79 4.31
N ILE A 65 0.99 -2.80 3.53
CA ILE A 65 1.27 -2.77 2.10
C ILE A 65 0.36 -1.77 1.43
N ASN A 66 -0.82 -1.49 2.03
CA ASN A 66 -1.73 -0.55 1.42
C ASN A 66 -1.13 0.83 1.53
N GLN A 67 -0.57 1.16 2.71
CA GLN A 67 0.01 2.48 2.91
C GLN A 67 1.21 2.61 2.01
N LYS A 68 2.00 1.52 1.89
CA LYS A 68 3.19 1.54 1.06
C LYS A 68 2.79 1.80 -0.37
N ALA A 69 1.71 1.15 -0.83
CA ALA A 69 1.25 1.32 -2.20
C ALA A 69 0.82 2.75 -2.42
N LEU A 70 0.14 3.36 -1.42
CA LEU A 70 -0.33 4.73 -1.56
C LEU A 70 0.84 5.66 -1.72
N ARG A 71 1.94 5.41 -0.99
CA ARG A 71 3.11 6.27 -1.09
C ARG A 71 3.68 6.17 -2.47
N LYS A 72 3.74 4.93 -3.03
CA LYS A 72 4.29 4.74 -4.36
C LYS A 72 3.41 5.41 -5.38
N ILE A 73 2.08 5.30 -5.23
CA ILE A 73 1.16 5.89 -6.18
C ILE A 73 1.31 7.40 -6.13
N GLN A 74 1.38 7.97 -4.90
CA GLN A 74 1.50 9.40 -4.76
C GLN A 74 2.82 9.86 -5.35
N ALA A 75 3.90 9.08 -5.14
CA ALA A 75 5.19 9.45 -5.64
C ALA A 75 5.21 9.32 -7.15
N LEU A 76 4.31 8.50 -7.71
CA LEU A 76 4.26 8.30 -9.14
C LEU A 76 3.36 9.34 -9.74
N ARG A 77 2.57 10.04 -8.89
CA ARG A 77 1.66 11.03 -9.38
C ARG A 77 2.39 12.35 -9.47
N ASP A 78 3.24 12.62 -8.45
CA ASP A 78 3.96 13.88 -8.41
C ASP A 78 5.22 13.77 -9.23
N VAL A 79 5.61 12.56 -9.67
CA VAL A 79 6.82 12.41 -10.46
C VAL A 79 6.49 11.50 -11.61
N LYS A 80 6.65 12.02 -12.86
CA LYS A 80 6.36 11.23 -14.02
C LYS A 80 7.45 11.51 -15.01
N ASN A 81 7.77 10.49 -15.84
CA ASN A 81 8.80 10.66 -16.84
C ASN A 81 8.19 11.43 -17.98
N ASN A 82 8.94 12.41 -18.52
CA ASN A 82 8.43 13.20 -19.61
C ASN A 82 8.77 12.48 -20.88
N ASN A 83 7.80 11.68 -21.38
CA ASN A 83 8.01 10.92 -22.59
C ASN A 83 7.25 11.65 -23.67
N ASN A 84 7.93 11.97 -24.79
CA ASN A 84 7.28 12.67 -25.85
C ASN A 84 8.12 12.47 -27.08
N ALA A 85 7.57 12.88 -28.25
CA ALA A 85 8.31 12.73 -29.48
C ALA A 85 7.70 13.69 -30.45
N ASN A 86 6.68 13.23 -31.21
CA ASN A 86 6.03 14.09 -32.16
C ASN A 86 4.63 13.59 -32.29
N ASN A 87 3.64 14.51 -32.35
CA ASN A 87 2.27 14.11 -32.47
C ASN A 87 1.53 15.25 -33.08
N ASN A 88 0.33 14.96 -33.62
CA ASN A 88 -0.48 15.98 -34.27
C ASN A 88 -1.53 16.44 -33.29
N GLY A 89 -1.36 16.11 -32.00
CA GLY A 89 -2.34 16.51 -31.02
C GLY A 89 -1.72 16.36 -29.68
N SER A 90 -2.42 16.85 -28.63
CA SER A 90 -1.90 16.74 -27.29
C SER A 90 -3.09 16.64 -26.39
N ASN A 91 -2.93 15.90 -25.27
CA ASN A 91 -4.01 15.75 -24.34
C ASN A 91 -3.41 15.53 -22.99
N LEU A 92 -4.09 16.03 -21.93
CA LEU A 92 -3.57 15.87 -20.59
C LEU A 92 -4.04 14.52 -20.07
N ASN A 1 17.60 26.04 8.40
CA ASN A 1 18.11 24.76 7.84
C ASN A 1 17.10 23.65 8.03
N ASN A 2 16.21 23.47 7.03
CA ASN A 2 15.19 22.45 7.09
C ASN A 2 15.19 21.78 5.74
N PRO A 3 14.77 20.52 5.65
CA PRO A 3 14.73 19.83 4.37
C PRO A 3 13.62 20.30 3.49
N LEU A 4 13.81 20.15 2.16
CA LEU A 4 12.81 20.57 1.21
C LEU A 4 11.97 19.38 0.88
N GLN A 5 10.65 19.58 0.77
CA GLN A 5 9.78 18.47 0.46
C GLN A 5 8.54 19.06 -0.16
N GLN A 6 7.76 18.22 -0.87
CA GLN A 6 6.56 18.69 -1.49
C GLN A 6 5.59 17.56 -1.46
N GLN A 7 4.35 17.82 -0.94
CA GLN A 7 3.34 16.80 -0.87
C GLN A 7 2.08 17.39 -1.44
N SER A 8 1.26 16.54 -2.08
CA SER A 8 0.04 17.02 -2.67
C SER A 8 -0.88 15.84 -2.78
N SER A 9 -2.20 16.07 -2.58
CA SER A 9 -3.16 15.00 -2.68
C SER A 9 -4.29 15.51 -3.52
N GLN A 10 -4.84 14.64 -4.38
CA GLN A 10 -5.94 15.02 -5.24
C GLN A 10 -7.18 14.41 -4.67
N ASN A 11 -7.26 13.06 -4.67
CA ASN A 11 -8.42 12.39 -4.14
C ASN A 11 -8.01 10.98 -3.86
N THR A 12 -8.92 10.21 -3.23
CA THR A 12 -8.65 8.83 -2.92
C THR A 12 -9.87 8.04 -3.29
N VAL A 13 -9.70 6.72 -3.49
CA VAL A 13 -10.82 5.87 -3.85
C VAL A 13 -10.66 4.61 -3.01
N PRO A 14 -11.76 3.93 -2.67
CA PRO A 14 -11.65 2.71 -1.87
C PRO A 14 -11.29 1.50 -2.69
N ASN A 15 -11.45 1.60 -4.02
CA ASN A 15 -11.14 0.48 -4.88
C ASN A 15 -9.69 0.59 -5.28
N VAL A 16 -8.79 0.11 -4.39
CA VAL A 16 -7.37 0.15 -4.66
C VAL A 16 -6.85 -1.26 -4.55
N LEU A 17 -7.70 -2.20 -4.05
CA LEU A 17 -7.28 -3.57 -3.90
C LEU A 17 -7.07 -4.16 -5.26
N ASN A 18 -7.96 -3.87 -6.22
CA ASN A 18 -7.84 -4.42 -7.55
C ASN A 18 -6.82 -3.63 -8.33
N GLN A 19 -6.35 -2.49 -7.77
CA GLN A 19 -5.38 -1.67 -8.47
C GLN A 19 -4.01 -2.07 -8.01
N ILE A 20 -3.92 -3.02 -7.05
CA ILE A 20 -2.64 -3.43 -6.52
C ILE A 20 -1.86 -4.17 -7.58
N ASN A 21 -2.56 -4.75 -8.59
CA ASN A 21 -1.87 -5.50 -9.62
C ASN A 21 -1.27 -4.56 -10.63
N GLN A 22 -1.67 -3.26 -10.60
CA GLN A 22 -1.14 -2.31 -11.55
C GLN A 22 -0.09 -1.49 -10.85
N ILE A 23 -0.28 -1.24 -9.53
CA ILE A 23 0.67 -0.46 -8.78
C ILE A 23 1.93 -1.27 -8.61
N PHE A 24 1.76 -2.59 -8.32
CA PHE A 24 2.90 -3.45 -8.07
C PHE A 24 2.81 -4.64 -8.98
N SER A 25 3.99 -5.17 -9.36
CA SER A 25 4.06 -6.34 -10.19
C SER A 25 3.95 -7.50 -9.22
N PRO A 26 3.52 -8.69 -9.66
CA PRO A 26 3.39 -9.82 -8.73
C PRO A 26 4.69 -10.22 -8.08
N GLU A 27 5.81 -10.08 -8.81
CA GLU A 27 7.11 -10.41 -8.25
C GLU A 27 7.40 -9.44 -7.13
N GLU A 28 6.99 -8.17 -7.30
CA GLU A 28 7.25 -7.17 -6.30
C GLU A 28 6.36 -7.45 -5.12
N GLN A 29 5.09 -7.83 -5.40
CA GLN A 29 4.13 -8.13 -4.35
C GLN A 29 4.63 -9.28 -3.52
N ARG A 30 5.20 -10.32 -4.16
CA ARG A 30 5.71 -11.46 -3.42
C ARG A 30 6.81 -11.02 -2.49
N SER A 31 7.72 -10.15 -2.97
CA SER A 31 8.83 -9.70 -2.14
C SER A 31 8.28 -8.88 -1.00
N LEU A 32 7.30 -8.00 -1.28
CA LEU A 32 6.72 -7.15 -0.27
C LEU A 32 6.04 -7.99 0.78
N LEU A 33 5.38 -9.10 0.36
CA LEU A 33 4.70 -9.97 1.29
C LEU A 33 5.71 -10.55 2.24
N GLN A 34 6.88 -10.98 1.72
CA GLN A 34 7.91 -11.56 2.56
C GLN A 34 8.40 -10.51 3.53
N GLU A 35 8.54 -9.26 3.07
CA GLU A 35 9.00 -8.19 3.94
C GLU A 35 7.98 -7.97 5.02
N ALA A 36 6.68 -8.05 4.66
CA ALA A 36 5.61 -7.86 5.62
C ALA A 36 5.72 -8.90 6.72
N ILE A 37 6.06 -10.16 6.37
CA ILE A 37 6.18 -11.21 7.38
C ILE A 37 7.32 -10.83 8.31
N GLU A 38 8.46 -10.39 7.73
CA GLU A 38 9.59 -9.99 8.53
C GLU A 38 9.19 -8.84 9.44
N THR A 39 8.38 -7.89 8.92
CA THR A 39 7.91 -6.78 9.72
C THR A 39 7.08 -7.30 10.87
N CYS A 40 6.26 -8.35 10.62
CA CYS A 40 5.43 -8.91 11.68
C CYS A 40 6.33 -9.47 12.75
N LYS A 41 7.46 -10.12 12.35
CA LYS A 41 8.39 -10.68 13.30
C LYS A 41 9.02 -9.55 14.10
N ASN A 42 9.08 -8.35 13.48
CA ASN A 42 9.66 -7.20 14.16
C ASN A 42 8.74 -6.84 15.30
N PHE A 43 7.41 -6.90 15.04
CA PHE A 43 6.42 -6.58 16.04
C PHE A 43 6.45 -7.65 17.10
N GLU A 44 6.66 -8.93 16.69
CA GLU A 44 6.67 -10.02 17.64
C GLU A 44 7.86 -9.86 18.56
N LYS A 45 9.01 -9.44 17.98
CA LYS A 45 10.21 -9.23 18.76
C LYS A 45 9.94 -8.18 19.81
N THR A 46 9.23 -7.10 19.44
CA THR A 46 8.92 -6.05 20.39
C THR A 46 8.01 -6.62 21.46
N GLN A 47 7.01 -7.43 21.00
CA GLN A 47 6.03 -8.09 21.86
C GLN A 47 5.07 -7.07 22.39
N LEU A 48 3.84 -7.54 22.75
CA LEU A 48 2.82 -6.65 23.26
C LEU A 48 2.21 -7.29 24.47
N GLY A 49 2.63 -8.53 24.81
CA GLY A 49 2.07 -9.21 25.97
C GLY A 49 0.63 -9.50 25.70
N SER A 50 0.32 -10.05 24.50
CA SER A 50 -1.06 -10.32 24.18
C SER A 50 -1.05 -11.38 23.10
N THR A 51 -2.11 -12.20 23.06
CA THR A 51 -2.19 -13.24 22.06
C THR A 51 -2.94 -12.65 20.91
N MET A 52 -2.30 -12.66 19.70
CA MET A 52 -2.93 -12.09 18.54
C MET A 52 -3.42 -13.21 17.66
N THR A 53 -4.67 -13.03 17.17
CA THR A 53 -5.26 -14.00 16.27
C THR A 53 -4.70 -13.70 14.90
N GLU A 54 -4.95 -14.58 13.90
CA GLU A 54 -4.39 -14.35 12.58
C GLU A 54 -4.97 -13.10 11.92
N PRO A 55 -6.31 -12.86 11.90
CA PRO A 55 -6.86 -11.64 11.27
C PRO A 55 -6.23 -10.36 11.72
N VAL A 56 -5.77 -10.27 12.99
CA VAL A 56 -5.15 -9.06 13.46
C VAL A 56 -3.87 -8.84 12.67
N LYS A 57 -3.06 -9.90 12.50
CA LYS A 57 -1.82 -9.79 11.77
C LYS A 57 -2.11 -9.54 10.31
N GLN A 58 -3.16 -10.19 9.79
CA GLN A 58 -3.52 -10.04 8.38
C GLN A 58 -3.93 -8.61 8.14
N SER A 59 -4.68 -7.99 9.08
CA SER A 59 -5.13 -6.63 8.93
C SER A 59 -3.92 -5.73 8.96
N PHE A 60 -2.94 -6.06 9.81
CA PHE A 60 -1.74 -5.26 9.94
C PHE A 60 -1.01 -5.24 8.62
N ILE A 61 -0.89 -6.41 7.95
CA ILE A 61 -0.18 -6.48 6.69
C ILE A 61 -0.93 -5.67 5.65
N ARG A 62 -2.28 -5.79 5.65
CA ARG A 62 -3.09 -5.09 4.68
C ARG A 62 -2.95 -3.61 4.88
N LYS A 63 -2.89 -3.14 6.14
CA LYS A 63 -2.74 -1.72 6.40
C LYS A 63 -1.37 -1.28 5.96
N TYR A 64 -0.34 -2.11 6.26
CA TYR A 64 1.03 -1.80 5.91
C TYR A 64 1.18 -1.64 4.42
N ILE A 65 0.68 -2.62 3.63
CA ILE A 65 0.83 -2.53 2.19
C ILE A 65 -0.07 -1.45 1.64
N ASN A 66 -1.20 -1.16 2.33
CA ASN A 66 -2.12 -0.15 1.85
C ASN A 66 -1.43 1.19 1.94
N GLN A 67 -0.75 1.45 3.07
CA GLN A 67 -0.07 2.73 3.26
C GLN A 67 1.05 2.83 2.27
N LYS A 68 1.78 1.71 2.03
CA LYS A 68 2.90 1.73 1.11
C LYS A 68 2.40 2.07 -0.26
N ALA A 69 1.29 1.44 -0.70
CA ALA A 69 0.74 1.70 -2.01
C ALA A 69 0.27 3.13 -2.09
N LEU A 70 -0.35 3.63 -1.00
CA LEU A 70 -0.88 4.97 -0.98
C LEU A 70 0.22 5.98 -1.17
N ARG A 71 1.38 5.79 -0.50
CA ARG A 71 2.47 6.73 -0.62
C ARG A 71 3.00 6.73 -2.03
N LYS A 72 3.10 5.53 -2.66
CA LYS A 72 3.65 5.44 -4.00
C LYS A 72 2.76 6.15 -4.99
N ILE A 73 1.42 6.02 -4.86
CA ILE A 73 0.54 6.66 -5.83
C ILE A 73 0.44 8.13 -5.50
N GLN A 74 0.59 8.50 -4.21
CA GLN A 74 0.52 9.89 -3.81
C GLN A 74 1.64 10.64 -4.48
N ALA A 75 2.82 10.00 -4.56
CA ALA A 75 3.97 10.63 -5.19
C ALA A 75 3.66 10.94 -6.63
N LEU A 76 2.93 10.03 -7.32
CA LEU A 76 2.60 10.24 -8.72
C LEU A 76 1.47 11.24 -8.85
N ARG A 77 0.82 11.60 -7.72
CA ARG A 77 -0.30 12.52 -7.78
C ARG A 77 0.24 13.93 -7.69
N ASP A 78 1.54 14.04 -7.33
CA ASP A 78 2.16 15.34 -7.17
C ASP A 78 2.16 16.08 -8.48
N VAL A 79 2.46 15.39 -9.60
CA VAL A 79 2.49 16.03 -10.90
C VAL A 79 1.70 15.14 -11.81
N LYS A 80 0.80 15.73 -12.61
CA LYS A 80 -0.01 14.93 -13.50
C LYS A 80 -0.29 15.78 -14.70
N ASN A 81 0.00 15.26 -15.91
CA ASN A 81 -0.23 16.01 -17.13
C ASN A 81 -1.56 15.59 -17.68
N ASN A 82 -1.98 14.34 -17.43
CA ASN A 82 -3.23 13.87 -17.95
C ASN A 82 -3.57 12.62 -17.20
N ASN A 83 -4.85 12.18 -17.30
CA ASN A 83 -5.30 10.99 -16.62
C ASN A 83 -6.04 10.18 -17.63
N ASN A 84 -5.43 9.03 -18.05
CA ASN A 84 -6.05 8.17 -19.02
C ASN A 84 -6.09 6.80 -18.43
N ALA A 85 -7.21 6.07 -18.65
CA ALA A 85 -7.34 4.74 -18.11
C ALA A 85 -6.80 3.80 -19.14
N ASN A 86 -5.94 2.85 -18.70
CA ASN A 86 -5.36 1.88 -19.60
C ASN A 86 -5.95 0.55 -19.25
N ASN A 87 -6.34 -0.22 -20.29
CA ASN A 87 -6.92 -1.52 -20.07
C ASN A 87 -5.84 -2.54 -20.28
N ASN A 88 -5.76 -3.52 -19.36
CA ASN A 88 -4.75 -4.55 -19.47
C ASN A 88 -5.41 -5.76 -20.07
N GLY A 89 -4.68 -6.45 -20.97
CA GLY A 89 -5.22 -7.63 -21.61
C GLY A 89 -4.43 -8.80 -21.11
N SER A 90 -5.13 -9.75 -20.45
CA SER A 90 -4.46 -10.91 -19.92
C SER A 90 -5.49 -11.99 -19.85
N ASN A 91 -5.06 -13.25 -20.08
CA ASN A 91 -5.98 -14.37 -20.03
C ASN A 91 -5.22 -15.52 -19.45
N LEU A 92 -5.65 -15.99 -18.26
CA LEU A 92 -4.98 -17.10 -17.62
C LEU A 92 -5.61 -18.39 -18.17
N ASN A 1 8.14 13.30 1.07
CA ASN A 1 8.68 13.87 2.32
C ASN A 1 7.58 14.17 3.30
N ASN A 2 6.81 13.12 3.67
CA ASN A 2 5.72 13.32 4.60
C ASN A 2 6.33 13.35 5.99
N PRO A 3 5.69 14.04 6.94
CA PRO A 3 6.22 14.10 8.30
C PRO A 3 6.03 12.82 9.06
N LEU A 4 5.13 11.94 8.53
CA LEU A 4 4.85 10.67 9.15
C LEU A 4 4.30 10.92 10.53
N GLN A 5 3.14 11.59 10.61
CA GLN A 5 2.52 11.90 11.87
C GLN A 5 1.06 11.63 11.71
N GLN A 6 0.39 11.19 12.80
CA GLN A 6 -1.02 10.90 12.73
C GLN A 6 -1.74 12.14 13.17
N GLN A 7 -2.46 12.79 12.23
CA GLN A 7 -3.18 13.99 12.55
C GLN A 7 -4.39 14.00 11.66
N SER A 8 -5.58 14.31 12.25
CA SER A 8 -6.82 14.36 11.49
C SER A 8 -7.09 13.01 10.89
N SER A 9 -6.98 11.96 11.73
CA SER A 9 -7.20 10.61 11.25
C SER A 9 -8.67 10.45 11.01
N GLN A 10 -9.02 9.68 9.96
CA GLN A 10 -10.40 9.46 9.64
C GLN A 10 -10.51 8.06 9.13
N ASN A 11 -11.73 7.47 9.22
CA ASN A 11 -11.92 6.11 8.77
C ASN A 11 -12.37 6.18 7.34
N THR A 12 -11.64 5.46 6.45
CA THR A 12 -12.00 5.44 5.06
C THR A 12 -11.58 4.09 4.54
N VAL A 13 -12.33 3.56 3.54
CA VAL A 13 -12.02 2.26 2.98
C VAL A 13 -12.07 2.35 1.47
N PRO A 14 -11.09 2.97 0.84
CA PRO A 14 -11.07 3.08 -0.61
C PRO A 14 -10.74 1.78 -1.27
N ASN A 15 -11.25 1.56 -2.49
CA ASN A 15 -10.99 0.32 -3.19
C ASN A 15 -9.73 0.50 -3.99
N VAL A 16 -8.61 -0.01 -3.44
CA VAL A 16 -7.33 0.08 -4.11
C VAL A 16 -6.76 -1.31 -4.18
N LEU A 17 -7.54 -2.30 -3.68
CA LEU A 17 -7.09 -3.67 -3.68
C LEU A 17 -7.02 -4.17 -5.09
N ASN A 18 -8.00 -3.78 -5.93
CA ASN A 18 -8.02 -4.24 -7.30
C ASN A 18 -6.89 -3.60 -8.07
N GLN A 19 -6.46 -2.38 -7.66
CA GLN A 19 -5.43 -1.69 -8.40
C GLN A 19 -4.07 -2.08 -7.84
N ILE A 20 -4.01 -2.89 -6.76
CA ILE A 20 -2.73 -3.24 -6.19
C ILE A 20 -1.99 -4.14 -7.16
N ASN A 21 -2.75 -4.82 -8.06
CA ASN A 21 -2.13 -5.72 -9.02
C ASN A 21 -1.59 -4.89 -10.17
N GLN A 22 -1.94 -3.58 -10.22
CA GLN A 22 -1.47 -2.72 -11.28
C GLN A 22 -0.35 -1.87 -10.75
N ILE A 23 -0.43 -1.49 -9.45
CA ILE A 23 0.59 -0.66 -8.86
C ILE A 23 1.87 -1.46 -8.75
N PHE A 24 1.74 -2.76 -8.38
CA PHE A 24 2.90 -3.61 -8.19
C PHE A 24 2.72 -4.84 -9.01
N SER A 25 3.86 -5.42 -9.47
CA SER A 25 3.81 -6.64 -10.26
C SER A 25 3.71 -7.77 -9.25
N PRO A 26 3.19 -8.95 -9.64
CA PRO A 26 3.06 -10.09 -8.72
C PRO A 26 4.34 -10.49 -8.03
N GLU A 27 5.47 -10.45 -8.74
CA GLU A 27 6.75 -10.80 -8.15
C GLU A 27 7.08 -9.82 -7.06
N GLU A 28 6.76 -8.53 -7.30
CA GLU A 28 7.06 -7.51 -6.33
C GLU A 28 6.13 -7.68 -5.15
N GLN A 29 4.85 -8.00 -5.44
CA GLN A 29 3.85 -8.20 -4.40
C GLN A 29 4.26 -9.33 -3.50
N ARG A 30 4.78 -10.43 -4.08
CA ARG A 30 5.20 -11.57 -3.27
C ARG A 30 6.32 -11.15 -2.35
N SER A 31 7.29 -10.36 -2.87
CA SER A 31 8.40 -9.93 -2.04
C SER A 31 7.91 -9.03 -0.95
N LEU A 32 6.96 -8.12 -1.27
CA LEU A 32 6.42 -7.20 -0.29
C LEU A 32 5.72 -7.96 0.81
N LEU A 33 4.98 -9.03 0.46
CA LEU A 33 4.29 -9.80 1.48
C LEU A 33 5.28 -10.44 2.40
N GLN A 34 6.40 -10.98 1.83
CA GLN A 34 7.40 -11.63 2.65
C GLN A 34 8.04 -10.60 3.57
N GLU A 35 8.30 -9.38 3.04
CA GLU A 35 8.92 -8.34 3.84
C GLU A 35 7.97 -7.96 4.94
N ALA A 36 6.66 -7.86 4.61
CA ALA A 36 5.65 -7.50 5.58
C ALA A 36 5.62 -8.50 6.71
N ILE A 37 5.80 -9.81 6.42
CA ILE A 37 5.79 -10.81 7.47
C ILE A 37 6.95 -10.53 8.41
N GLU A 38 8.15 -10.28 7.82
CA GLU A 38 9.32 -9.98 8.63
C GLU A 38 9.05 -8.73 9.46
N THR A 39 8.38 -7.72 8.86
CA THR A 39 8.05 -6.50 9.56
C THR A 39 7.14 -6.83 10.73
N CYS A 40 6.22 -7.79 10.55
CA CYS A 40 5.32 -8.17 11.61
C CYS A 40 6.12 -8.70 12.79
N LYS A 41 7.20 -9.48 12.52
CA LYS A 41 8.03 -10.01 13.59
C LYS A 41 8.68 -8.87 14.33
N ASN A 42 9.04 -7.80 13.58
CA ASN A 42 9.69 -6.65 14.20
C ASN A 42 8.70 -6.03 15.16
N PHE A 43 7.41 -5.99 14.78
CA PHE A 43 6.37 -5.44 15.63
C PHE A 43 6.18 -6.34 16.83
N GLU A 44 6.30 -7.68 16.60
CA GLU A 44 6.10 -8.64 17.67
C GLU A 44 7.15 -8.44 18.72
N LYS A 45 8.40 -8.18 18.29
CA LYS A 45 9.47 -7.97 19.23
C LYS A 45 9.18 -6.76 20.09
N THR A 46 8.62 -5.67 19.52
CA THR A 46 8.35 -4.49 20.31
C THR A 46 7.20 -4.75 21.26
N GLN A 47 6.11 -5.40 20.77
CA GLN A 47 4.98 -5.69 21.63
C GLN A 47 4.43 -7.03 21.23
N LEU A 48 3.94 -7.81 22.23
CA LEU A 48 3.40 -9.12 21.96
C LEU A 48 2.02 -9.13 22.60
N GLY A 49 1.47 -10.33 22.87
CA GLY A 49 0.17 -10.43 23.47
C GLY A 49 0.05 -11.80 24.02
N SER A 50 -1.05 -12.08 24.75
CA SER A 50 -1.26 -13.39 25.33
C SER A 50 -1.39 -14.39 24.22
N THR A 51 -2.15 -14.02 23.16
CA THR A 51 -2.32 -14.91 22.05
C THR A 51 -2.57 -14.03 20.86
N MET A 52 -1.69 -14.12 19.84
CA MET A 52 -1.88 -13.31 18.66
C MET A 52 -2.79 -14.04 17.73
N THR A 53 -3.80 -13.32 17.19
CA THR A 53 -4.74 -13.92 16.27
C THR A 53 -4.20 -13.66 14.89
N GLU A 54 -4.61 -14.48 13.90
CA GLU A 54 -4.11 -14.30 12.55
C GLU A 54 -4.68 -13.03 11.90
N PRO A 55 -6.01 -12.75 11.93
CA PRO A 55 -6.56 -11.53 11.32
C PRO A 55 -5.91 -10.25 11.75
N VAL A 56 -5.45 -10.17 13.02
CA VAL A 56 -4.82 -8.96 13.50
C VAL A 56 -3.54 -8.75 12.72
N LYS A 57 -2.74 -9.83 12.56
CA LYS A 57 -1.48 -9.73 11.84
C LYS A 57 -1.77 -9.46 10.39
N GLN A 58 -2.85 -10.09 9.87
CA GLN A 58 -3.23 -9.93 8.48
C GLN A 58 -3.57 -8.48 8.23
N SER A 59 -4.30 -7.84 9.17
CA SER A 59 -4.67 -6.45 9.02
C SER A 59 -3.44 -5.60 9.11
N PHE A 60 -2.51 -5.98 10.01
CA PHE A 60 -1.28 -5.23 10.21
C PHE A 60 -0.49 -5.17 8.93
N ILE A 61 -0.31 -6.31 8.23
CA ILE A 61 0.47 -6.30 7.02
C ILE A 61 -0.33 -5.67 5.91
N ARG A 62 -1.68 -5.79 5.97
CA ARG A 62 -2.52 -5.21 4.95
C ARG A 62 -2.37 -3.72 4.98
N LYS A 63 -2.39 -3.13 6.19
CA LYS A 63 -2.24 -1.70 6.34
C LYS A 63 -0.87 -1.29 5.87
N TYR A 64 0.15 -2.10 6.19
CA TYR A 64 1.52 -1.80 5.84
C TYR A 64 1.68 -1.69 4.34
N ILE A 65 1.15 -2.68 3.56
CA ILE A 65 1.33 -2.63 2.12
C ILE A 65 0.45 -1.55 1.53
N ASN A 66 -0.70 -1.24 2.17
CA ASN A 66 -1.57 -0.22 1.62
C ASN A 66 -0.92 1.13 1.79
N GLN A 67 -0.24 1.35 2.95
CA GLN A 67 0.40 2.61 3.20
C GLN A 67 1.54 2.79 2.23
N LYS A 68 2.31 1.70 1.98
CA LYS A 68 3.43 1.78 1.08
C LYS A 68 2.93 2.10 -0.30
N ALA A 69 1.81 1.45 -0.72
CA ALA A 69 1.26 1.69 -2.03
C ALA A 69 0.81 3.14 -2.14
N LEU A 70 0.22 3.68 -1.05
CA LEU A 70 -0.26 5.04 -1.05
C LEU A 70 0.90 5.98 -1.23
N ARG A 71 2.03 5.71 -0.53
CA ARG A 71 3.19 6.58 -0.64
C ARG A 71 3.75 6.49 -2.03
N LYS A 72 3.75 5.27 -2.62
CA LYS A 72 4.29 5.07 -3.95
C LYS A 72 3.51 5.87 -4.96
N ILE A 73 2.15 5.86 -4.89
CA ILE A 73 1.38 6.59 -5.85
C ILE A 73 1.42 8.06 -5.53
N GLN A 74 1.70 8.41 -4.25
CA GLN A 74 1.78 9.81 -3.87
C GLN A 74 2.92 10.44 -4.61
N ALA A 75 4.03 9.70 -4.75
CA ALA A 75 5.20 10.20 -5.45
C ALA A 75 4.83 10.54 -6.87
N LEU A 76 3.98 9.71 -7.52
CA LEU A 76 3.59 9.95 -8.89
C LEU A 76 2.50 11.00 -8.92
N ARG A 77 1.96 11.36 -7.73
CA ARG A 77 0.88 12.32 -7.67
C ARG A 77 1.50 13.69 -7.61
N ASP A 78 2.83 13.73 -7.37
CA ASP A 78 3.57 14.98 -7.27
C ASP A 78 3.45 15.73 -8.57
N VAL A 79 3.47 15.01 -9.72
CA VAL A 79 3.39 15.67 -11.00
C VAL A 79 1.95 16.10 -11.17
N LYS A 80 1.74 17.34 -11.67
CA LYS A 80 0.40 17.85 -11.84
C LYS A 80 -0.27 17.05 -12.92
N ASN A 81 -1.61 16.89 -12.81
CA ASN A 81 -2.33 16.12 -13.79
C ASN A 81 -3.73 16.65 -13.80
N ASN A 82 -4.59 16.06 -14.67
CA ASN A 82 -5.98 16.47 -14.80
C ASN A 82 -6.03 17.92 -15.21
N ASN A 83 -5.08 18.32 -16.10
CA ASN A 83 -5.02 19.68 -16.56
C ASN A 83 -6.20 19.94 -17.46
N ASN A 84 -6.58 18.92 -18.27
CA ASN A 84 -7.69 19.07 -19.18
C ASN A 84 -8.52 17.82 -19.07
N ALA A 85 -9.81 18.00 -18.72
CA ALA A 85 -10.70 16.88 -18.59
C ALA A 85 -12.09 17.41 -18.59
N ASN A 86 -12.68 17.59 -17.39
CA ASN A 86 -14.02 18.11 -17.28
C ASN A 86 -13.91 19.59 -17.12
N ASN A 87 -14.33 20.34 -18.18
CA ASN A 87 -14.25 21.78 -18.14
C ASN A 87 -15.66 22.29 -18.03
N ASN A 88 -15.83 23.42 -17.31
CA ASN A 88 -17.13 23.99 -17.15
C ASN A 88 -17.38 24.89 -18.32
N GLY A 89 -18.32 24.48 -19.20
CA GLY A 89 -18.64 25.27 -20.37
C GLY A 89 -20.11 25.24 -20.57
N SER A 90 -20.64 24.07 -20.99
CA SER A 90 -22.06 23.94 -21.22
C SER A 90 -22.80 24.11 -19.92
N ASN A 91 -22.22 23.58 -18.81
CA ASN A 91 -22.83 23.67 -17.49
C ASN A 91 -24.18 23.00 -17.54
N LEU A 92 -24.24 21.82 -18.19
CA LEU A 92 -25.48 21.10 -18.29
C LEU A 92 -25.62 20.23 -17.03
N ASN A 1 -5.84 -8.08 -22.08
CA ASN A 1 -4.44 -8.57 -22.31
C ASN A 1 -4.00 -9.42 -21.15
N ASN A 2 -4.74 -10.54 -20.91
CA ASN A 2 -4.44 -11.47 -19.84
C ASN A 2 -4.40 -10.74 -18.50
N PRO A 3 -5.55 -10.26 -18.02
CA PRO A 3 -5.58 -9.55 -16.76
C PRO A 3 -5.40 -10.44 -15.57
N LEU A 4 -4.87 -9.89 -14.47
CA LEU A 4 -4.65 -10.67 -13.28
C LEU A 4 -5.92 -10.66 -12.48
N GLN A 5 -6.39 -11.85 -12.05
CA GLN A 5 -7.60 -11.93 -11.30
C GLN A 5 -7.54 -13.21 -10.52
N GLN A 6 -8.33 -13.28 -9.43
CA GLN A 6 -8.33 -14.49 -8.64
C GLN A 6 -9.70 -14.61 -8.04
N GLN A 7 -10.38 -15.75 -8.30
CA GLN A 7 -11.70 -15.96 -7.77
C GLN A 7 -11.54 -16.51 -6.38
N SER A 8 -12.63 -16.38 -5.56
CA SER A 8 -12.64 -16.87 -4.19
C SER A 8 -11.69 -16.03 -3.40
N SER A 9 -12.06 -14.74 -3.22
CA SER A 9 -11.22 -13.84 -2.48
C SER A 9 -12.14 -12.82 -1.86
N GLN A 10 -11.90 -12.50 -0.57
CA GLN A 10 -12.72 -11.53 0.11
C GLN A 10 -12.08 -10.18 -0.05
N ASN A 11 -12.91 -9.14 -0.18
CA ASN A 11 -12.39 -7.80 -0.34
C ASN A 11 -13.49 -6.86 0.02
N THR A 12 -13.16 -5.54 0.08
CA THR A 12 -14.16 -4.53 0.41
C THR A 12 -14.09 -3.45 -0.61
N VAL A 13 -12.87 -3.22 -1.18
CA VAL A 13 -12.69 -2.19 -2.18
C VAL A 13 -11.90 -2.81 -3.32
N PRO A 14 -12.54 -3.62 -4.16
CA PRO A 14 -11.85 -4.26 -5.26
C PRO A 14 -11.43 -3.30 -6.34
N ASN A 15 -12.02 -2.10 -6.35
CA ASN A 15 -11.69 -1.10 -7.34
C ASN A 15 -10.29 -0.62 -7.12
N VAL A 16 -9.79 -0.70 -5.85
CA VAL A 16 -8.45 -0.23 -5.55
C VAL A 16 -7.56 -1.43 -5.38
N LEU A 17 -8.10 -2.52 -4.77
CA LEU A 17 -7.31 -3.71 -4.52
C LEU A 17 -6.86 -4.32 -5.83
N ASN A 18 -7.73 -4.33 -6.85
CA ASN A 18 -7.37 -4.93 -8.12
C ASN A 18 -6.34 -4.08 -8.84
N GLN A 19 -6.13 -2.81 -8.41
CA GLN A 19 -5.18 -1.97 -9.08
C GLN A 19 -3.83 -2.13 -8.43
N ILE A 20 -3.76 -2.92 -7.34
CA ILE A 20 -2.49 -3.12 -6.64
C ILE A 20 -1.55 -3.83 -7.57
N ASN A 21 -2.06 -4.80 -8.35
CA ASN A 21 -1.23 -5.55 -9.26
C ASN A 21 -0.65 -4.64 -10.32
N GLN A 22 -1.29 -3.48 -10.60
CA GLN A 22 -0.77 -2.58 -11.61
C GLN A 22 0.26 -1.68 -10.96
N ILE A 23 0.05 -1.32 -9.67
CA ILE A 23 0.97 -0.43 -8.98
C ILE A 23 2.26 -1.15 -8.72
N PHE A 24 2.18 -2.44 -8.32
CA PHE A 24 3.37 -3.21 -7.99
C PHE A 24 3.33 -4.48 -8.79
N SER A 25 4.53 -4.96 -9.20
CA SER A 25 4.59 -6.18 -9.98
C SER A 25 4.43 -7.33 -8.99
N PRO A 26 4.03 -8.53 -9.46
CA PRO A 26 3.87 -9.68 -8.56
C PRO A 26 5.10 -10.03 -7.77
N GLU A 27 6.29 -9.90 -8.39
CA GLU A 27 7.53 -10.21 -7.70
C GLU A 27 7.71 -9.24 -6.55
N GLU A 28 7.36 -7.96 -6.77
CA GLU A 28 7.51 -6.97 -5.74
C GLU A 28 6.48 -7.22 -4.66
N GLN A 29 5.25 -7.56 -5.08
CA GLN A 29 4.18 -7.82 -4.14
C GLN A 29 4.53 -8.99 -3.24
N ARG A 30 5.07 -10.09 -3.81
CA ARG A 30 5.41 -11.24 -3.01
C ARG A 30 6.51 -10.89 -2.05
N SER A 31 7.50 -10.09 -2.50
CA SER A 31 8.61 -9.73 -1.62
C SER A 31 8.09 -8.88 -0.50
N LEU A 32 7.16 -7.95 -0.83
CA LEU A 32 6.58 -7.07 0.16
C LEU A 32 5.82 -7.88 1.16
N LEU A 33 5.08 -8.91 0.70
CA LEU A 33 4.31 -9.74 1.60
C LEU A 33 5.24 -10.45 2.54
N GLN A 34 6.37 -10.98 2.02
CA GLN A 34 7.33 -11.68 2.87
C GLN A 34 7.91 -10.71 3.86
N GLU A 35 8.17 -9.46 3.42
CA GLU A 35 8.72 -8.46 4.31
C GLU A 35 7.74 -8.19 5.43
N ALA A 36 6.43 -8.11 5.07
CA ALA A 36 5.40 -7.87 6.05
C ALA A 36 5.41 -8.97 7.11
N ILE A 37 5.62 -10.24 6.68
CA ILE A 37 5.66 -11.33 7.64
C ILE A 37 6.84 -11.11 8.56
N GLU A 38 8.00 -10.75 7.96
CA GLU A 38 9.20 -10.50 8.75
C GLU A 38 8.96 -9.40 9.75
N THR A 39 8.25 -8.31 9.37
CA THR A 39 8.00 -7.23 10.30
C THR A 39 7.03 -7.68 11.36
N CYS A 40 6.25 -8.75 11.11
CA CYS A 40 5.30 -9.24 12.09
C CYS A 40 6.09 -9.75 13.28
N LYS A 41 7.24 -10.40 13.02
CA LYS A 41 8.07 -10.93 14.09
C LYS A 41 8.62 -9.79 14.91
N ASN A 42 8.72 -8.59 14.29
CA ASN A 42 9.24 -7.43 14.99
C ASN A 42 8.25 -7.10 16.08
N PHE A 43 6.94 -7.21 15.76
CA PHE A 43 5.89 -6.93 16.70
C PHE A 43 5.91 -8.00 17.77
N GLU A 44 6.22 -9.25 17.36
CA GLU A 44 6.25 -10.36 18.28
C GLU A 44 7.34 -10.12 19.31
N LYS A 45 8.51 -9.62 18.85
CA LYS A 45 9.62 -9.33 19.76
C LYS A 45 9.18 -8.32 20.81
N THR A 46 8.36 -7.32 20.42
CA THR A 46 7.89 -6.33 21.38
C THR A 46 7.04 -7.02 22.43
N GLN A 47 6.20 -7.98 21.96
CA GLN A 47 5.32 -8.75 22.84
C GLN A 47 4.33 -7.80 23.45
N LEU A 48 3.55 -7.11 22.60
CA LEU A 48 2.56 -6.18 23.10
C LEU A 48 1.48 -6.98 23.76
N GLY A 49 1.10 -8.11 23.12
CA GLY A 49 0.06 -8.98 23.64
C GLY A 49 0.65 -10.34 23.82
N SER A 50 0.13 -11.09 24.81
CA SER A 50 0.61 -12.44 25.07
C SER A 50 -0.15 -13.39 24.21
N THR A 51 -1.16 -12.89 23.48
CA THR A 51 -1.95 -13.73 22.62
C THR A 51 -2.40 -12.84 21.50
N MET A 52 -2.64 -13.41 20.31
CA MET A 52 -3.05 -12.60 19.20
C MET A 52 -3.81 -13.46 18.23
N THR A 53 -4.92 -12.92 17.69
CA THR A 53 -5.73 -13.64 16.73
C THR A 53 -5.01 -13.62 15.41
N GLU A 54 -5.50 -14.42 14.43
CA GLU A 54 -4.85 -14.50 13.13
C GLU A 54 -5.33 -13.37 12.19
N PRO A 55 -6.66 -13.12 12.02
CA PRO A 55 -7.12 -12.06 11.10
C PRO A 55 -6.56 -10.69 11.38
N VAL A 56 -6.22 -10.39 12.65
CA VAL A 56 -5.68 -9.08 12.95
C VAL A 56 -4.33 -8.94 12.29
N LYS A 57 -3.59 -10.08 12.12
CA LYS A 57 -2.28 -10.02 11.48
C LYS A 57 -2.51 -9.73 10.02
N GLN A 58 -3.56 -10.35 9.45
CA GLN A 58 -3.89 -10.15 8.05
C GLN A 58 -4.25 -8.71 7.85
N SER A 59 -5.00 -8.11 8.80
CA SER A 59 -5.38 -6.73 8.69
C SER A 59 -4.15 -5.87 8.79
N PHE A 60 -3.21 -6.26 9.67
CA PHE A 60 -1.98 -5.52 9.86
C PHE A 60 -1.19 -5.50 8.57
N ILE A 61 -1.09 -6.66 7.89
CA ILE A 61 -0.32 -6.74 6.66
C ILE A 61 -1.03 -5.92 5.61
N ARG A 62 -2.38 -6.01 5.57
CA ARG A 62 -3.16 -5.29 4.59
C ARG A 62 -2.94 -3.80 4.76
N LYS A 63 -2.99 -3.30 6.01
CA LYS A 63 -2.80 -1.90 6.26
C LYS A 63 -1.39 -1.51 5.88
N TYR A 64 -0.41 -2.39 6.19
CA TYR A 64 0.99 -2.12 5.91
C TYR A 64 1.21 -1.96 4.42
N ILE A 65 0.67 -2.89 3.60
CA ILE A 65 0.89 -2.79 2.16
C ILE A 65 0.04 -1.68 1.57
N ASN A 66 -1.12 -1.38 2.22
CA ASN A 66 -1.98 -0.35 1.70
C ASN A 66 -1.32 0.99 1.89
N GLN A 67 -0.67 1.18 3.06
CA GLN A 67 -0.02 2.45 3.34
C GLN A 67 1.10 2.66 2.37
N LYS A 68 1.87 1.58 2.06
CA LYS A 68 2.98 1.70 1.15
C LYS A 68 2.46 2.08 -0.21
N ALA A 69 1.34 1.45 -0.67
CA ALA A 69 0.79 1.75 -1.97
C ALA A 69 0.33 3.18 -2.00
N LEU A 70 -0.33 3.65 -0.92
CA LEU A 70 -0.83 5.00 -0.89
C LEU A 70 0.31 5.97 -0.95
N ARG A 71 1.42 5.68 -0.23
CA ARG A 71 2.55 6.57 -0.22
C ARG A 71 3.15 6.65 -1.61
N LYS A 72 3.31 5.49 -2.27
CA LYS A 72 3.89 5.46 -3.60
C LYS A 72 3.01 6.22 -4.57
N ILE A 73 1.68 5.97 -4.53
CA ILE A 73 0.77 6.63 -5.45
C ILE A 73 0.77 8.12 -5.20
N GLN A 74 0.72 8.55 -3.92
CA GLN A 74 0.71 9.98 -3.61
C GLN A 74 1.97 10.63 -4.09
N ALA A 75 3.11 9.91 -3.98
CA ALA A 75 4.39 10.45 -4.42
C ALA A 75 4.32 10.73 -5.90
N LEU A 76 3.62 9.87 -6.68
CA LEU A 76 3.53 10.05 -8.11
C LEU A 76 2.51 11.11 -8.42
N ARG A 77 1.71 11.55 -7.42
CA ARG A 77 0.67 12.54 -7.68
C ARG A 77 1.29 13.89 -7.49
N ASP A 78 2.50 13.93 -6.89
CA ASP A 78 3.17 15.18 -6.62
C ASP A 78 3.74 15.73 -7.90
N VAL A 79 3.79 14.92 -8.99
CA VAL A 79 4.34 15.39 -10.24
C VAL A 79 3.19 15.62 -11.17
N LYS A 80 2.73 14.56 -11.88
CA LYS A 80 1.61 14.70 -12.77
C LYS A 80 1.11 13.32 -13.04
N ASN A 81 -0.21 13.13 -12.95
CA ASN A 81 -0.76 11.82 -13.20
C ASN A 81 -2.17 12.01 -13.69
N ASN A 82 -2.35 12.00 -15.03
CA ASN A 82 -3.66 12.17 -15.59
C ASN A 82 -3.67 11.47 -16.91
N ASN A 83 -4.52 10.43 -17.04
CA ASN A 83 -4.60 9.69 -18.28
C ASN A 83 -6.05 9.44 -18.53
N ASN A 84 -6.93 10.37 -18.08
CA ASN A 84 -8.34 10.21 -18.28
C ASN A 84 -8.92 11.57 -18.51
N ALA A 85 -8.12 12.49 -19.10
CA ALA A 85 -8.58 13.83 -19.35
C ALA A 85 -9.69 13.77 -20.37
N ASN A 86 -9.52 12.91 -21.40
CA ASN A 86 -10.50 12.77 -22.45
C ASN A 86 -11.25 11.49 -22.19
N ASN A 87 -12.53 11.61 -21.75
CA ASN A 87 -13.32 10.45 -21.49
C ASN A 87 -14.72 10.78 -21.93
N ASN A 88 -15.14 10.20 -23.07
CA ASN A 88 -16.47 10.45 -23.57
C ASN A 88 -16.82 9.29 -24.46
N GLY A 89 -17.98 8.66 -24.19
CA GLY A 89 -18.41 7.53 -24.99
C GLY A 89 -19.27 8.05 -26.08
N SER A 90 -19.06 7.54 -27.32
CA SER A 90 -19.85 7.98 -28.45
C SER A 90 -21.25 7.43 -28.30
N ASN A 91 -21.39 6.31 -27.57
CA ASN A 91 -22.68 5.70 -27.37
C ASN A 91 -23.18 6.15 -26.04
N LEU A 92 -24.30 6.91 -26.03
CA LEU A 92 -24.85 7.39 -24.79
C LEU A 92 -25.80 6.30 -24.24
N ASN A 1 7.41 28.89 -26.98
CA ASN A 1 6.86 29.69 -25.85
C ASN A 1 5.70 28.98 -25.21
N ASN A 2 4.81 28.41 -26.06
CA ASN A 2 3.63 27.69 -25.59
C ASN A 2 2.78 28.60 -24.72
N PRO A 3 2.16 29.62 -25.31
CA PRO A 3 1.34 30.55 -24.54
C PRO A 3 -0.06 30.04 -24.33
N LEU A 4 -0.18 28.93 -23.57
CA LEU A 4 -1.48 28.36 -23.31
C LEU A 4 -2.16 29.24 -22.30
N GLN A 5 -1.44 29.53 -21.18
CA GLN A 5 -1.96 30.38 -20.12
C GLN A 5 -3.20 29.75 -19.56
N GLN A 6 -3.15 28.41 -19.35
CA GLN A 6 -4.28 27.68 -18.83
C GLN A 6 -3.85 27.12 -17.51
N GLN A 7 -4.83 26.81 -16.63
CA GLN A 7 -4.50 26.29 -15.33
C GLN A 7 -5.70 25.52 -14.85
N SER A 8 -5.53 24.21 -14.64
CA SER A 8 -6.62 23.40 -14.17
C SER A 8 -6.03 22.17 -13.55
N SER A 9 -6.32 21.93 -12.26
CA SER A 9 -5.79 20.77 -11.58
C SER A 9 -6.87 19.72 -11.60
N GLN A 10 -6.53 18.51 -12.10
CA GLN A 10 -7.49 17.45 -12.15
C GLN A 10 -6.71 16.17 -12.12
N ASN A 11 -7.08 15.26 -11.20
CA ASN A 11 -6.40 14.00 -11.11
C ASN A 11 -7.29 13.06 -10.36
N THR A 12 -7.30 11.78 -10.77
CA THR A 12 -8.12 10.78 -10.11
C THR A 12 -7.19 9.69 -9.69
N VAL A 13 -7.21 9.33 -8.38
CA VAL A 13 -6.31 8.31 -7.87
C VAL A 13 -7.06 7.48 -6.84
N PRO A 14 -7.95 6.60 -7.28
CA PRO A 14 -8.71 5.78 -6.35
C PRO A 14 -7.89 4.67 -5.76
N ASN A 15 -8.20 4.29 -4.50
CA ASN A 15 -7.47 3.23 -3.85
C ASN A 15 -8.16 1.93 -4.16
N VAL A 16 -7.99 1.45 -5.42
CA VAL A 16 -8.61 0.21 -5.83
C VAL A 16 -7.63 -0.89 -5.56
N LEU A 17 -8.08 -1.91 -4.79
CA LEU A 17 -7.22 -3.02 -4.43
C LEU A 17 -6.86 -3.79 -5.67
N ASN A 18 -7.80 -3.93 -6.62
CA ASN A 18 -7.55 -4.69 -7.83
C ASN A 18 -6.49 -4.01 -8.66
N GLN A 19 -6.28 -2.68 -8.48
CA GLN A 19 -5.30 -1.98 -9.28
C GLN A 19 -3.95 -2.10 -8.63
N ILE A 20 -3.82 -2.87 -7.52
CA ILE A 20 -2.53 -3.03 -6.89
C ILE A 20 -1.62 -3.80 -7.83
N ASN A 21 -2.24 -4.61 -8.73
CA ASN A 21 -1.50 -5.40 -9.68
C ASN A 21 -0.91 -4.48 -10.73
N GLN A 22 -1.40 -3.22 -10.82
CA GLN A 22 -0.89 -2.29 -11.80
C GLN A 22 0.14 -1.43 -11.12
N ILE A 23 -0.03 -1.19 -9.78
CA ILE A 23 0.90 -0.37 -9.05
C ILE A 23 2.19 -1.13 -8.87
N PHE A 24 2.07 -2.44 -8.52
CA PHE A 24 3.25 -3.25 -8.29
C PHE A 24 3.12 -4.49 -9.11
N SER A 25 4.29 -5.04 -9.54
CA SER A 25 4.28 -6.25 -10.33
C SER A 25 4.13 -7.40 -9.36
N PRO A 26 3.59 -8.55 -9.80
CA PRO A 26 3.40 -9.70 -8.91
C PRO A 26 4.67 -10.18 -8.22
N GLU A 27 5.80 -10.17 -8.95
CA GLU A 27 7.06 -10.60 -8.39
C GLU A 27 7.45 -9.66 -7.27
N GLU A 28 7.17 -8.36 -7.47
CA GLU A 28 7.52 -7.38 -6.48
C GLU A 28 6.62 -7.58 -5.28
N GLN A 29 5.31 -7.83 -5.55
CA GLN A 29 4.34 -8.05 -4.49
C GLN A 29 4.74 -9.24 -3.65
N ARG A 30 5.24 -10.33 -4.28
CA ARG A 30 5.65 -11.50 -3.54
C ARG A 30 6.78 -11.13 -2.61
N SER A 31 7.72 -10.28 -3.09
CA SER A 31 8.84 -9.89 -2.25
C SER A 31 8.32 -9.06 -1.10
N LEU A 32 7.35 -8.16 -1.39
CA LEU A 32 6.78 -7.31 -0.37
C LEU A 32 6.11 -8.14 0.68
N LEU A 33 5.42 -9.23 0.28
CA LEU A 33 4.73 -10.07 1.24
C LEU A 33 5.75 -10.70 2.16
N GLN A 34 6.91 -11.14 1.61
CA GLN A 34 7.94 -11.75 2.44
C GLN A 34 8.46 -10.74 3.43
N GLU A 35 8.62 -9.47 2.98
CA GLU A 35 9.11 -8.43 3.87
C GLU A 35 8.08 -8.20 4.94
N ALA A 36 6.78 -8.24 4.57
CA ALA A 36 5.70 -8.03 5.51
C ALA A 36 5.75 -9.10 6.59
N ILE A 37 6.07 -10.36 6.25
CA ILE A 37 6.13 -11.41 7.25
C ILE A 37 7.24 -11.08 8.22
N GLU A 38 8.41 -10.69 7.67
CA GLU A 38 9.55 -10.33 8.52
C GLU A 38 9.17 -9.17 9.41
N THR A 39 8.43 -8.18 8.87
CA THR A 39 7.99 -7.04 9.66
C THR A 39 7.08 -7.52 10.76
N CYS A 40 6.22 -8.53 10.46
CA CYS A 40 5.31 -9.05 11.45
C CYS A 40 6.11 -9.65 12.58
N LYS A 41 7.20 -10.39 12.25
CA LYS A 41 8.04 -11.00 13.28
C LYS A 41 8.69 -9.90 14.08
N ASN A 42 9.05 -8.79 13.39
CA ASN A 42 9.70 -7.66 14.06
C ASN A 42 8.73 -7.10 15.09
N PHE A 43 7.43 -7.01 14.71
CA PHE A 43 6.42 -6.50 15.61
C PHE A 43 6.20 -7.50 16.72
N GLU A 44 6.32 -8.80 16.39
CA GLU A 44 6.11 -9.86 17.35
C GLU A 44 7.16 -9.76 18.42
N LYS A 45 8.42 -9.49 18.01
CA LYS A 45 9.51 -9.34 18.95
C LYS A 45 9.22 -8.21 19.89
N THR A 46 8.64 -7.10 19.38
CA THR A 46 8.30 -5.97 20.23
C THR A 46 7.24 -6.41 21.20
N GLN A 47 6.25 -7.19 20.68
CA GLN A 47 5.14 -7.73 21.46
C GLN A 47 4.16 -6.63 21.75
N LEU A 48 2.86 -7.02 21.86
CA LEU A 48 1.84 -6.05 22.14
C LEU A 48 0.84 -6.69 23.08
N GLY A 49 1.14 -7.91 23.57
CA GLY A 49 0.23 -8.57 24.47
C GLY A 49 0.80 -9.92 24.75
N SER A 50 0.10 -10.70 25.61
CA SER A 50 0.56 -12.03 25.95
C SER A 50 -0.04 -13.01 24.98
N THR A 51 -1.03 -12.54 24.18
CA THR A 51 -1.68 -13.39 23.21
C THR A 51 -1.87 -12.54 22.00
N MET A 52 -2.09 -13.16 20.82
CA MET A 52 -2.29 -12.38 19.63
C MET A 52 -3.16 -13.20 18.71
N THR A 53 -4.23 -12.56 18.19
CA THR A 53 -5.14 -13.24 17.28
C THR A 53 -4.48 -13.33 15.94
N GLU A 54 -5.05 -14.13 15.02
CA GLU A 54 -4.47 -14.27 13.70
C GLU A 54 -4.90 -13.15 12.75
N PRO A 55 -6.21 -12.81 12.62
CA PRO A 55 -6.64 -11.74 11.70
C PRO A 55 -5.99 -10.40 11.94
N VAL A 56 -5.51 -10.13 13.17
CA VAL A 56 -4.89 -8.85 13.43
C VAL A 56 -3.59 -8.78 12.64
N LYS A 57 -2.93 -9.93 12.41
CA LYS A 57 -1.69 -9.95 11.65
C LYS A 57 -2.02 -9.66 10.21
N GLN A 58 -3.15 -10.24 9.73
CA GLN A 58 -3.57 -10.05 8.36
C GLN A 58 -3.90 -8.59 8.15
N SER A 59 -4.58 -7.98 9.14
CA SER A 59 -4.95 -6.59 9.05
C SER A 59 -3.71 -5.75 9.06
N PHE A 60 -2.72 -6.15 9.89
CA PHE A 60 -1.47 -5.43 10.01
C PHE A 60 -0.77 -5.40 8.68
N ILE A 61 -0.67 -6.57 8.00
CA ILE A 61 0.03 -6.63 6.73
C ILE A 61 -0.73 -5.86 5.69
N ARG A 62 -2.08 -6.01 5.70
CA ARG A 62 -2.93 -5.34 4.73
C ARG A 62 -2.77 -3.85 4.86
N LYS A 63 -2.79 -3.32 6.10
CA LYS A 63 -2.66 -1.91 6.31
C LYS A 63 -1.27 -1.47 5.90
N TYR A 64 -0.26 -2.29 6.26
CA TYR A 64 1.13 -1.96 5.96
C TYR A 64 1.36 -1.83 4.48
N ILE A 65 0.90 -2.81 3.68
CA ILE A 65 1.13 -2.75 2.24
C ILE A 65 0.26 -1.67 1.63
N ASN A 66 -0.94 -1.41 2.20
CA ASN A 66 -1.80 -0.40 1.63
C ASN A 66 -1.18 0.97 1.81
N GLN A 67 -0.55 1.22 2.98
CA GLN A 67 0.06 2.50 3.22
C GLN A 67 1.21 2.70 2.27
N LYS A 68 1.99 1.62 2.02
CA LYS A 68 3.13 1.71 1.13
C LYS A 68 2.64 2.03 -0.26
N ALA A 69 1.53 1.39 -0.69
CA ALA A 69 1.00 1.64 -2.02
C ALA A 69 0.54 3.07 -2.13
N LEU A 70 -0.11 3.59 -1.07
CA LEU A 70 -0.59 4.96 -1.11
C LEU A 70 0.56 5.92 -1.21
N ARG A 71 1.66 5.64 -0.49
CA ARG A 71 2.81 6.53 -0.53
C ARG A 71 3.40 6.51 -1.91
N LYS A 72 3.47 5.31 -2.54
CA LYS A 72 4.04 5.20 -3.86
C LYS A 72 3.18 5.95 -4.84
N ILE A 73 1.84 5.82 -4.74
CA ILE A 73 0.95 6.50 -5.66
C ILE A 73 1.11 7.99 -5.52
N GLN A 74 1.17 8.50 -4.28
CA GLN A 74 1.32 9.93 -4.05
C GLN A 74 2.65 10.39 -4.60
N ALA A 75 3.70 9.55 -4.44
CA ALA A 75 5.02 9.90 -4.92
C ALA A 75 4.98 10.05 -6.43
N LEU A 76 4.18 9.21 -7.10
CA LEU A 76 4.09 9.23 -8.54
C LEU A 76 3.33 10.46 -9.00
N ARG A 77 2.67 11.20 -8.09
CA ARG A 77 1.90 12.36 -8.50
C ARG A 77 2.84 13.53 -8.56
N ASP A 78 4.06 13.36 -8.00
CA ASP A 78 5.02 14.43 -7.96
C ASP A 78 5.67 14.58 -9.31
N VAL A 79 5.44 13.62 -10.25
CA VAL A 79 6.05 13.70 -11.56
C VAL A 79 4.98 13.39 -12.55
N LYS A 80 5.18 13.81 -13.83
CA LYS A 80 4.20 13.55 -14.85
C LYS A 80 4.97 13.37 -16.11
N ASN A 81 4.60 12.36 -16.93
CA ASN A 81 5.30 12.13 -18.16
C ASN A 81 4.41 11.28 -19.01
N ASN A 82 4.15 11.74 -20.27
CA ASN A 82 3.30 10.98 -21.16
C ASN A 82 3.99 9.69 -21.48
N ASN A 83 5.33 9.76 -21.69
CA ASN A 83 6.14 8.59 -22.00
C ASN A 83 5.61 7.93 -23.24
N ASN A 84 5.18 8.74 -24.24
CA ASN A 84 4.65 8.19 -25.45
C ASN A 84 4.98 9.13 -26.57
N ALA A 85 5.28 8.56 -27.75
CA ALA A 85 5.59 9.36 -28.91
C ALA A 85 4.30 9.95 -29.40
N ASN A 86 4.38 11.10 -30.12
CA ASN A 86 3.20 11.74 -30.63
C ASN A 86 2.54 10.82 -31.63
N ASN A 87 3.37 10.14 -32.46
CA ASN A 87 2.84 9.22 -33.44
C ASN A 87 2.99 7.84 -32.87
N ASN A 88 1.92 7.32 -32.26
CA ASN A 88 1.98 6.00 -31.69
C ASN A 88 0.59 5.42 -31.75
N GLY A 89 0.38 4.45 -32.67
CA GLY A 89 -0.92 3.83 -32.79
C GLY A 89 -1.86 4.82 -33.41
N SER A 90 -1.32 5.70 -34.30
CA SER A 90 -2.13 6.71 -34.94
C SER A 90 -2.04 6.46 -36.41
N ASN A 91 -3.13 6.81 -37.15
CA ASN A 91 -3.19 6.61 -38.59
C ASN A 91 -3.01 5.15 -38.89
N LEU A 92 -3.59 4.28 -38.04
CA LEU A 92 -3.47 2.85 -38.25
C LEU A 92 -4.61 2.43 -39.18
N ASN A 1 17.79 5.45 15.57
CA ASN A 1 16.41 5.92 15.86
C ASN A 1 16.06 7.10 14.99
N ASN A 2 15.74 6.83 13.70
CA ASN A 2 15.40 7.89 12.79
C ASN A 2 13.95 8.25 13.07
N PRO A 3 13.54 9.49 12.81
CA PRO A 3 12.17 9.89 13.05
C PRO A 3 11.20 9.32 12.05
N LEU A 4 9.93 9.13 12.47
CA LEU A 4 8.92 8.59 11.60
C LEU A 4 7.92 9.69 11.37
N GLN A 5 7.75 10.09 10.09
CA GLN A 5 6.81 11.14 9.79
C GLN A 5 6.41 10.95 8.36
N GLN A 6 5.26 11.54 7.98
CA GLN A 6 4.79 11.43 6.62
C GLN A 6 4.02 12.67 6.32
N GLN A 7 3.80 12.95 5.02
CA GLN A 7 3.06 14.13 4.65
C GLN A 7 2.39 13.83 3.35
N SER A 8 1.07 14.13 3.27
CA SER A 8 0.32 13.89 2.05
C SER A 8 -0.43 15.14 1.75
N SER A 9 -0.49 15.49 0.44
CA SER A 9 -1.20 16.68 0.02
C SER A 9 -2.67 16.43 0.24
N GLN A 10 -3.12 15.20 -0.07
CA GLN A 10 -4.52 14.87 0.09
C GLN A 10 -4.57 13.42 0.44
N ASN A 11 -5.39 13.07 1.46
CA ASN A 11 -5.53 11.69 1.87
C ASN A 11 -6.63 11.09 1.04
N THR A 12 -6.25 10.16 0.13
CA THR A 12 -7.22 9.51 -0.73
C THR A 12 -6.97 8.04 -0.66
N VAL A 13 -8.00 7.24 -1.03
CA VAL A 13 -7.89 5.80 -1.01
C VAL A 13 -8.48 5.31 -2.31
N PRO A 14 -8.04 4.16 -2.84
CA PRO A 14 -8.59 3.64 -4.08
C PRO A 14 -9.96 3.08 -3.90
N ASN A 15 -10.78 3.12 -4.98
CA ASN A 15 -12.14 2.60 -4.90
C ASN A 15 -12.08 1.12 -4.67
N VAL A 16 -11.15 0.42 -5.37
CA VAL A 16 -11.01 -1.01 -5.21
C VAL A 16 -9.58 -1.32 -4.90
N LEU A 17 -9.37 -2.47 -4.21
CA LEU A 17 -8.04 -2.88 -3.84
C LEU A 17 -7.46 -3.69 -4.97
N ASN A 18 -8.26 -3.91 -6.03
CA ASN A 18 -7.81 -4.71 -7.16
C ASN A 18 -6.80 -3.93 -7.98
N GLN A 19 -6.60 -2.63 -7.70
CA GLN A 19 -5.66 -1.85 -8.49
C GLN A 19 -4.28 -2.10 -7.93
N ILE A 20 -4.17 -2.86 -6.81
CA ILE A 20 -2.89 -3.13 -6.21
C ILE A 20 -2.10 -4.02 -7.14
N ASN A 21 -2.81 -4.78 -8.01
CA ASN A 21 -2.14 -5.68 -8.92
C ASN A 21 -1.55 -4.89 -10.06
N GLN A 22 -1.94 -3.59 -10.18
CA GLN A 22 -1.43 -2.76 -11.25
C GLN A 22 -0.32 -1.92 -10.69
N ILE A 23 -0.43 -1.51 -9.41
CA ILE A 23 0.57 -0.68 -8.79
C ILE A 23 1.83 -1.47 -8.64
N PHE A 24 1.70 -2.77 -8.23
CA PHE A 24 2.87 -3.61 -8.00
C PHE A 24 2.72 -4.86 -8.80
N SER A 25 3.86 -5.41 -9.24
CA SER A 25 3.86 -6.65 -9.99
C SER A 25 3.74 -7.75 -8.95
N PRO A 26 3.23 -8.93 -9.30
CA PRO A 26 3.09 -9.99 -8.31
C PRO A 26 4.38 -10.47 -7.72
N GLU A 27 5.48 -10.45 -8.52
CA GLU A 27 6.76 -10.88 -8.03
C GLU A 27 7.23 -9.91 -6.97
N GLU A 28 6.96 -8.60 -7.19
CA GLU A 28 7.38 -7.59 -6.26
C GLU A 28 6.52 -7.71 -5.03
N GLN A 29 5.19 -7.91 -5.24
CA GLN A 29 4.24 -8.04 -4.16
C GLN A 29 4.62 -9.20 -3.28
N ARG A 30 5.09 -10.32 -3.87
CA ARG A 30 5.47 -11.48 -3.09
C ARG A 30 6.61 -11.10 -2.16
N SER A 31 7.60 -10.34 -2.68
CA SER A 31 8.73 -9.92 -1.87
C SER A 31 8.24 -9.02 -0.77
N LEU A 32 7.32 -8.09 -1.12
CA LEU A 32 6.79 -7.15 -0.14
C LEU A 32 6.07 -7.89 0.96
N LEU A 33 5.34 -8.97 0.61
CA LEU A 33 4.62 -9.72 1.62
C LEU A 33 5.61 -10.36 2.57
N GLN A 34 6.74 -10.87 2.03
CA GLN A 34 7.74 -11.48 2.88
C GLN A 34 8.31 -10.44 3.82
N GLU A 35 8.53 -9.21 3.31
CA GLU A 35 9.06 -8.15 4.14
C GLU A 35 8.07 -7.82 5.21
N ALA A 36 6.76 -7.82 4.85
CA ALA A 36 5.71 -7.53 5.79
C ALA A 36 5.73 -8.53 6.94
N ILE A 37 5.99 -9.82 6.63
CA ILE A 37 6.05 -10.83 7.68
C ILE A 37 7.19 -10.49 8.61
N GLU A 38 8.36 -10.14 8.02
CA GLU A 38 9.52 -9.77 8.81
C GLU A 38 9.18 -8.58 9.68
N THR A 39 8.44 -7.60 9.12
CA THR A 39 8.05 -6.42 9.89
C THR A 39 7.16 -6.84 11.03
N CYS A 40 6.27 -7.83 10.79
CA CYS A 40 5.38 -8.30 11.85
C CYS A 40 6.20 -8.89 12.96
N LYS A 41 7.27 -9.65 12.60
CA LYS A 41 8.14 -10.25 13.59
C LYS A 41 8.83 -9.15 14.36
N ASN A 42 9.18 -8.05 13.63
CA ASN A 42 9.86 -6.93 14.25
C ASN A 42 8.96 -6.33 15.31
N PHE A 43 7.65 -6.21 15.01
CA PHE A 43 6.70 -5.66 15.95
C PHE A 43 6.53 -6.64 17.09
N GLU A 44 6.53 -7.95 16.77
CA GLU A 44 6.30 -8.99 17.75
C GLU A 44 7.42 -8.96 18.77
N LYS A 45 8.68 -8.86 18.29
CA LYS A 45 9.82 -8.82 19.19
C LYS A 45 9.74 -7.62 20.09
N THR A 46 9.31 -6.45 19.55
CA THR A 46 9.23 -5.27 20.38
C THR A 46 8.16 -5.45 21.41
N GLN A 47 6.98 -5.95 21.00
CA GLN A 47 5.90 -6.17 21.93
C GLN A 47 5.08 -7.32 21.45
N LEU A 48 4.81 -8.30 22.35
CA LEU A 48 4.03 -9.46 21.97
C LEU A 48 2.59 -9.17 22.31
N GLY A 49 1.76 -10.22 22.35
CA GLY A 49 0.37 -10.02 22.67
C GLY A 49 -0.14 -11.31 23.23
N SER A 50 -1.26 -11.23 23.99
CA SER A 50 -1.83 -12.42 24.58
C SER A 50 -2.85 -12.93 23.60
N THR A 51 -2.69 -14.21 23.18
CA THR A 51 -3.59 -14.85 22.23
C THR A 51 -3.64 -14.02 20.97
N MET A 52 -2.47 -13.85 20.31
CA MET A 52 -2.43 -13.08 19.10
C MET A 52 -3.18 -13.84 18.04
N THR A 53 -4.17 -13.18 17.41
CA THR A 53 -4.97 -13.81 16.39
C THR A 53 -4.31 -13.54 15.08
N GLU A 54 -4.50 -14.45 14.09
CA GLU A 54 -3.90 -14.27 12.78
C GLU A 54 -4.46 -13.05 12.04
N PRO A 55 -5.80 -12.82 11.97
CA PRO A 55 -6.34 -11.64 11.28
C PRO A 55 -5.75 -10.32 11.71
N VAL A 56 -5.28 -10.21 12.97
CA VAL A 56 -4.69 -8.97 13.44
C VAL A 56 -3.44 -8.71 12.62
N LYS A 57 -2.60 -9.74 12.43
CA LYS A 57 -1.38 -9.59 11.66
C LYS A 57 -1.75 -9.35 10.22
N GLN A 58 -2.81 -10.03 9.75
CA GLN A 58 -3.24 -9.91 8.37
C GLN A 58 -3.65 -8.48 8.10
N SER A 59 -4.40 -7.84 9.02
CA SER A 59 -4.82 -6.48 8.81
C SER A 59 -3.63 -5.57 8.84
N PHE A 60 -2.62 -5.91 9.68
CA PHE A 60 -1.43 -5.10 9.79
C PHE A 60 -0.70 -5.11 8.46
N ILE A 61 -0.61 -6.30 7.83
CA ILE A 61 0.09 -6.43 6.57
C ILE A 61 -0.66 -5.65 5.51
N ARG A 62 -2.01 -5.77 5.52
CA ARG A 62 -2.82 -5.08 4.52
C ARG A 62 -2.65 -3.59 4.67
N LYS A 63 -2.64 -3.07 5.92
CA LYS A 63 -2.49 -1.65 6.12
C LYS A 63 -1.11 -1.22 5.67
N TYR A 64 -0.09 -2.06 5.96
CA TYR A 64 1.27 -1.75 5.60
C TYR A 64 1.38 -1.64 4.09
N ILE A 65 0.85 -2.65 3.35
CA ILE A 65 0.92 -2.65 1.91
C ILE A 65 0.15 -1.48 1.35
N ASN A 66 -1.08 -1.22 1.85
CA ASN A 66 -1.89 -0.13 1.33
C ASN A 66 -1.22 1.19 1.58
N GLN A 67 -0.58 1.37 2.77
CA GLN A 67 0.06 2.64 3.07
C GLN A 67 1.21 2.86 2.12
N LYS A 68 2.00 1.79 1.87
CA LYS A 68 3.12 1.90 0.97
C LYS A 68 2.62 2.21 -0.42
N ALA A 69 1.51 1.57 -0.84
CA ALA A 69 0.97 1.77 -2.17
C ALA A 69 0.55 3.21 -2.34
N LEU A 70 -0.09 3.79 -1.30
CA LEU A 70 -0.55 5.16 -1.39
C LEU A 70 0.63 6.09 -1.53
N ARG A 71 1.73 5.82 -0.80
CA ARG A 71 2.89 6.68 -0.88
C ARG A 71 3.52 6.55 -2.25
N LYS A 72 3.58 5.30 -2.76
CA LYS A 72 4.20 5.04 -4.04
C LYS A 72 3.48 5.76 -5.15
N ILE A 73 2.11 5.73 -5.18
CA ILE A 73 1.41 6.38 -6.27
C ILE A 73 1.56 7.88 -6.18
N GLN A 74 1.76 8.44 -4.97
CA GLN A 74 1.94 9.87 -4.84
C GLN A 74 3.25 10.26 -5.48
N ALA A 75 4.27 9.39 -5.34
CA ALA A 75 5.57 9.68 -5.91
C ALA A 75 5.50 9.53 -7.41
N LEU A 76 4.51 8.77 -7.91
CA LEU A 76 4.40 8.56 -9.34
C LEU A 76 3.76 9.77 -9.98
N ARG A 77 3.18 10.68 -9.17
CA ARG A 77 2.53 11.85 -9.73
C ARG A 77 3.57 12.91 -9.89
N ASP A 78 4.75 12.69 -9.28
CA ASP A 78 5.82 13.66 -9.34
C ASP A 78 6.62 13.44 -10.60
N VAL A 79 6.38 12.31 -11.33
CA VAL A 79 7.15 12.03 -12.53
C VAL A 79 6.20 11.81 -13.67
N LYS A 80 4.87 11.83 -13.41
CA LYS A 80 3.89 11.63 -14.45
C LYS A 80 2.76 12.57 -14.17
N ASN A 81 2.19 13.15 -15.25
CA ASN A 81 1.10 14.08 -15.08
C ASN A 81 0.16 13.89 -16.24
N ASN A 82 -0.13 12.62 -16.59
CA ASN A 82 -1.02 12.35 -17.68
C ASN A 82 -1.60 10.99 -17.45
N ASN A 83 -2.80 10.94 -16.83
CA ASN A 83 -3.45 9.68 -16.55
C ASN A 83 -4.61 9.57 -17.49
N ASN A 84 -4.53 8.65 -18.46
CA ASN A 84 -5.60 8.46 -19.40
C ASN A 84 -5.35 7.17 -20.11
N ALA A 85 -6.41 6.61 -20.74
CA ALA A 85 -6.30 5.37 -21.47
C ALA A 85 -5.94 4.27 -20.52
N ASN A 86 -6.50 4.31 -19.29
CA ASN A 86 -6.20 3.30 -18.30
C ASN A 86 -7.22 2.21 -18.48
N ASN A 87 -6.84 1.13 -19.20
CA ASN A 87 -7.73 0.03 -19.44
C ASN A 87 -7.30 -1.09 -18.55
N ASN A 88 -8.23 -1.59 -17.70
CA ASN A 88 -7.89 -2.67 -16.81
C ASN A 88 -9.19 -3.24 -16.34
N GLY A 89 -9.12 -4.46 -15.76
CA GLY A 89 -10.32 -5.10 -15.26
C GLY A 89 -9.89 -6.28 -14.45
N SER A 90 -10.83 -6.85 -13.66
CA SER A 90 -10.52 -7.99 -12.85
C SER A 90 -11.71 -8.89 -12.88
N ASN A 91 -11.47 -10.22 -12.74
CA ASN A 91 -12.54 -11.17 -12.74
C ASN A 91 -13.05 -11.27 -11.33
N LEU A 92 -14.34 -10.92 -11.13
CA LEU A 92 -14.96 -10.97 -9.81
C LEU A 92 -14.18 -10.04 -8.87
N ASN A 1 -24.75 -27.96 12.03
CA ASN A 1 -24.16 -29.32 12.13
C ASN A 1 -23.53 -29.71 10.82
N ASN A 2 -22.42 -29.03 10.46
CA ASN A 2 -21.71 -29.29 9.22
C ASN A 2 -22.65 -29.16 8.03
N PRO A 3 -23.12 -27.95 7.73
CA PRO A 3 -24.03 -27.75 6.62
C PRO A 3 -23.37 -27.87 5.28
N LEU A 4 -24.14 -28.30 4.27
CA LEU A 4 -23.62 -28.46 2.94
C LEU A 4 -24.00 -27.24 2.17
N GLN A 5 -22.99 -26.46 1.71
CA GLN A 5 -23.24 -25.25 0.97
C GLN A 5 -22.22 -25.19 -0.12
N GLN A 6 -22.64 -24.76 -1.32
CA GLN A 6 -21.73 -24.63 -2.43
C GLN A 6 -22.18 -23.42 -3.18
N GLN A 7 -21.33 -22.36 -3.20
CA GLN A 7 -21.68 -21.15 -3.90
C GLN A 7 -20.44 -20.66 -4.57
N SER A 8 -20.60 -19.86 -5.63
CA SER A 8 -19.46 -19.34 -6.34
C SER A 8 -19.87 -18.01 -6.89
N SER A 9 -18.95 -17.02 -6.87
CA SER A 9 -19.26 -15.70 -7.37
C SER A 9 -18.08 -15.24 -8.17
N GLN A 10 -18.34 -14.43 -9.21
CA GLN A 10 -17.28 -13.93 -10.04
C GLN A 10 -16.66 -12.76 -9.31
N ASN A 11 -15.31 -12.76 -9.22
CA ASN A 11 -14.64 -11.68 -8.54
C ASN A 11 -14.73 -10.46 -9.41
N THR A 12 -14.96 -9.29 -8.75
CA THR A 12 -15.09 -8.04 -9.47
C THR A 12 -14.21 -7.05 -8.76
N VAL A 13 -13.93 -5.90 -9.43
CA VAL A 13 -13.10 -4.89 -8.83
C VAL A 13 -14.01 -4.05 -7.95
N PRO A 14 -13.83 -4.05 -6.62
CA PRO A 14 -14.69 -3.26 -5.76
C PRO A 14 -14.44 -1.78 -5.86
N ASN A 15 -13.18 -1.39 -6.12
CA ASN A 15 -12.87 0.02 -6.22
C ASN A 15 -11.46 0.14 -6.73
N VAL A 16 -10.48 -0.30 -5.91
CA VAL A 16 -9.09 -0.18 -6.31
C VAL A 16 -8.31 -1.32 -5.69
N LEU A 17 -9.00 -2.28 -5.02
CA LEU A 17 -8.31 -3.37 -4.37
C LEU A 17 -7.63 -4.24 -5.40
N ASN A 18 -8.32 -4.58 -6.51
CA ASN A 18 -7.73 -5.44 -7.52
C ASN A 18 -6.75 -4.66 -8.37
N GLN A 19 -6.68 -3.32 -8.20
CA GLN A 19 -5.77 -2.54 -9.00
C GLN A 19 -4.43 -2.52 -8.31
N ILE A 20 -4.32 -3.23 -7.15
CA ILE A 20 -3.08 -3.28 -6.43
C ILE A 20 -2.10 -4.11 -7.23
N ASN A 21 -2.63 -4.99 -8.11
CA ASN A 21 -1.80 -5.85 -8.93
C ASN A 21 -1.29 -5.05 -10.10
N GLN A 22 -1.79 -3.79 -10.26
CA GLN A 22 -1.35 -2.95 -11.36
C GLN A 22 -0.37 -1.96 -10.80
N ILE A 23 -0.59 -1.54 -9.53
CA ILE A 23 0.29 -0.59 -8.89
C ILE A 23 1.64 -1.23 -8.71
N PHE A 24 1.65 -2.53 -8.32
CA PHE A 24 2.88 -3.24 -8.08
C PHE A 24 2.90 -4.45 -8.96
N SER A 25 4.11 -4.82 -9.45
CA SER A 25 4.24 -5.97 -10.29
C SER A 25 4.25 -7.18 -9.36
N PRO A 26 3.95 -8.39 -9.87
CA PRO A 26 3.95 -9.59 -9.02
C PRO A 26 5.24 -9.84 -8.29
N GLU A 27 6.39 -9.56 -8.96
CA GLU A 27 7.68 -9.76 -8.35
C GLU A 27 7.82 -8.82 -7.18
N GLU A 28 7.33 -7.57 -7.33
CA GLU A 28 7.43 -6.59 -6.27
C GLU A 28 6.52 -7.01 -5.15
N GLN A 29 5.30 -7.46 -5.50
CA GLN A 29 4.33 -7.89 -4.50
C GLN A 29 4.89 -9.04 -3.70
N ARG A 30 5.57 -9.99 -4.37
CA ARG A 30 6.14 -11.12 -3.68
C ARG A 30 7.16 -10.64 -2.68
N SER A 31 8.02 -9.67 -3.09
CA SER A 31 9.04 -9.16 -2.21
C SER A 31 8.40 -8.46 -1.04
N LEU A 32 7.32 -7.68 -1.31
CA LEU A 32 6.63 -6.95 -0.26
C LEU A 32 6.03 -7.92 0.71
N LEU A 33 5.49 -9.06 0.21
CA LEU A 33 4.88 -10.04 1.09
C LEU A 33 5.94 -10.61 2.01
N GLN A 34 7.14 -10.93 1.46
CA GLN A 34 8.20 -11.49 2.27
C GLN A 34 8.64 -10.48 3.30
N GLU A 35 8.73 -9.18 2.90
CA GLU A 35 9.15 -8.16 3.81
C GLU A 35 8.12 -8.02 4.91
N ALA A 36 6.82 -8.10 4.53
CA ALA A 36 5.75 -8.00 5.50
C ALA A 36 5.86 -9.10 6.52
N ILE A 37 6.23 -10.33 6.10
CA ILE A 37 6.36 -11.44 7.05
C ILE A 37 7.46 -11.11 8.01
N GLU A 38 8.62 -10.64 7.48
CA GLU A 38 9.75 -10.28 8.32
C GLU A 38 9.33 -9.20 9.28
N THR A 39 8.57 -8.19 8.80
CA THR A 39 8.11 -7.11 9.65
C THR A 39 7.22 -7.67 10.73
N CYS A 40 6.37 -8.68 10.39
CA CYS A 40 5.48 -9.28 11.36
C CYS A 40 6.30 -9.89 12.47
N LYS A 41 7.41 -10.58 12.12
CA LYS A 41 8.26 -11.20 13.12
C LYS A 41 8.88 -10.11 13.95
N ASN A 42 9.21 -8.98 13.30
CA ASN A 42 9.81 -7.85 13.99
C ASN A 42 8.83 -7.35 15.02
N PHE A 43 7.53 -7.31 14.67
CA PHE A 43 6.51 -6.85 15.59
C PHE A 43 6.33 -7.89 16.66
N GLU A 44 6.55 -9.18 16.31
CA GLU A 44 6.39 -10.26 17.26
C GLU A 44 7.45 -10.11 18.33
N LYS A 45 8.67 -9.74 17.90
CA LYS A 45 9.76 -9.53 18.84
C LYS A 45 9.38 -8.46 19.83
N THR A 46 8.69 -7.39 19.37
CA THR A 46 8.27 -6.35 20.28
C THR A 46 7.24 -6.96 21.20
N GLN A 47 6.32 -7.77 20.61
CA GLN A 47 5.29 -8.46 21.37
C GLN A 47 4.41 -7.44 22.05
N LEU A 48 3.64 -6.67 21.26
CA LEU A 48 2.77 -5.67 21.82
C LEU A 48 1.43 -6.31 22.04
N GLY A 49 1.36 -7.27 23.01
CA GLY A 49 0.11 -7.92 23.30
C GLY A 49 0.43 -9.29 23.81
N SER A 50 -0.35 -9.77 24.80
CA SER A 50 -0.14 -11.09 25.37
C SER A 50 -0.39 -12.12 24.31
N THR A 51 -1.45 -11.91 23.49
CA THR A 51 -1.76 -12.86 22.44
C THR A 51 -2.48 -12.09 21.39
N MET A 52 -2.47 -12.60 20.13
CA MET A 52 -3.14 -11.91 19.06
C MET A 52 -3.86 -12.91 18.22
N THR A 53 -5.07 -12.53 17.75
CA THR A 53 -5.85 -13.39 16.90
C THR A 53 -5.19 -13.35 15.54
N GLU A 54 -5.59 -14.25 14.61
CA GLU A 54 -4.99 -14.28 13.30
C GLU A 54 -5.33 -13.03 12.49
N PRO A 55 -6.61 -12.58 12.36
CA PRO A 55 -6.91 -11.39 11.56
C PRO A 55 -6.24 -10.13 12.03
N VAL A 56 -5.75 -10.09 13.29
CA VAL A 56 -5.06 -8.92 13.77
C VAL A 56 -3.79 -8.75 12.95
N LYS A 57 -3.05 -9.86 12.75
CA LYS A 57 -1.82 -9.80 11.99
C LYS A 57 -2.15 -9.52 10.55
N GLN A 58 -3.26 -10.11 10.05
CA GLN A 58 -3.65 -9.92 8.67
C GLN A 58 -3.95 -8.45 8.44
N SER A 59 -4.65 -7.81 9.40
CA SER A 59 -5.00 -6.41 9.28
C SER A 59 -3.74 -5.59 9.33
N PHE A 60 -2.79 -6.01 10.20
CA PHE A 60 -1.54 -5.29 10.34
C PHE A 60 -0.79 -5.30 9.03
N ILE A 61 -0.69 -6.48 8.37
CA ILE A 61 0.05 -6.57 7.13
C ILE A 61 -0.69 -5.81 6.06
N ARG A 62 -2.04 -5.92 6.04
CA ARG A 62 -2.85 -5.26 5.04
C ARG A 62 -2.66 -3.77 5.14
N LYS A 63 -2.70 -3.22 6.37
CA LYS A 63 -2.53 -1.80 6.57
C LYS A 63 -1.13 -1.41 6.15
N TYR A 64 -0.14 -2.27 6.49
CA TYR A 64 1.25 -1.98 6.18
C TYR A 64 1.44 -1.84 4.68
N ILE A 65 0.91 -2.78 3.87
CA ILE A 65 1.10 -2.69 2.44
C ILE A 65 0.20 -1.62 1.88
N ASN A 66 -0.93 -1.33 2.56
CA ASN A 66 -1.83 -0.31 2.08
C ASN A 66 -1.15 1.02 2.16
N GLN A 67 -0.41 1.26 3.27
CA GLN A 67 0.28 2.51 3.44
C GLN A 67 1.35 2.65 2.38
N LYS A 68 2.06 1.55 2.08
CA LYS A 68 3.11 1.60 1.08
C LYS A 68 2.51 1.94 -0.26
N ALA A 69 1.33 1.35 -0.60
CA ALA A 69 0.70 1.64 -1.86
C ALA A 69 0.31 3.09 -1.90
N LEU A 70 -0.21 3.62 -0.77
CA LEU A 70 -0.64 4.99 -0.71
C LEU A 70 0.55 5.91 -0.93
N ARG A 71 1.70 5.59 -0.32
CA ARG A 71 2.87 6.42 -0.46
C ARG A 71 3.36 6.35 -1.89
N LYS A 72 3.33 5.15 -2.50
CA LYS A 72 3.81 4.99 -3.87
C LYS A 72 2.94 5.78 -4.81
N ILE A 73 1.60 5.68 -4.65
CA ILE A 73 0.69 6.39 -5.52
C ILE A 73 0.86 7.88 -5.32
N GLN A 74 0.99 8.32 -4.04
CA GLN A 74 1.14 9.74 -3.75
C GLN A 74 2.41 10.25 -4.38
N ALA A 75 3.49 9.45 -4.35
CA ALA A 75 4.75 9.86 -4.92
C ALA A 75 4.58 10.10 -6.40
N LEU A 76 3.74 9.27 -7.07
CA LEU A 76 3.54 9.41 -8.49
C LEU A 76 2.68 10.62 -8.78
N ARG A 77 2.05 11.22 -7.75
CA ARG A 77 1.18 12.37 -7.98
C ARG A 77 2.03 13.61 -7.92
N ASP A 78 3.31 13.46 -7.46
CA ASP A 78 4.20 14.59 -7.32
C ASP A 78 4.43 15.24 -8.65
N VAL A 79 4.55 14.45 -9.75
CA VAL A 79 4.77 15.05 -11.03
C VAL A 79 4.12 14.16 -12.05
N LYS A 80 3.44 14.78 -13.04
CA LYS A 80 2.77 14.02 -14.06
C LYS A 80 2.62 14.94 -15.23
N ASN A 81 2.90 14.43 -16.46
CA ASN A 81 2.80 15.24 -17.64
C ASN A 81 1.41 15.04 -18.17
N ASN A 82 0.50 15.98 -17.85
CA ASN A 82 -0.86 15.87 -18.33
C ASN A 82 -1.39 17.27 -18.48
N ASN A 83 -1.69 17.67 -19.73
CA ASN A 83 -2.21 18.99 -19.97
C ASN A 83 -3.17 18.88 -21.11
N ASN A 84 -4.48 18.93 -20.81
CA ASN A 84 -5.47 18.82 -21.84
C ASN A 84 -6.77 19.29 -21.25
N ALA A 85 -7.74 19.64 -22.11
CA ALA A 85 -9.01 20.09 -21.64
C ALA A 85 -10.04 19.69 -22.65
N ASN A 86 -11.29 19.50 -22.18
CA ASN A 86 -12.36 19.09 -23.08
C ASN A 86 -13.12 20.33 -23.46
N ASN A 87 -12.63 21.51 -23.07
CA ASN A 87 -13.29 22.74 -23.39
C ASN A 87 -12.22 23.77 -23.63
N ASN A 88 -12.05 24.17 -24.92
CA ASN A 88 -11.06 25.15 -25.27
C ASN A 88 -11.77 26.46 -25.42
N GLY A 89 -13.12 26.42 -25.37
CA GLY A 89 -13.91 27.63 -25.50
C GLY A 89 -14.32 27.73 -26.94
N SER A 90 -15.52 28.32 -27.18
CA SER A 90 -16.04 28.51 -28.51
C SER A 90 -16.18 27.17 -29.19
N ASN A 91 -16.62 26.14 -28.43
CA ASN A 91 -16.80 24.82 -28.97
C ASN A 91 -18.27 24.55 -29.01
N LEU A 92 -18.73 23.85 -30.06
CA LEU A 92 -20.14 23.55 -30.17
C LEU A 92 -20.43 22.28 -29.37
N ASN A 1 -2.95 15.11 29.04
CA ASN A 1 -3.04 14.32 27.78
C ASN A 1 -3.92 13.12 27.97
N ASN A 2 -4.73 12.80 26.93
CA ASN A 2 -5.62 11.66 26.99
C ASN A 2 -5.46 10.93 25.67
N PRO A 3 -5.72 9.63 25.64
CA PRO A 3 -5.59 8.87 24.41
C PRO A 3 -6.69 9.15 23.43
N LEU A 4 -6.38 8.99 22.12
CA LEU A 4 -7.36 9.23 21.08
C LEU A 4 -7.55 7.93 20.37
N GLN A 5 -8.81 7.63 19.99
CA GLN A 5 -9.10 6.41 19.29
C GLN A 5 -10.17 6.72 18.29
N GLN A 6 -9.94 6.34 17.02
CA GLN A 6 -10.92 6.60 15.98
C GLN A 6 -11.74 5.34 15.83
N GLN A 7 -12.96 5.35 16.41
CA GLN A 7 -13.83 4.20 16.32
C GLN A 7 -14.70 4.39 15.11
N SER A 8 -14.12 4.20 13.91
CA SER A 8 -14.88 4.35 12.71
C SER A 8 -14.15 3.59 11.65
N SER A 9 -14.89 3.00 10.68
CA SER A 9 -14.25 2.25 9.63
C SER A 9 -13.87 3.21 8.54
N GLN A 10 -14.38 4.46 8.63
CA GLN A 10 -14.09 5.49 7.64
C GLN A 10 -14.61 5.04 6.30
N ASN A 11 -14.14 5.67 5.20
CA ASN A 11 -14.58 5.29 3.88
C ASN A 11 -13.64 4.23 3.39
N THR A 12 -14.15 2.98 3.27
CA THR A 12 -13.35 1.87 2.80
C THR A 12 -14.14 1.20 1.73
N VAL A 13 -13.50 0.98 0.55
CA VAL A 13 -14.17 0.32 -0.54
C VAL A 13 -13.10 -0.52 -1.23
N PRO A 14 -13.40 -1.73 -1.71
CA PRO A 14 -12.40 -2.53 -2.36
C PRO A 14 -12.36 -2.34 -3.86
N ASN A 15 -12.31 -1.05 -4.29
CA ASN A 15 -12.26 -0.75 -5.70
C ASN A 15 -10.84 -0.41 -6.05
N VAL A 16 -9.91 -0.67 -5.10
CA VAL A 16 -8.50 -0.38 -5.31
C VAL A 16 -7.73 -1.66 -5.19
N LEU A 17 -8.38 -2.73 -4.70
CA LEU A 17 -7.71 -4.00 -4.53
C LEU A 17 -7.38 -4.55 -5.90
N ASN A 18 -8.29 -4.37 -6.87
CA ASN A 18 -8.05 -4.89 -8.20
C ASN A 18 -7.02 -4.04 -8.90
N GLN A 19 -6.73 -2.83 -8.36
CA GLN A 19 -5.77 -1.96 -8.99
C GLN A 19 -4.41 -2.22 -8.42
N ILE A 20 -4.30 -3.14 -7.41
CA ILE A 20 -3.01 -3.40 -6.81
C ILE A 20 -2.14 -4.12 -7.81
N ASN A 21 -2.77 -4.80 -8.80
CA ASN A 21 -2.02 -5.54 -9.79
C ASN A 21 -1.49 -4.56 -10.82
N GLN A 22 -1.99 -3.31 -10.80
CA GLN A 22 -1.53 -2.32 -11.75
C GLN A 22 -0.51 -1.44 -11.07
N ILE A 23 -0.70 -1.19 -9.76
CA ILE A 23 0.22 -0.35 -9.03
C ILE A 23 1.50 -1.11 -8.83
N PHE A 24 1.40 -2.41 -8.48
CA PHE A 24 2.57 -3.21 -8.20
C PHE A 24 2.56 -4.41 -9.09
N SER A 25 3.77 -4.87 -9.46
CA SER A 25 3.91 -6.05 -10.28
C SER A 25 3.83 -7.22 -9.31
N PRO A 26 3.45 -8.41 -9.75
CA PRO A 26 3.36 -9.54 -8.83
C PRO A 26 4.66 -9.92 -8.20
N GLU A 27 5.78 -9.72 -8.92
CA GLU A 27 7.09 -10.02 -8.37
C GLU A 27 7.37 -9.07 -7.22
N GLU A 28 6.96 -7.79 -7.38
CA GLU A 28 7.20 -6.81 -6.35
C GLU A 28 6.30 -7.11 -5.19
N GLN A 29 5.02 -7.48 -5.49
CA GLN A 29 4.05 -7.80 -4.47
C GLN A 29 4.54 -8.96 -3.65
N ARG A 30 5.14 -9.98 -4.30
CA ARG A 30 5.64 -11.14 -3.59
C ARG A 30 6.72 -10.71 -2.63
N SER A 31 7.63 -9.81 -3.07
CA SER A 31 8.70 -9.36 -2.21
C SER A 31 8.14 -8.59 -1.06
N LEU A 32 7.13 -7.71 -1.33
CA LEU A 32 6.52 -6.91 -0.29
C LEU A 32 5.86 -7.81 0.72
N LEU A 33 5.22 -8.91 0.26
CA LEU A 33 4.55 -9.82 1.17
C LEU A 33 5.59 -10.44 2.08
N GLN A 34 6.74 -10.85 1.53
CA GLN A 34 7.79 -11.46 2.32
C GLN A 34 8.30 -10.46 3.33
N GLU A 35 8.45 -9.18 2.91
CA GLU A 35 8.94 -8.16 3.81
C GLU A 35 7.93 -7.97 4.92
N ALA A 36 6.63 -7.98 4.57
CA ALA A 36 5.58 -7.81 5.54
C ALA A 36 5.65 -8.91 6.59
N ILE A 37 5.95 -10.16 6.16
CA ILE A 37 6.05 -11.25 7.11
C ILE A 37 7.20 -10.96 8.04
N GLU A 38 8.33 -10.51 7.46
CA GLU A 38 9.50 -10.18 8.26
C GLU A 38 9.16 -9.10 9.27
N THR A 39 8.39 -8.05 8.86
CA THR A 39 8.04 -7.00 9.81
C THR A 39 7.08 -7.51 10.85
N CYS A 40 6.32 -8.61 10.54
CA CYS A 40 5.39 -9.14 11.52
C CYS A 40 6.18 -9.68 12.67
N LYS A 41 7.33 -10.31 12.38
CA LYS A 41 8.18 -10.85 13.44
C LYS A 41 8.72 -9.71 14.25
N ASN A 42 8.99 -8.58 13.57
CA ASN A 42 9.52 -7.40 14.24
C ASN A 42 8.49 -6.91 15.24
N PHE A 43 7.21 -6.92 14.83
CA PHE A 43 6.12 -6.48 15.70
C PHE A 43 5.94 -7.50 16.80
N GLU A 44 6.21 -8.78 16.49
CA GLU A 44 6.04 -9.84 17.45
C GLU A 44 7.06 -9.65 18.54
N LYS A 45 8.30 -9.29 18.14
CA LYS A 45 9.38 -9.07 19.08
C LYS A 45 8.99 -7.97 20.04
N THR A 46 8.33 -6.89 19.54
CA THR A 46 7.91 -5.82 20.42
C THR A 46 6.87 -6.37 21.36
N GLN A 47 5.93 -7.17 20.78
CA GLN A 47 4.86 -7.82 21.53
C GLN A 47 3.88 -6.78 22.04
N LEU A 48 2.64 -7.24 22.36
CA LEU A 48 1.65 -6.33 22.86
C LEU A 48 0.69 -7.08 23.75
N GLY A 49 1.04 -8.33 24.12
CA GLY A 49 0.16 -9.09 24.97
C GLY A 49 0.69 -10.48 25.05
N SER A 50 0.00 -11.34 25.84
CA SER A 50 0.41 -12.72 25.99
C SER A 50 -0.42 -13.57 25.07
N THR A 51 -1.28 -12.92 24.26
CA THR A 51 -2.12 -13.65 23.34
C THR A 51 -2.15 -12.81 22.10
N MET A 52 -2.07 -13.46 20.90
CA MET A 52 -2.07 -12.71 19.67
C MET A 52 -2.99 -13.43 18.73
N THR A 53 -3.95 -12.68 18.14
CA THR A 53 -4.89 -13.28 17.21
C THR A 53 -4.20 -13.38 15.88
N GLU A 54 -4.79 -14.12 14.92
CA GLU A 54 -4.20 -14.29 13.63
C GLU A 54 -4.59 -13.14 12.67
N PRO A 55 -5.89 -12.78 12.49
CA PRO A 55 -6.23 -11.70 11.53
C PRO A 55 -5.66 -10.35 11.87
N VAL A 56 -5.25 -10.11 13.12
CA VAL A 56 -4.69 -8.81 13.45
C VAL A 56 -3.37 -8.67 12.72
N LYS A 57 -2.65 -9.79 12.51
CA LYS A 57 -1.39 -9.74 11.80
C LYS A 57 -1.68 -9.46 10.34
N GLN A 58 -2.77 -10.08 9.83
CA GLN A 58 -3.15 -9.89 8.45
C GLN A 58 -3.50 -8.44 8.24
N SER A 59 -4.19 -7.83 9.24
CA SER A 59 -4.57 -6.44 9.14
C SER A 59 -3.32 -5.60 9.13
N PHE A 60 -2.31 -6.00 9.94
CA PHE A 60 -1.07 -5.28 10.01
C PHE A 60 -0.40 -5.29 8.66
N ILE A 61 -0.46 -6.44 7.94
CA ILE A 61 0.18 -6.54 6.65
C ILE A 61 -0.57 -5.67 5.68
N ARG A 62 -1.93 -5.68 5.79
CA ARG A 62 -2.78 -4.90 4.92
C ARG A 62 -2.46 -3.44 5.07
N LYS A 63 -2.29 -2.97 6.33
CA LYS A 63 -1.96 -1.58 6.57
C LYS A 63 -0.63 -1.27 5.98
N TYR A 64 0.35 -2.21 6.11
CA TYR A 64 1.68 -2.00 5.58
C TYR A 64 1.60 -1.82 4.08
N ILE A 65 0.87 -2.72 3.38
CA ILE A 65 0.76 -2.67 1.95
C ILE A 65 0.06 -1.38 1.54
N ASN A 66 -1.02 -1.00 2.25
CA ASN A 66 -1.75 0.20 1.90
C ASN A 66 -0.87 1.41 2.08
N GLN A 67 -0.05 1.44 3.16
CA GLN A 67 0.82 2.57 3.41
C GLN A 67 1.85 2.63 2.31
N LYS A 68 2.37 1.45 1.91
CA LYS A 68 3.38 1.39 0.87
C LYS A 68 2.80 1.93 -0.42
N ALA A 69 1.54 1.57 -0.73
CA ALA A 69 0.91 2.03 -1.95
C ALA A 69 0.77 3.54 -1.92
N LEU A 70 0.39 4.10 -0.75
CA LEU A 70 0.21 5.53 -0.64
C LEU A 70 1.52 6.24 -0.87
N ARG A 71 2.62 5.69 -0.33
CA ARG A 71 3.91 6.33 -0.50
C ARG A 71 4.35 6.19 -1.94
N LYS A 72 4.12 5.01 -2.53
CA LYS A 72 4.54 4.74 -3.88
C LYS A 72 3.82 5.65 -4.85
N ILE A 73 2.48 5.81 -4.71
CA ILE A 73 1.75 6.64 -5.65
C ILE A 73 2.11 8.09 -5.44
N GLN A 74 2.48 8.48 -4.20
CA GLN A 74 2.84 9.86 -3.94
C GLN A 74 4.11 10.19 -4.69
N ALA A 75 5.07 9.23 -4.72
CA ALA A 75 6.33 9.47 -5.38
C ALA A 75 6.18 9.20 -6.86
N LEU A 76 5.09 8.51 -7.25
CA LEU A 76 4.85 8.15 -8.63
C LEU A 76 4.72 9.39 -9.47
N ARG A 77 4.07 10.45 -8.95
CA ARG A 77 3.87 11.64 -9.74
C ARG A 77 5.11 12.48 -9.68
N ASP A 78 6.03 12.17 -8.73
CA ASP A 78 7.23 12.94 -8.58
C ASP A 78 8.26 12.42 -9.55
N VAL A 79 8.00 11.25 -10.18
CA VAL A 79 8.94 10.68 -11.12
C VAL A 79 9.05 11.60 -12.29
N LYS A 80 7.89 12.08 -12.81
CA LYS A 80 7.93 12.98 -13.94
C LYS A 80 6.61 13.71 -13.93
N ASN A 81 6.66 15.05 -14.13
CA ASN A 81 5.46 15.85 -14.14
C ASN A 81 5.04 16.08 -15.56
N ASN A 82 5.47 15.21 -16.48
CA ASN A 82 5.12 15.35 -17.87
C ASN A 82 5.04 13.98 -18.44
N ASN A 83 4.17 13.79 -19.47
CA ASN A 83 4.02 12.50 -20.08
C ASN A 83 5.00 12.42 -21.21
N ASN A 84 6.09 11.64 -21.02
CA ASN A 84 7.08 11.50 -22.05
C ASN A 84 7.64 10.11 -21.92
N ALA A 85 7.34 9.25 -22.90
CA ALA A 85 7.84 7.89 -22.85
C ALA A 85 7.88 7.39 -24.25
N ASN A 86 8.83 6.47 -24.54
CA ASN A 86 8.96 5.90 -25.85
C ASN A 86 9.25 4.44 -25.66
N ASN A 87 8.36 3.57 -26.18
CA ASN A 87 8.56 2.15 -26.06
C ASN A 87 9.79 1.76 -26.82
N ASN A 88 10.01 2.42 -27.99
CA ASN A 88 11.16 2.14 -28.84
C ASN A 88 11.11 0.69 -29.25
N GLY A 89 9.91 0.20 -29.57
CA GLY A 89 9.76 -1.18 -29.98
C GLY A 89 8.31 -1.45 -30.07
N SER A 90 7.96 -2.72 -30.42
CA SER A 90 6.57 -3.13 -30.56
C SER A 90 5.91 -2.30 -31.62
N ASN A 91 6.62 -2.08 -32.75
CA ASN A 91 6.08 -1.29 -33.81
C ASN A 91 6.58 -1.89 -35.10
N LEU A 92 5.65 -2.42 -35.92
CA LEU A 92 6.04 -3.02 -37.16
C LEU A 92 4.84 -2.89 -38.13
N ASN A 1 -10.50 31.05 -4.17
CA ASN A 1 -10.88 31.37 -5.57
C ASN A 1 -10.00 30.65 -6.55
N ASN A 2 -8.67 30.62 -6.25
CA ASN A 2 -7.73 29.96 -7.13
C ASN A 2 -6.81 29.16 -6.22
N PRO A 3 -6.20 28.08 -6.71
CA PRO A 3 -5.33 27.28 -5.88
C PRO A 3 -3.92 27.79 -5.85
N LEU A 4 -3.71 28.96 -5.19
CA LEU A 4 -2.39 29.53 -5.08
C LEU A 4 -1.59 28.65 -4.16
N GLN A 5 -2.23 28.16 -3.08
CA GLN A 5 -1.55 27.31 -2.14
C GLN A 5 -2.48 26.18 -1.84
N GLN A 6 -1.94 24.94 -1.85
CA GLN A 6 -2.74 23.77 -1.58
C GLN A 6 -2.34 23.28 -0.21
N GLN A 7 -3.34 22.95 0.62
CA GLN A 7 -3.05 22.48 1.95
C GLN A 7 -4.31 21.94 2.52
N SER A 8 -4.42 20.59 2.63
CA SER A 8 -5.61 20.01 3.18
C SER A 8 -5.23 18.64 3.66
N SER A 9 -5.74 18.26 4.86
CA SER A 9 -5.46 16.95 5.42
C SER A 9 -6.78 16.28 5.63
N GLN A 10 -6.93 15.07 5.05
CA GLN A 10 -8.17 14.35 5.19
C GLN A 10 -7.81 12.90 5.19
N ASN A 11 -8.43 12.11 6.08
CA ASN A 11 -8.15 10.70 6.15
C ASN A 11 -9.12 10.01 5.23
N THR A 12 -8.60 9.51 4.09
CA THR A 12 -9.43 8.82 3.13
C THR A 12 -8.76 7.49 2.88
N VAL A 13 -9.57 6.40 2.92
CA VAL A 13 -9.05 5.07 2.71
C VAL A 13 -9.70 4.51 1.44
N PRO A 14 -9.17 4.84 0.26
CA PRO A 14 -9.74 4.34 -0.98
C PRO A 14 -9.39 2.90 -1.22
N ASN A 15 -10.18 2.22 -2.08
CA ASN A 15 -9.92 0.84 -2.37
C ASN A 15 -8.83 0.79 -3.41
N VAL A 16 -7.75 0.02 -3.10
CA VAL A 16 -6.64 -0.10 -4.01
C VAL A 16 -6.29 -1.56 -4.10
N LEU A 17 -7.18 -2.43 -3.58
CA LEU A 17 -6.94 -3.86 -3.60
C LEU A 17 -6.95 -4.35 -5.02
N ASN A 18 -7.85 -3.80 -5.86
CA ASN A 18 -7.94 -4.24 -7.23
C ASN A 18 -6.91 -3.52 -8.06
N GLN A 19 -6.28 -2.47 -7.49
CA GLN A 19 -5.29 -1.70 -8.22
C GLN A 19 -3.91 -2.12 -7.77
N ILE A 20 -3.83 -3.08 -6.81
CA ILE A 20 -2.54 -3.50 -6.32
C ILE A 20 -1.78 -4.22 -7.41
N ASN A 21 -2.50 -4.78 -8.40
CA ASN A 21 -1.83 -5.50 -9.47
C ASN A 21 -1.36 -4.53 -10.51
N GLN A 22 -1.73 -3.24 -10.38
CA GLN A 22 -1.30 -2.24 -11.35
C GLN A 22 -0.22 -1.42 -10.70
N ILE A 23 -0.35 -1.18 -9.38
CA ILE A 23 0.62 -0.38 -8.67
C ILE A 23 1.89 -1.19 -8.53
N PHE A 24 1.76 -2.50 -8.22
CA PHE A 24 2.92 -3.34 -8.01
C PHE A 24 2.80 -4.53 -8.92
N SER A 25 3.97 -5.05 -9.37
CA SER A 25 3.97 -6.22 -10.22
C SER A 25 3.87 -7.41 -9.29
N PRO A 26 3.36 -8.57 -9.75
CA PRO A 26 3.25 -9.75 -8.89
C PRO A 26 4.54 -10.19 -8.25
N GLU A 27 5.65 -10.13 -9.01
CA GLU A 27 6.94 -10.54 -8.49
C GLU A 27 7.34 -9.60 -7.37
N GLU A 28 7.00 -8.31 -7.52
CA GLU A 28 7.36 -7.34 -6.52
C GLU A 28 6.50 -7.59 -5.29
N GLN A 29 5.19 -7.89 -5.54
CA GLN A 29 4.27 -8.16 -4.46
C GLN A 29 4.75 -9.34 -3.64
N ARG A 30 5.28 -10.40 -4.30
CA ARG A 30 5.76 -11.55 -3.57
C ARG A 30 6.90 -11.14 -2.67
N SER A 31 7.80 -10.25 -3.15
CA SER A 31 8.92 -9.82 -2.35
C SER A 31 8.40 -9.01 -1.18
N LEU A 32 7.40 -8.13 -1.44
CA LEU A 32 6.84 -7.30 -0.40
C LEU A 32 6.19 -8.16 0.66
N LEU A 33 5.54 -9.26 0.25
CA LEU A 33 4.88 -10.14 1.19
C LEU A 33 5.92 -10.75 2.10
N GLN A 34 7.07 -11.19 1.54
CA GLN A 34 8.12 -11.78 2.34
C GLN A 34 8.66 -10.76 3.30
N GLU A 35 8.84 -9.49 2.84
CA GLU A 35 9.35 -8.46 3.70
C GLU A 35 8.37 -8.20 4.81
N ALA A 36 7.06 -8.22 4.47
CA ALA A 36 6.01 -8.02 5.46
C ALA A 36 6.10 -9.06 6.55
N ILE A 37 6.42 -10.32 6.21
CA ILE A 37 6.53 -11.37 7.21
C ILE A 37 7.65 -11.02 8.15
N GLU A 38 8.81 -10.61 7.59
CA GLU A 38 9.95 -10.22 8.40
C GLU A 38 9.56 -9.05 9.29
N THR A 39 8.82 -8.08 8.73
CA THR A 39 8.37 -6.92 9.49
C THR A 39 7.50 -7.37 10.63
N CYS A 40 6.66 -8.41 10.40
CA CYS A 40 5.78 -8.91 11.45
C CYS A 40 6.63 -9.42 12.59
N LYS A 41 7.74 -10.12 12.30
CA LYS A 41 8.61 -10.64 13.34
C LYS A 41 9.21 -9.49 14.11
N ASN A 42 9.54 -8.40 13.37
CA ASN A 42 10.12 -7.22 13.98
C ASN A 42 9.09 -6.62 14.92
N PHE A 43 7.80 -6.70 14.52
CA PHE A 43 6.72 -6.15 15.32
C PHE A 43 6.54 -6.99 16.57
N GLU A 44 6.95 -8.28 16.53
CA GLU A 44 6.77 -9.15 17.69
C GLU A 44 7.68 -8.66 18.80
N LYS A 45 8.85 -8.09 18.40
CA LYS A 45 9.81 -7.59 19.36
C LYS A 45 9.17 -6.54 20.26
N THR A 46 8.29 -5.67 19.70
CA THR A 46 7.67 -4.65 20.54
C THR A 46 6.70 -5.31 21.51
N GLN A 47 6.28 -6.55 21.19
CA GLN A 47 5.37 -7.31 22.04
C GLN A 47 4.08 -6.54 22.22
N LEU A 48 3.32 -6.36 21.12
CA LEU A 48 2.06 -5.65 21.19
C LEU A 48 1.12 -6.44 22.05
N GLY A 49 1.14 -7.79 21.91
CA GLY A 49 0.25 -8.61 22.69
C GLY A 49 0.91 -9.94 22.89
N SER A 50 0.48 -10.65 23.96
CA SER A 50 1.04 -11.95 24.24
C SER A 50 0.27 -12.98 23.46
N THR A 51 -0.81 -12.55 22.79
CA THR A 51 -1.61 -13.45 22.01
C THR A 51 -2.20 -12.61 20.90
N MET A 52 -2.47 -13.23 19.74
CA MET A 52 -3.01 -12.47 18.65
C MET A 52 -3.76 -13.42 17.76
N THR A 53 -4.99 -13.02 17.37
CA THR A 53 -5.80 -13.83 16.49
C THR A 53 -5.24 -13.68 15.10
N GLU A 54 -5.64 -14.54 14.14
CA GLU A 54 -5.10 -14.42 12.80
C GLU A 54 -5.61 -13.18 12.08
N PRO A 55 -6.94 -12.87 12.06
CA PRO A 55 -7.42 -11.65 11.37
C PRO A 55 -6.76 -10.38 11.81
N VAL A 56 -6.35 -10.28 13.08
CA VAL A 56 -5.70 -9.08 13.55
C VAL A 56 -4.37 -8.94 12.83
N LYS A 57 -3.62 -10.07 12.73
CA LYS A 57 -2.33 -10.05 12.06
C LYS A 57 -2.53 -9.76 10.60
N GLN A 58 -3.58 -10.38 10.01
CA GLN A 58 -3.88 -10.21 8.61
C GLN A 58 -4.19 -8.75 8.34
N SER A 59 -4.93 -8.11 9.27
CA SER A 59 -5.29 -6.72 9.12
C SER A 59 -4.04 -5.88 9.22
N PHE A 60 -3.11 -6.28 10.13
CA PHE A 60 -1.87 -5.54 10.31
C PHE A 60 -1.08 -5.54 9.03
N ILE A 61 -0.96 -6.71 8.37
CA ILE A 61 -0.20 -6.80 7.14
C ILE A 61 -0.91 -6.02 6.06
N ARG A 62 -2.26 -6.12 6.03
CA ARG A 62 -3.05 -5.42 5.03
C ARG A 62 -2.82 -3.94 5.15
N LYS A 63 -2.86 -3.39 6.38
CA LYS A 63 -2.66 -1.98 6.58
C LYS A 63 -1.25 -1.61 6.19
N TYR A 64 -0.27 -2.49 6.52
CA TYR A 64 1.12 -2.22 6.21
C TYR A 64 1.30 -2.09 4.71
N ILE A 65 0.75 -3.05 3.94
CA ILE A 65 0.87 -3.03 2.50
C ILE A 65 0.14 -1.82 1.96
N ASN A 66 -1.07 -1.52 2.52
CA ASN A 66 -1.86 -0.40 2.05
C ASN A 66 -1.12 0.89 2.23
N GLN A 67 -0.42 1.08 3.39
CA GLN A 67 0.29 2.32 3.62
C GLN A 67 1.41 2.44 2.63
N LYS A 68 2.11 1.33 2.34
CA LYS A 68 3.21 1.36 1.40
C LYS A 68 2.68 1.70 0.03
N ALA A 69 1.50 1.15 -0.34
CA ALA A 69 0.93 1.43 -1.64
C ALA A 69 0.58 2.89 -1.74
N LEU A 70 0.01 3.47 -0.66
CA LEU A 70 -0.38 4.87 -0.68
C LEU A 70 0.85 5.72 -0.79
N ARG A 71 1.95 5.33 -0.10
CA ARG A 71 3.16 6.10 -0.14
C ARG A 71 3.72 6.08 -1.54
N LYS A 72 3.71 4.88 -2.18
CA LYS A 72 4.23 4.74 -3.52
C LYS A 72 3.41 5.57 -4.48
N ILE A 73 2.07 5.55 -4.33
CA ILE A 73 1.21 6.30 -5.23
C ILE A 73 1.51 7.78 -5.11
N GLN A 74 1.67 8.28 -3.85
CA GLN A 74 1.96 9.70 -3.66
C GLN A 74 3.30 10.02 -4.24
N ALA A 75 4.27 9.08 -4.10
CA ALA A 75 5.60 9.30 -4.63
C ALA A 75 5.55 9.42 -6.13
N LEU A 76 4.66 8.64 -6.77
CA LEU A 76 4.55 8.66 -8.22
C LEU A 76 3.88 9.93 -8.68
N ARG A 77 3.28 10.73 -7.76
CA ARG A 77 2.61 11.94 -8.19
C ARG A 77 3.63 13.05 -8.20
N ASP A 78 4.82 12.77 -7.62
CA ASP A 78 5.86 13.76 -7.54
C ASP A 78 6.43 14.04 -8.92
N VAL A 79 6.15 13.15 -9.91
CA VAL A 79 6.66 13.36 -11.25
C VAL A 79 5.50 13.20 -12.18
N LYS A 80 5.60 13.78 -13.39
CA LYS A 80 4.53 13.68 -14.36
C LYS A 80 5.17 13.37 -15.68
N ASN A 81 4.42 12.69 -16.57
CA ASN A 81 4.95 12.35 -17.86
C ASN A 81 3.79 12.19 -18.77
N ASN A 82 4.06 12.01 -20.08
CA ASN A 82 3.00 11.85 -21.05
C ASN A 82 2.80 10.37 -21.25
N ASN A 83 1.63 9.85 -20.83
CA ASN A 83 1.33 8.46 -20.99
C ASN A 83 0.61 8.30 -22.29
N ASN A 84 1.33 7.77 -23.31
CA ASN A 84 0.72 7.58 -24.60
C ASN A 84 0.10 6.20 -24.61
N ALA A 85 -1.22 6.13 -24.35
CA ALA A 85 -1.89 4.87 -24.34
C ALA A 85 -3.33 5.14 -24.67
N ASN A 86 -4.04 4.12 -25.20
CA ASN A 86 -5.42 4.28 -25.54
C ASN A 86 -6.23 4.21 -24.27
N ASN A 87 -7.17 5.16 -24.10
CA ASN A 87 -8.00 5.18 -22.92
C ASN A 87 -9.25 4.39 -23.21
N ASN A 88 -9.35 3.84 -24.44
CA ASN A 88 -10.52 3.06 -24.80
C ASN A 88 -10.16 1.62 -24.66
N GLY A 89 -10.96 0.87 -23.88
CA GLY A 89 -10.69 -0.53 -23.68
C GLY A 89 -11.71 -1.02 -22.72
N SER A 90 -11.60 -2.32 -22.34
CA SER A 90 -12.53 -2.94 -21.40
C SER A 90 -13.92 -2.85 -21.96
N ASN A 91 -14.09 -3.29 -23.24
CA ASN A 91 -15.39 -3.24 -23.86
C ASN A 91 -16.31 -4.17 -23.13
N LEU A 92 -15.79 -5.37 -22.75
CA LEU A 92 -16.57 -6.36 -22.02
C LEU A 92 -17.78 -6.77 -22.89
N ASN A 1 7.68 19.82 26.90
CA ASN A 1 6.76 19.31 25.85
C ASN A 1 7.41 18.22 25.05
N ASN A 2 6.60 17.26 24.56
CA ASN A 2 7.14 16.17 23.79
C ASN A 2 7.40 16.71 22.40
N PRO A 3 8.36 16.13 21.67
CA PRO A 3 8.66 16.60 20.33
C PRO A 3 7.62 16.20 19.32
N LEU A 4 7.47 17.02 18.25
CA LEU A 4 6.51 16.74 17.21
C LEU A 4 7.28 16.54 15.95
N GLN A 5 6.81 15.61 15.09
CA GLN A 5 7.48 15.34 13.85
C GLN A 5 6.42 15.16 12.81
N GLN A 6 6.55 15.90 11.68
CA GLN A 6 5.59 15.79 10.63
C GLN A 6 6.27 16.22 9.37
N GLN A 7 5.71 15.83 8.21
CA GLN A 7 6.28 16.19 6.94
C GLN A 7 5.13 16.59 6.06
N SER A 8 5.40 17.38 5.00
CA SER A 8 4.33 17.79 4.11
C SER A 8 3.86 16.58 3.37
N SER A 9 2.53 16.35 3.41
CA SER A 9 1.98 15.21 2.72
C SER A 9 0.52 15.46 2.54
N GLN A 10 -0.02 15.07 1.36
CA GLN A 10 -1.42 15.23 1.07
C GLN A 10 -1.92 13.90 0.60
N ASN A 11 -3.06 13.45 1.14
CA ASN A 11 -3.59 12.17 0.73
C ASN A 11 -5.05 12.17 1.07
N THR A 12 -5.90 11.78 0.09
CA THR A 12 -7.33 11.74 0.30
C THR A 12 -7.72 10.31 0.55
N VAL A 13 -6.71 9.39 0.50
CA VAL A 13 -6.90 7.96 0.71
C VAL A 13 -7.95 7.43 -0.25
N PRO A 14 -7.63 7.38 -1.54
CA PRO A 14 -8.57 6.88 -2.54
C PRO A 14 -8.59 5.39 -2.62
N ASN A 15 -9.64 4.82 -3.25
CA ASN A 15 -9.72 3.39 -3.39
C ASN A 15 -8.77 3.03 -4.50
N VAL A 16 -7.80 2.14 -4.18
CA VAL A 16 -6.81 1.74 -5.15
C VAL A 16 -6.58 0.26 -4.98
N LEU A 17 -7.56 -0.46 -4.41
CA LEU A 17 -7.41 -1.88 -4.20
C LEU A 17 -7.32 -2.57 -5.55
N ASN A 18 -8.18 -2.16 -6.50
CA ASN A 18 -8.17 -2.78 -7.81
C ASN A 18 -7.10 -2.16 -8.65
N GLN A 19 -6.52 -1.02 -8.17
CA GLN A 19 -5.50 -0.35 -8.93
C GLN A 19 -4.14 -0.77 -8.42
N ILE A 20 -4.12 -1.64 -7.38
CA ILE A 20 -2.85 -2.07 -6.81
C ILE A 20 -2.12 -2.94 -7.80
N ASN A 21 -2.85 -3.52 -8.77
CA ASN A 21 -2.24 -4.40 -9.74
C ASN A 21 -1.32 -3.60 -10.62
N GLN A 22 -1.61 -2.28 -10.80
CA GLN A 22 -0.79 -1.46 -11.66
C GLN A 22 0.31 -0.83 -10.85
N ILE A 23 0.24 -0.92 -9.50
CA ILE A 23 1.27 -0.31 -8.68
C ILE A 23 2.37 -1.31 -8.47
N PHE A 24 1.99 -2.58 -8.14
CA PHE A 24 2.99 -3.59 -7.88
C PHE A 24 2.71 -4.77 -8.76
N SER A 25 3.80 -5.48 -9.13
CA SER A 25 3.69 -6.66 -9.94
C SER A 25 3.60 -7.81 -8.95
N PRO A 26 3.06 -8.98 -9.34
CA PRO A 26 2.96 -10.12 -8.42
C PRO A 26 4.25 -10.52 -7.76
N GLU A 27 5.37 -10.46 -8.52
CA GLU A 27 6.66 -10.82 -7.98
C GLU A 27 7.02 -9.84 -6.89
N GLU A 28 6.66 -8.54 -7.08
CA GLU A 28 6.98 -7.54 -6.10
C GLU A 28 6.11 -7.76 -4.90
N GLN A 29 4.82 -8.10 -5.16
CA GLN A 29 3.87 -8.33 -4.09
C GLN A 29 4.34 -9.47 -3.22
N ARG A 30 4.86 -10.56 -3.85
CA ARG A 30 5.34 -11.69 -3.08
C ARG A 30 6.47 -11.26 -2.18
N SER A 31 7.39 -10.40 -2.69
CA SER A 31 8.50 -9.93 -1.90
C SER A 31 7.96 -9.10 -0.75
N LEU A 32 6.94 -8.26 -1.03
CA LEU A 32 6.37 -7.41 0.00
C LEU A 32 5.76 -8.26 1.09
N LEU A 33 5.12 -9.39 0.72
CA LEU A 33 4.51 -10.24 1.73
C LEU A 33 5.59 -10.82 2.60
N GLN A 34 6.72 -11.26 2.00
CA GLN A 34 7.81 -11.82 2.78
C GLN A 34 8.37 -10.77 3.71
N GLU A 35 8.52 -9.52 3.20
CA GLU A 35 9.05 -8.46 4.03
C GLU A 35 8.10 -8.17 5.16
N ALA A 36 6.78 -8.20 4.87
CA ALA A 36 5.76 -7.94 5.87
C ALA A 36 5.88 -8.95 6.99
N ILE A 37 6.16 -10.23 6.67
CA ILE A 37 6.30 -11.25 7.70
C ILE A 37 7.47 -10.87 8.57
N GLU A 38 8.58 -10.47 7.94
CA GLU A 38 9.77 -10.08 8.69
C GLU A 38 9.46 -8.90 9.58
N THR A 39 8.69 -7.89 9.08
CA THR A 39 8.37 -6.74 9.91
C THR A 39 7.42 -7.11 11.03
N CYS A 40 6.72 -8.26 10.93
CA CYS A 40 5.80 -8.66 11.98
C CYS A 40 6.59 -8.91 13.24
N LYS A 41 7.81 -9.48 13.10
CA LYS A 41 8.65 -9.76 14.25
C LYS A 41 9.01 -8.46 14.92
N ASN A 42 9.22 -7.39 14.12
CA ASN A 42 9.58 -6.10 14.67
C ASN A 42 8.42 -5.61 15.51
N PHE A 43 7.18 -5.84 15.03
CA PHE A 43 6.00 -5.41 15.75
C PHE A 43 5.87 -6.23 17.02
N GLU A 44 6.22 -7.53 16.94
CA GLU A 44 6.11 -8.42 18.09
C GLU A 44 7.06 -7.95 19.16
N LYS A 45 8.26 -7.50 18.75
CA LYS A 45 9.24 -7.02 19.70
C LYS A 45 8.70 -5.82 20.46
N THR A 46 8.08 -4.84 19.75
CA THR A 46 7.58 -3.64 20.43
C THR A 46 6.35 -3.96 21.26
N GLN A 47 5.39 -4.74 20.69
CA GLN A 47 4.16 -5.05 21.41
C GLN A 47 3.96 -6.53 21.33
N LEU A 48 3.34 -7.13 22.38
CA LEU A 48 3.13 -8.55 22.40
C LEU A 48 2.11 -8.90 21.36
N GLY A 49 2.44 -9.89 20.51
CA GLY A 49 1.53 -10.30 19.49
C GLY A 49 1.82 -11.73 19.17
N SER A 50 1.63 -12.62 20.17
CA SER A 50 1.88 -14.03 19.99
C SER A 50 0.73 -14.79 20.60
N THR A 51 -0.32 -14.04 21.03
CA THR A 51 -1.47 -14.65 21.65
C THR A 51 -2.70 -14.12 20.97
N MET A 52 -2.54 -13.10 20.10
CA MET A 52 -3.65 -12.51 19.41
C MET A 52 -4.06 -13.42 18.29
N THR A 53 -5.34 -13.28 17.87
CA THR A 53 -5.88 -14.09 16.80
C THR A 53 -5.15 -13.73 15.53
N GLU A 54 -5.16 -14.65 14.53
CA GLU A 54 -4.45 -14.42 13.28
C GLU A 54 -4.97 -13.20 12.51
N PRO A 55 -6.29 -12.99 12.32
CA PRO A 55 -6.79 -11.82 11.58
C PRO A 55 -6.26 -10.49 12.03
N VAL A 56 -5.92 -10.34 13.34
CA VAL A 56 -5.38 -9.09 13.83
C VAL A 56 -4.06 -8.84 13.14
N LYS A 57 -3.19 -9.86 13.09
CA LYS A 57 -1.89 -9.73 12.47
C LYS A 57 -2.08 -9.57 10.98
N GLN A 58 -3.08 -10.32 10.43
CA GLN A 58 -3.35 -10.28 9.01
C GLN A 58 -3.74 -8.87 8.61
N SER A 59 -4.55 -8.18 9.44
CA SER A 59 -4.97 -6.84 9.10
C SER A 59 -3.78 -5.90 9.23
N PHE A 60 -2.80 -6.24 10.10
CA PHE A 60 -1.64 -5.40 10.27
C PHE A 60 -0.86 -5.41 8.99
N ILE A 61 -0.73 -6.60 8.36
CA ILE A 61 0.03 -6.73 7.13
C ILE A 61 -0.72 -6.00 6.04
N ARG A 62 -2.06 -6.16 6.04
CA ARG A 62 -2.89 -5.53 5.03
C ARG A 62 -2.74 -4.03 5.10
N LYS A 63 -2.76 -3.46 6.34
CA LYS A 63 -2.62 -2.03 6.51
C LYS A 63 -1.26 -1.60 6.05
N TYR A 64 -0.22 -2.41 6.38
CA TYR A 64 1.15 -2.09 6.01
C TYR A 64 1.28 -2.02 4.50
N ILE A 65 0.74 -3.03 3.79
CA ILE A 65 0.84 -3.08 2.34
C ILE A 65 0.14 -1.89 1.74
N ASN A 66 -1.09 -1.57 2.21
CA ASN A 66 -1.82 -0.44 1.67
C ASN A 66 -1.09 0.85 1.96
N GLN A 67 -0.46 0.97 3.15
CA GLN A 67 0.26 2.19 3.48
C GLN A 67 1.42 2.36 2.53
N LYS A 68 2.14 1.25 2.26
CA LYS A 68 3.27 1.31 1.35
C LYS A 68 2.79 1.67 -0.02
N ALA A 69 1.61 1.12 -0.43
CA ALA A 69 1.08 1.39 -1.74
C ALA A 69 0.77 2.87 -1.87
N LEU A 70 0.22 3.50 -0.81
CA LEU A 70 -0.12 4.90 -0.86
C LEU A 70 1.12 5.72 -1.07
N ARG A 71 2.24 5.34 -0.41
CA ARG A 71 3.47 6.09 -0.55
C ARG A 71 3.97 5.94 -1.96
N LYS A 72 3.83 4.72 -2.53
CA LYS A 72 4.28 4.46 -3.88
C LYS A 72 3.49 5.28 -4.86
N ILE A 73 2.16 5.43 -4.63
CA ILE A 73 1.32 6.18 -5.55
C ILE A 73 1.78 7.62 -5.58
N GLN A 74 2.14 8.19 -4.41
CA GLN A 74 2.60 9.56 -4.37
C GLN A 74 3.89 9.66 -5.15
N ALA A 75 4.72 8.61 -5.09
CA ALA A 75 6.00 8.62 -5.78
C ALA A 75 5.78 8.47 -7.27
N LEU A 76 4.58 8.02 -7.71
CA LEU A 76 4.35 7.82 -9.13
C LEU A 76 4.38 9.13 -9.86
N ARG A 77 4.24 10.29 -9.18
CA ARG A 77 4.24 11.56 -9.88
C ARG A 77 5.67 12.00 -10.03
N ASP A 78 6.58 11.34 -9.29
CA ASP A 78 7.99 11.70 -9.35
C ASP A 78 8.62 10.99 -10.51
N VAL A 79 7.88 10.06 -11.15
CA VAL A 79 8.43 9.31 -12.26
C VAL A 79 8.58 10.26 -13.41
N LYS A 80 9.78 10.27 -14.03
CA LYS A 80 10.04 11.16 -15.14
C LYS A 80 9.61 10.45 -16.39
N ASN A 81 8.30 10.50 -16.68
CA ASN A 81 7.79 9.87 -17.88
C ASN A 81 6.56 10.61 -18.26
N ASN A 82 6.66 11.49 -19.29
CA ASN A 82 5.54 12.27 -19.77
C ASN A 82 5.06 13.16 -18.64
N ASN A 83 3.79 13.64 -18.74
CA ASN A 83 3.20 14.50 -17.74
C ASN A 83 4.03 15.75 -17.60
N ASN A 84 4.53 16.28 -18.74
CA ASN A 84 5.34 17.48 -18.73
C ASN A 84 4.66 18.47 -19.63
N ALA A 85 4.06 19.51 -19.03
CA ALA A 85 3.39 20.52 -19.81
C ALA A 85 3.50 21.81 -19.06
N ASN A 86 3.37 22.94 -19.79
CA ASN A 86 3.48 24.22 -19.16
C ASN A 86 2.64 25.17 -19.97
N ASN A 87 2.10 26.21 -19.31
CA ASN A 87 1.28 27.17 -20.01
C ASN A 87 2.20 28.19 -20.61
N ASN A 88 1.86 28.68 -21.82
CA ASN A 88 2.67 29.67 -22.48
C ASN A 88 2.41 30.99 -21.81
N GLY A 89 3.46 31.82 -21.69
CA GLY A 89 3.30 33.11 -21.06
C GLY A 89 4.63 33.76 -21.08
N SER A 90 4.70 34.99 -20.50
CA SER A 90 5.94 35.69 -20.45
C SER A 90 5.90 36.57 -19.24
N ASN A 91 7.06 36.75 -18.58
CA ASN A 91 7.11 37.57 -17.41
C ASN A 91 8.49 38.14 -17.32
N LEU A 92 8.58 39.48 -17.07
CA LEU A 92 9.85 40.16 -16.96
C LEU A 92 10.61 40.02 -18.30
N ASN A 1 0.09 26.61 24.02
CA ASN A 1 -0.36 27.44 22.87
C ASN A 1 -0.92 26.56 21.79
N ASN A 2 -1.65 27.19 20.83
CA ASN A 2 -2.25 26.46 19.73
C ASN A 2 -1.89 27.16 18.45
N PRO A 3 -0.64 27.05 18.00
CA PRO A 3 -0.23 27.70 16.77
C PRO A 3 -0.74 27.01 15.54
N LEU A 4 -0.94 27.80 14.45
CA LEU A 4 -1.42 27.27 13.18
C LEU A 4 -2.80 26.68 13.41
N GLN A 5 -3.18 25.68 12.56
CA GLN A 5 -4.48 25.04 12.68
C GLN A 5 -4.25 23.70 13.30
N GLN A 6 -5.33 23.10 13.86
CA GLN A 6 -5.20 21.82 14.50
C GLN A 6 -5.00 20.80 13.41
N GLN A 7 -4.06 19.85 13.66
CA GLN A 7 -3.78 18.83 12.69
C GLN A 7 -3.40 17.59 13.44
N SER A 8 -3.30 16.45 12.72
CA SER A 8 -2.94 15.22 13.37
C SER A 8 -2.40 14.30 12.31
N SER A 9 -3.28 13.66 11.53
CA SER A 9 -2.83 12.77 10.49
C SER A 9 -3.96 12.66 9.51
N GLN A 10 -3.62 12.45 8.22
CA GLN A 10 -4.63 12.33 7.20
C GLN A 10 -4.19 11.22 6.30
N ASN A 11 -5.09 10.22 6.10
CA ASN A 11 -4.78 9.10 5.24
C ASN A 11 -5.97 8.88 4.36
N THR A 12 -5.71 8.39 3.13
CA THR A 12 -6.78 8.12 2.19
C THR A 12 -6.56 6.74 1.66
N VAL A 13 -7.62 6.13 1.09
CA VAL A 13 -7.52 4.79 0.56
C VAL A 13 -8.27 4.79 -0.76
N PRO A 14 -7.90 3.95 -1.72
CA PRO A 14 -8.60 3.91 -2.99
C PRO A 14 -9.92 3.21 -2.88
N ASN A 15 -10.90 3.62 -3.73
CA ASN A 15 -12.21 3.00 -3.70
C ASN A 15 -12.06 1.56 -4.09
N VAL A 16 -11.29 1.30 -5.17
CA VAL A 16 -11.08 -0.05 -5.64
C VAL A 16 -9.76 -0.51 -5.09
N LEU A 17 -9.78 -1.59 -4.28
CA LEU A 17 -8.57 -2.10 -3.68
C LEU A 17 -7.89 -3.01 -4.67
N ASN A 18 -8.53 -3.27 -5.83
CA ASN A 18 -7.93 -4.13 -6.82
C ASN A 18 -6.93 -3.33 -7.61
N GLN A 19 -6.89 -2.00 -7.39
CA GLN A 19 -5.96 -1.14 -8.09
C GLN A 19 -4.57 -1.45 -7.57
N ILE A 20 -4.49 -1.96 -6.32
CA ILE A 20 -3.22 -2.26 -5.69
C ILE A 20 -2.48 -3.29 -6.52
N ASN A 21 -3.22 -4.26 -7.11
CA ASN A 21 -2.59 -5.29 -7.93
C ASN A 21 -1.94 -4.64 -9.12
N GLN A 22 -2.55 -3.58 -9.67
CA GLN A 22 -1.99 -2.90 -10.82
C GLN A 22 -0.73 -2.16 -10.43
N ILE A 23 -0.69 -1.63 -9.18
CA ILE A 23 0.44 -0.83 -8.73
C ILE A 23 1.68 -1.69 -8.57
N PHE A 24 1.51 -2.94 -8.04
CA PHE A 24 2.66 -3.77 -7.76
C PHE A 24 2.66 -4.97 -8.68
N SER A 25 3.86 -5.32 -9.20
CA SER A 25 3.97 -6.48 -10.05
C SER A 25 3.93 -7.67 -9.11
N PRO A 26 3.52 -8.85 -9.58
CA PRO A 26 3.45 -10.04 -8.69
C PRO A 26 4.74 -10.38 -7.99
N GLU A 27 5.87 -10.28 -8.70
CA GLU A 27 7.16 -10.60 -8.10
C GLU A 27 7.47 -9.61 -7.02
N GLU A 28 7.12 -8.31 -7.25
CA GLU A 28 7.42 -7.29 -6.28
C GLU A 28 6.53 -7.48 -5.08
N GLN A 29 5.23 -7.76 -5.34
CA GLN A 29 4.26 -7.96 -4.28
C GLN A 29 4.68 -9.14 -3.44
N ARG A 30 5.17 -10.23 -4.06
CA ARG A 30 5.59 -11.39 -3.31
C ARG A 30 6.72 -11.03 -2.39
N SER A 31 7.69 -10.23 -2.89
CA SER A 31 8.83 -9.85 -2.07
C SER A 31 8.37 -8.97 -0.94
N LEU A 32 7.44 -8.05 -1.24
CA LEU A 32 6.93 -7.14 -0.22
C LEU A 32 6.20 -7.91 0.84
N LEU A 33 5.47 -8.98 0.44
CA LEU A 33 4.72 -9.77 1.39
C LEU A 33 5.69 -10.41 2.36
N GLN A 34 6.83 -10.93 1.86
CA GLN A 34 7.82 -11.56 2.71
C GLN A 34 8.38 -10.53 3.67
N GLU A 35 8.63 -9.30 3.16
CA GLU A 35 9.18 -8.25 4.00
C GLU A 35 8.19 -7.90 5.08
N ALA A 36 6.88 -7.86 4.70
CA ALA A 36 5.83 -7.54 5.64
C ALA A 36 5.83 -8.53 6.78
N ILE A 37 6.09 -9.83 6.48
CA ILE A 37 6.11 -10.84 7.53
C ILE A 37 7.23 -10.49 8.49
N GLU A 38 8.41 -10.13 7.94
CA GLU A 38 9.54 -9.76 8.76
C GLU A 38 9.18 -8.56 9.60
N THR A 39 8.45 -7.58 9.01
CA THR A 39 8.03 -6.39 9.75
C THR A 39 7.13 -6.82 10.88
N CYS A 40 6.27 -7.83 10.65
CA CYS A 40 5.37 -8.31 11.69
C CYS A 40 6.22 -8.85 12.83
N LYS A 41 7.29 -9.60 12.51
CA LYS A 41 8.16 -10.16 13.53
C LYS A 41 8.81 -9.03 14.29
N ASN A 42 9.15 -7.94 13.57
CA ASN A 42 9.78 -6.79 14.20
C ASN A 42 8.83 -6.20 15.21
N PHE A 43 7.51 -6.16 14.85
CA PHE A 43 6.51 -5.64 15.75
C PHE A 43 6.36 -6.56 16.94
N GLU A 44 6.47 -7.89 16.68
CA GLU A 44 6.30 -8.88 17.74
C GLU A 44 7.42 -8.73 18.72
N LYS A 45 8.64 -8.48 18.20
CA LYS A 45 9.81 -8.30 19.05
C LYS A 45 9.60 -7.14 19.97
N THR A 46 9.06 -6.00 19.46
CA THR A 46 8.85 -4.86 20.32
C THR A 46 7.79 -5.18 21.34
N GLN A 47 6.68 -5.80 20.90
CA GLN A 47 5.64 -6.16 21.84
C GLN A 47 4.79 -7.24 21.26
N LEU A 48 4.28 -8.12 22.15
CA LEU A 48 3.43 -9.20 21.72
C LEU A 48 2.02 -8.65 21.74
N GLY A 49 1.51 -8.38 22.98
CA GLY A 49 0.18 -7.84 23.14
C GLY A 49 -0.63 -8.85 23.87
N SER A 50 -1.05 -9.91 23.15
CA SER A 50 -1.83 -10.95 23.76
C SER A 50 -1.80 -12.09 22.79
N THR A 51 -2.83 -12.97 22.81
CA THR A 51 -2.85 -14.06 21.87
C THR A 51 -3.16 -13.46 20.54
N MET A 52 -2.21 -13.59 19.58
CA MET A 52 -2.41 -13.01 18.28
C MET A 52 -3.21 -13.95 17.43
N THR A 53 -4.40 -13.48 16.99
CA THR A 53 -5.24 -14.27 16.13
C THR A 53 -4.64 -14.17 14.74
N GLU A 54 -5.12 -15.01 13.81
CA GLU A 54 -4.58 -14.99 12.47
C GLU A 54 -4.98 -13.71 11.71
N PRO A 55 -6.28 -13.31 11.64
CA PRO A 55 -6.63 -12.10 10.89
C PRO A 55 -6.03 -10.84 11.42
N VAL A 56 -5.59 -10.82 12.70
CA VAL A 56 -4.98 -9.63 13.26
C VAL A 56 -3.69 -9.36 12.52
N LYS A 57 -2.86 -10.43 12.33
CA LYS A 57 -1.59 -10.29 11.64
C LYS A 57 -1.87 -9.98 10.19
N GLN A 58 -2.91 -10.62 9.64
CA GLN A 58 -3.28 -10.42 8.25
C GLN A 58 -3.63 -8.97 8.03
N SER A 59 -4.40 -8.38 8.96
CA SER A 59 -4.80 -6.99 8.85
C SER A 59 -3.59 -6.11 9.01
N PHE A 60 -2.66 -6.50 9.91
CA PHE A 60 -1.46 -5.72 10.17
C PHE A 60 -0.65 -5.59 8.90
N ILE A 61 -0.42 -6.71 8.16
CA ILE A 61 0.38 -6.62 6.96
C ILE A 61 -0.43 -5.98 5.87
N ARG A 62 -1.77 -6.13 5.92
CA ARG A 62 -2.64 -5.54 4.92
C ARG A 62 -2.49 -4.03 4.96
N LYS A 63 -2.53 -3.46 6.19
CA LYS A 63 -2.40 -2.03 6.34
C LYS A 63 -1.02 -1.60 5.92
N TYR A 64 0.00 -2.42 6.27
CA TYR A 64 1.39 -2.11 5.95
C TYR A 64 1.54 -2.00 4.45
N ILE A 65 1.00 -3.01 3.70
CA ILE A 65 1.10 -3.02 2.26
C ILE A 65 0.35 -1.83 1.70
N ASN A 66 -0.84 -1.52 2.28
CA ASN A 66 -1.65 -0.42 1.80
C ASN A 66 -0.90 0.88 1.95
N GLN A 67 -0.15 1.06 3.07
CA GLN A 67 0.58 2.30 3.27
C GLN A 67 1.66 2.41 2.22
N LYS A 68 2.32 1.26 1.90
CA LYS A 68 3.37 1.26 0.92
C LYS A 68 2.80 1.64 -0.42
N ALA A 69 1.56 1.19 -0.73
CA ALA A 69 0.94 1.50 -2.00
C ALA A 69 0.74 2.99 -2.12
N LEU A 70 0.35 3.65 -1.01
CA LEU A 70 0.11 5.09 -1.04
C LEU A 70 1.41 5.79 -1.33
N ARG A 71 2.53 5.28 -0.75
CA ARG A 71 3.82 5.91 -0.96
C ARG A 71 4.22 5.71 -2.40
N LYS A 72 3.97 4.50 -2.94
CA LYS A 72 4.34 4.20 -4.30
C LYS A 72 3.60 5.07 -5.26
N ILE A 73 2.28 5.30 -5.03
CA ILE A 73 1.51 6.12 -5.93
C ILE A 73 2.04 7.52 -5.94
N GLN A 74 2.37 8.06 -4.74
CA GLN A 74 2.89 9.41 -4.63
C GLN A 74 4.23 9.47 -5.33
N ALA A 75 5.04 8.42 -5.18
CA ALA A 75 6.36 8.38 -5.78
C ALA A 75 6.23 8.39 -7.28
N LEU A 76 5.21 7.69 -7.82
CA LEU A 76 5.03 7.60 -9.25
C LEU A 76 4.56 8.93 -9.80
N ARG A 77 4.09 9.87 -8.95
CA ARG A 77 3.62 11.13 -9.47
C ARG A 77 4.79 12.07 -9.52
N ASP A 78 5.90 11.68 -8.87
CA ASP A 78 7.08 12.51 -8.81
C ASP A 78 7.75 12.55 -10.16
N VAL A 79 7.46 11.56 -11.04
CA VAL A 79 8.12 11.52 -12.34
C VAL A 79 7.20 12.13 -13.35
N LYS A 80 6.05 12.68 -12.91
CA LYS A 80 5.11 13.29 -13.82
C LYS A 80 5.46 14.75 -13.92
N ASN A 81 6.68 15.04 -14.43
CA ASN A 81 7.11 16.40 -14.57
C ASN A 81 6.24 17.09 -15.58
N ASN A 82 5.87 16.36 -16.66
CA ASN A 82 5.03 16.92 -17.69
C ASN A 82 3.64 16.44 -17.45
N ASN A 83 2.68 17.39 -17.30
CA ASN A 83 1.30 17.03 -17.06
C ASN A 83 0.57 17.12 -18.37
N ASN A 84 1.33 17.27 -19.48
CA ASN A 84 0.72 17.36 -20.78
C ASN A 84 0.63 15.96 -21.33
N ALA A 85 -0.61 15.43 -21.41
CA ALA A 85 -0.81 14.10 -21.93
C ALA A 85 -1.94 14.19 -22.91
N ASN A 86 -1.61 14.28 -24.21
CA ASN A 86 -2.61 14.37 -25.24
C ASN A 86 -2.22 13.40 -26.30
N ASN A 87 -3.21 12.68 -26.87
CA ASN A 87 -2.94 11.71 -27.90
C ASN A 87 -3.11 12.38 -29.23
N ASN A 88 -3.44 13.71 -29.21
CA ASN A 88 -3.64 14.48 -30.42
C ASN A 88 -4.74 13.85 -31.23
N GLY A 89 -5.79 13.35 -30.55
CA GLY A 89 -6.88 12.74 -31.24
C GLY A 89 -7.72 12.02 -30.23
N SER A 90 -8.86 11.47 -30.70
CA SER A 90 -9.75 10.73 -29.83
C SER A 90 -10.10 9.46 -30.53
N ASN A 91 -10.31 8.39 -29.75
CA ASN A 91 -10.65 7.12 -30.34
C ASN A 91 -11.51 6.39 -29.35
N LEU A 92 -12.69 5.93 -29.80
CA LEU A 92 -13.58 5.23 -28.91
C LEU A 92 -14.57 4.43 -29.76
N ASN A 1 -47.33 -2.33 7.64
CA ASN A 1 -47.00 -1.18 8.54
C ASN A 1 -45.59 -1.28 9.04
N ASN A 2 -45.15 -2.52 9.36
CA ASN A 2 -43.81 -2.73 9.85
C ASN A 2 -43.27 -3.97 9.17
N PRO A 3 -42.88 -3.86 7.89
CA PRO A 3 -42.35 -5.01 7.17
C PRO A 3 -40.97 -5.41 7.58
N LEU A 4 -40.29 -4.51 8.36
CA LEU A 4 -38.93 -4.78 8.82
C LEU A 4 -38.03 -4.90 7.62
N GLN A 5 -38.20 -3.97 6.67
CA GLN A 5 -37.38 -4.00 5.48
C GLN A 5 -36.05 -3.38 5.82
N GLN A 6 -34.98 -4.20 5.81
CA GLN A 6 -33.66 -3.70 6.11
C GLN A 6 -32.98 -3.33 4.83
N GLN A 7 -33.67 -3.55 3.68
CA GLN A 7 -33.09 -3.23 2.41
C GLN A 7 -33.35 -1.77 2.15
N SER A 8 -32.63 -0.90 2.89
CA SER A 8 -32.77 0.52 2.74
C SER A 8 -31.40 1.12 2.79
N SER A 9 -30.36 0.30 2.51
CA SER A 9 -29.00 0.80 2.53
C SER A 9 -28.26 0.09 1.46
N GLN A 10 -27.39 0.84 0.74
CA GLN A 10 -26.60 0.25 -0.32
C GLN A 10 -25.21 0.80 -0.17
N ASN A 11 -24.19 0.00 -0.56
CA ASN A 11 -22.84 0.46 -0.45
C ASN A 11 -22.04 -0.30 -1.46
N THR A 12 -21.07 0.39 -2.11
CA THR A 12 -20.24 -0.26 -3.10
C THR A 12 -19.27 -1.17 -2.38
N VAL A 13 -18.65 -2.08 -3.14
CA VAL A 13 -17.71 -3.01 -2.57
C VAL A 13 -16.34 -2.33 -2.59
N PRO A 14 -15.46 -2.65 -1.65
CA PRO A 14 -14.14 -2.04 -1.62
C PRO A 14 -13.13 -2.79 -2.44
N ASN A 15 -13.30 -2.76 -3.78
CA ASN A 15 -12.38 -3.45 -4.65
C ASN A 15 -11.24 -2.52 -4.94
N VAL A 16 -10.39 -2.28 -3.91
CA VAL A 16 -9.25 -1.40 -4.06
C VAL A 16 -8.01 -2.21 -3.90
N LEU A 17 -8.13 -3.42 -3.30
CA LEU A 17 -6.97 -4.25 -3.10
C LEU A 17 -6.73 -5.04 -4.36
N ASN A 18 -7.63 -4.92 -5.35
CA ASN A 18 -7.47 -5.65 -6.58
C ASN A 18 -6.59 -4.84 -7.50
N GLN A 19 -6.28 -3.58 -7.11
CA GLN A 19 -5.45 -2.74 -7.94
C GLN A 19 -4.01 -2.93 -7.51
N ILE A 20 -3.79 -3.76 -6.46
CA ILE A 20 -2.44 -4.00 -5.98
C ILE A 20 -1.64 -4.67 -7.07
N ASN A 21 -2.29 -5.61 -7.80
CA ASN A 21 -1.61 -6.33 -8.85
C ASN A 21 -1.30 -5.41 -10.01
N GLN A 22 -1.94 -4.21 -10.08
CA GLN A 22 -1.68 -3.30 -11.17
C GLN A 22 -0.64 -2.30 -10.74
N ILE A 23 -0.66 -1.90 -9.46
CA ILE A 23 0.30 -0.94 -8.96
C ILE A 23 1.65 -1.60 -8.81
N PHE A 24 1.65 -2.87 -8.34
CA PHE A 24 2.88 -3.59 -8.11
C PHE A 24 2.85 -4.85 -8.91
N SER A 25 4.04 -5.31 -9.36
CA SER A 25 4.11 -6.54 -10.12
C SER A 25 4.05 -7.67 -9.12
N PRO A 26 3.62 -8.88 -9.53
CA PRO A 26 3.53 -10.02 -8.62
C PRO A 26 4.81 -10.37 -7.91
N GLU A 27 5.95 -10.25 -8.63
CA GLU A 27 7.24 -10.55 -8.03
C GLU A 27 7.52 -9.56 -6.92
N GLU A 28 7.16 -8.28 -7.15
CA GLU A 28 7.41 -7.26 -6.17
C GLU A 28 6.49 -7.49 -4.99
N GLN A 29 5.23 -7.87 -5.29
CA GLN A 29 4.25 -8.12 -4.25
C GLN A 29 4.72 -9.26 -3.38
N ARG A 30 5.26 -10.34 -3.99
CA ARG A 30 5.73 -11.47 -3.22
C ARG A 30 6.84 -11.04 -2.28
N SER A 31 7.80 -10.23 -2.77
CA SER A 31 8.90 -9.80 -1.93
C SER A 31 8.37 -8.92 -0.82
N LEU A 32 7.41 -8.03 -1.17
CA LEU A 32 6.83 -7.13 -0.19
C LEU A 32 6.13 -7.92 0.87
N LEU A 33 5.44 -9.03 0.50
CA LEU A 33 4.74 -9.84 1.46
C LEU A 33 5.73 -10.42 2.45
N GLN A 34 6.90 -10.89 1.95
CA GLN A 34 7.91 -11.46 2.82
C GLN A 34 8.40 -10.39 3.77
N GLU A 35 8.58 -9.16 3.27
CA GLU A 35 9.05 -8.08 4.11
C GLU A 35 8.01 -7.78 5.16
N ALA A 36 6.72 -7.84 4.78
CA ALA A 36 5.64 -7.59 5.70
C ALA A 36 5.68 -8.60 6.83
N ILE A 37 5.99 -9.88 6.52
CA ILE A 37 6.06 -10.90 7.56
C ILE A 37 7.17 -10.53 8.51
N GLU A 38 8.34 -10.14 7.95
CA GLU A 38 9.47 -9.74 8.77
C GLU A 38 9.07 -8.56 9.63
N THR A 39 8.29 -7.61 9.07
CA THR A 39 7.83 -6.46 9.84
C THR A 39 6.98 -6.94 10.99
N CYS A 40 6.15 -7.97 10.76
CA CYS A 40 5.31 -8.50 11.82
C CYS A 40 6.18 -9.03 12.94
N LYS A 41 7.29 -9.71 12.60
CA LYS A 41 8.19 -10.26 13.61
C LYS A 41 8.82 -9.12 14.40
N ASN A 42 8.99 -7.95 13.75
CA ASN A 42 9.58 -6.82 14.43
C ASN A 42 8.63 -6.37 15.51
N PHE A 43 7.31 -6.38 15.19
CA PHE A 43 6.31 -5.98 16.15
C PHE A 43 6.22 -7.04 17.22
N GLU A 44 6.35 -8.32 16.82
CA GLU A 44 6.26 -9.45 17.74
C GLU A 44 7.35 -9.33 18.78
N LYS A 45 8.59 -9.07 18.33
CA LYS A 45 9.70 -8.94 19.25
C LYS A 45 9.46 -7.77 20.18
N THR A 46 8.88 -6.67 19.67
CA THR A 46 8.64 -5.51 20.51
C THR A 46 7.62 -5.85 21.57
N GLN A 47 6.49 -6.52 21.19
CA GLN A 47 5.51 -6.85 22.19
C GLN A 47 4.61 -7.96 21.69
N LEU A 48 4.34 -8.93 22.59
CA LEU A 48 3.47 -10.03 22.26
C LEU A 48 3.05 -10.63 23.58
N GLY A 49 1.72 -10.61 23.88
CA GLY A 49 1.23 -11.13 25.14
C GLY A 49 0.82 -12.57 24.96
N SER A 50 1.62 -13.35 24.20
CA SER A 50 1.34 -14.75 23.93
C SER A 50 -0.03 -14.93 23.32
N THR A 51 -0.51 -13.91 22.57
CA THR A 51 -1.80 -14.02 21.94
C THR A 51 -1.74 -13.20 20.70
N MET A 52 -2.23 -13.74 19.57
CA MET A 52 -2.22 -13.00 18.34
C MET A 52 -3.40 -13.46 17.54
N THR A 53 -4.25 -12.49 17.15
CA THR A 53 -5.41 -12.82 16.35
C THR A 53 -4.98 -12.85 14.92
N GLU A 54 -5.73 -13.58 14.07
CA GLU A 54 -5.37 -13.68 12.67
C GLU A 54 -5.72 -12.39 11.90
N PRO A 55 -6.97 -11.85 11.96
CA PRO A 55 -7.27 -10.63 11.21
C PRO A 55 -6.47 -9.43 11.61
N VAL A 56 -5.86 -9.44 12.82
CA VAL A 56 -5.06 -8.32 13.25
C VAL A 56 -3.87 -8.21 12.33
N LYS A 57 -3.23 -9.36 12.01
CA LYS A 57 -2.07 -9.35 11.13
C LYS A 57 -2.52 -8.96 9.74
N GLN A 58 -3.68 -9.48 9.31
CA GLN A 58 -4.19 -9.19 7.98
C GLN A 58 -4.45 -7.71 7.85
N SER A 59 -5.03 -7.09 8.89
CA SER A 59 -5.31 -5.67 8.87
C SER A 59 -4.00 -4.93 8.88
N PHE A 60 -3.02 -5.43 9.66
CA PHE A 60 -1.73 -4.79 9.78
C PHE A 60 -1.05 -4.72 8.43
N ILE A 61 -1.04 -5.83 7.66
CA ILE A 61 -0.36 -5.80 6.38
C ILE A 61 -1.21 -5.04 5.39
N ARG A 62 -2.55 -5.06 5.59
CA ARG A 62 -3.45 -4.35 4.71
C ARG A 62 -3.15 -2.87 4.79
N LYS A 63 -2.97 -2.36 6.02
CA LYS A 63 -2.67 -0.96 6.22
C LYS A 63 -1.29 -0.67 5.73
N TYR A 64 -0.33 -1.60 5.99
CA TYR A 64 1.05 -1.42 5.60
C TYR A 64 1.18 -1.29 4.10
N ILE A 65 0.55 -2.20 3.33
CA ILE A 65 0.65 -2.14 1.89
C ILE A 65 -0.15 -0.98 1.37
N ASN A 66 -1.24 -0.59 2.09
CA ASN A 66 -2.05 0.52 1.63
C ASN A 66 -1.24 1.79 1.68
N GLN A 67 -0.47 1.99 2.76
CA GLN A 67 0.32 3.21 2.89
C GLN A 67 1.41 3.21 1.85
N LYS A 68 2.04 2.04 1.60
CA LYS A 68 3.12 1.98 0.63
C LYS A 68 2.57 2.28 -0.73
N ALA A 69 1.40 1.71 -1.07
CA ALA A 69 0.81 1.91 -2.36
C ALA A 69 0.45 3.36 -2.52
N LEU A 70 -0.08 3.99 -1.44
CA LEU A 70 -0.48 5.38 -1.50
C LEU A 70 0.73 6.24 -1.78
N ARG A 71 1.86 5.97 -1.09
CA ARG A 71 3.05 6.78 -1.29
C ARG A 71 3.58 6.55 -2.68
N LYS A 72 3.54 5.30 -3.18
CA LYS A 72 4.05 5.00 -4.50
C LYS A 72 3.24 5.74 -5.53
N ILE A 73 1.90 5.71 -5.40
CA ILE A 73 1.02 6.37 -6.35
C ILE A 73 1.28 7.86 -6.30
N GLN A 74 1.45 8.40 -5.07
CA GLN A 74 1.69 9.83 -4.92
C GLN A 74 2.98 10.21 -5.60
N ALA A 75 4.00 9.32 -5.53
CA ALA A 75 5.27 9.61 -6.13
C ALA A 75 5.14 9.57 -7.63
N LEU A 76 4.17 8.79 -8.14
CA LEU A 76 3.97 8.66 -9.57
C LEU A 76 3.20 9.86 -10.08
N ARG A 77 2.62 10.69 -9.19
CA ARG A 77 1.86 11.83 -9.64
C ARG A 77 2.82 12.98 -9.80
N ASP A 78 3.91 12.97 -9.00
CA ASP A 78 4.88 14.04 -9.04
C ASP A 78 5.96 13.72 -10.04
N VAL A 79 5.98 12.46 -10.57
CA VAL A 79 7.00 12.08 -11.51
C VAL A 79 6.33 11.40 -12.64
N LYS A 80 6.52 11.92 -13.88
CA LYS A 80 5.90 11.33 -15.05
C LYS A 80 6.97 11.25 -16.10
N ASN A 81 7.04 10.11 -16.82
CA ASN A 81 8.05 9.96 -17.84
C ASN A 81 7.49 10.51 -19.11
N ASN A 82 8.31 11.32 -19.82
CA ASN A 82 7.88 11.91 -21.06
C ASN A 82 8.27 10.96 -22.15
N ASN A 83 7.29 10.18 -22.67
CA ASN A 83 7.55 9.24 -23.73
C ASN A 83 6.50 9.47 -24.77
N ASN A 84 6.89 9.33 -26.06
CA ASN A 84 5.97 9.54 -27.15
C ASN A 84 5.56 8.19 -27.65
N ALA A 85 4.22 8.02 -27.88
CA ALA A 85 3.69 6.77 -28.37
C ALA A 85 3.93 5.69 -27.34
N ASN A 86 3.71 6.05 -26.04
CA ASN A 86 3.90 5.11 -24.94
C ASN A 86 5.34 4.65 -24.93
N ASN A 87 5.55 3.33 -24.67
CA ASN A 87 6.90 2.80 -24.64
C ASN A 87 7.49 2.87 -26.02
N ASN A 88 6.67 2.55 -27.04
CA ASN A 88 7.16 2.59 -28.40
C ASN A 88 5.96 2.46 -29.29
N GLY A 89 6.02 3.10 -30.48
CA GLY A 89 4.93 3.05 -31.42
C GLY A 89 5.22 1.94 -32.38
N SER A 90 4.23 1.03 -32.57
CA SER A 90 4.42 -0.06 -33.48
C SER A 90 4.17 0.46 -34.87
N ASN A 91 5.06 0.10 -35.81
CA ASN A 91 4.92 0.55 -37.18
C ASN A 91 4.10 -0.48 -37.90
N LEU A 92 2.82 -0.14 -38.18
CA LEU A 92 1.97 -1.07 -38.87
C LEU A 92 0.97 -0.23 -39.68
N ASN A 1 12.11 33.02 -3.02
CA ASN A 1 10.68 33.04 -2.62
C ASN A 1 10.06 31.69 -2.87
N ASN A 2 10.66 30.63 -2.26
CA ASN A 2 10.15 29.29 -2.42
C ASN A 2 10.16 28.67 -1.03
N PRO A 3 9.29 27.70 -0.77
CA PRO A 3 9.25 27.08 0.55
C PRO A 3 10.40 26.14 0.79
N LEU A 4 10.73 25.92 2.08
CA LEU A 4 11.83 25.03 2.41
C LEU A 4 11.42 23.63 2.05
N GLN A 5 10.14 23.29 2.29
CA GLN A 5 9.65 21.99 1.99
C GLN A 5 8.17 22.13 1.82
N GLN A 6 7.53 21.11 1.18
CA GLN A 6 6.11 21.16 0.96
C GLN A 6 5.58 19.77 1.13
N GLN A 7 4.66 19.59 2.09
CA GLN A 7 4.06 18.30 2.34
C GLN A 7 2.58 18.50 2.27
N SER A 8 1.85 17.46 1.81
CA SER A 8 0.42 17.57 1.70
C SER A 8 -0.14 16.19 1.70
N SER A 9 -1.31 16.01 2.36
CA SER A 9 -1.96 14.72 2.42
C SER A 9 -3.38 14.93 1.98
N GLN A 10 -3.94 13.95 1.25
CA GLN A 10 -5.30 14.07 0.79
C GLN A 10 -5.90 12.69 0.83
N ASN A 11 -7.00 12.53 1.60
CA ASN A 11 -7.65 11.24 1.73
C ASN A 11 -8.99 11.30 1.05
N THR A 12 -9.20 12.32 0.18
CA THR A 12 -10.45 12.47 -0.52
C THR A 12 -10.27 12.00 -1.94
N VAL A 13 -9.24 11.15 -2.17
CA VAL A 13 -8.97 10.63 -3.49
C VAL A 13 -9.03 9.12 -3.41
N PRO A 14 -10.22 8.54 -3.47
CA PRO A 14 -10.35 7.08 -3.41
C PRO A 14 -9.94 6.43 -4.69
N ASN A 15 -9.61 5.12 -4.63
CA ASN A 15 -9.18 4.42 -5.80
C ASN A 15 -9.61 3.00 -5.65
N VAL A 16 -9.47 2.20 -6.74
CA VAL A 16 -9.85 0.82 -6.70
C VAL A 16 -8.73 0.06 -6.05
N LEU A 17 -9.07 -0.73 -5.00
CA LEU A 17 -8.07 -1.49 -4.28
C LEU A 17 -7.54 -2.59 -5.16
N ASN A 18 -8.35 -3.07 -6.14
CA ASN A 18 -7.92 -4.14 -7.00
C ASN A 18 -6.95 -3.60 -8.03
N GLN A 19 -6.77 -2.26 -8.09
CA GLN A 19 -5.85 -1.68 -9.05
C GLN A 19 -4.44 -1.90 -8.56
N ILE A 20 -4.30 -2.29 -7.26
CA ILE A 20 -2.99 -2.52 -6.67
C ILE A 20 -2.27 -3.64 -7.39
N ASN A 21 -3.03 -4.53 -8.07
CA ASN A 21 -2.44 -5.64 -8.78
C ASN A 21 -1.57 -5.11 -9.90
N GLN A 22 -1.99 -4.00 -10.57
CA GLN A 22 -1.21 -3.45 -11.65
C GLN A 22 -0.21 -2.46 -11.13
N ILE A 23 -0.39 -1.97 -9.88
CA ILE A 23 0.55 -1.00 -9.33
C ILE A 23 1.86 -1.69 -9.07
N PHE A 24 1.80 -2.93 -8.53
CA PHE A 24 3.01 -3.65 -8.18
C PHE A 24 3.02 -4.95 -8.93
N SER A 25 4.22 -5.35 -9.40
CA SER A 25 4.36 -6.60 -10.11
C SER A 25 4.22 -7.68 -9.07
N PRO A 26 3.82 -8.91 -9.44
CA PRO A 26 3.65 -9.97 -8.46
C PRO A 26 4.91 -10.32 -7.72
N GLU A 27 6.08 -10.20 -8.39
CA GLU A 27 7.34 -10.48 -7.73
C GLU A 27 7.55 -9.47 -6.63
N GLU A 28 7.16 -8.20 -6.90
CA GLU A 28 7.32 -7.15 -5.92
C GLU A 28 6.35 -7.38 -4.80
N GLN A 29 5.10 -7.79 -5.17
CA GLN A 29 4.06 -8.03 -4.18
C GLN A 29 4.49 -9.12 -3.24
N ARG A 30 5.09 -10.22 -3.77
CA ARG A 30 5.53 -11.30 -2.91
C ARG A 30 6.61 -10.81 -1.99
N SER A 31 7.53 -9.95 -2.49
CA SER A 31 8.61 -9.45 -1.67
C SER A 31 8.03 -8.60 -0.56
N LEU A 32 7.04 -7.74 -0.90
CA LEU A 32 6.43 -6.87 0.09
C LEU A 32 5.76 -7.69 1.16
N LEU A 33 5.08 -8.80 0.78
CA LEU A 33 4.40 -9.63 1.75
C LEU A 33 5.43 -10.23 2.68
N GLN A 34 6.57 -10.70 2.14
CA GLN A 34 7.60 -11.30 2.96
C GLN A 34 8.17 -10.26 3.89
N GLU A 35 8.36 -9.02 3.38
CA GLU A 35 8.91 -7.95 4.19
C GLU A 35 7.95 -7.64 5.31
N ALA A 36 6.63 -7.61 4.99
CA ALA A 36 5.62 -7.33 5.99
C ALA A 36 5.68 -8.35 7.11
N ILE A 37 5.93 -9.64 6.77
CA ILE A 37 6.02 -10.68 7.79
C ILE A 37 7.20 -10.37 8.68
N GLU A 38 8.35 -9.99 8.05
CA GLU A 38 9.54 -9.65 8.80
C GLU A 38 9.24 -8.48 9.72
N THR A 39 8.50 -7.46 9.21
CA THR A 39 8.13 -6.31 10.02
C THR A 39 7.31 -6.76 11.19
N CYS A 40 6.41 -7.75 10.97
CA CYS A 40 5.58 -8.25 12.05
C CYS A 40 6.47 -8.84 13.12
N LYS A 41 7.52 -9.59 12.72
CA LYS A 41 8.44 -10.19 13.67
C LYS A 41 9.16 -9.08 14.42
N ASN A 42 9.46 -7.98 13.71
CA ASN A 42 10.15 -6.85 14.33
C ASN A 42 9.24 -6.30 15.41
N PHE A 43 7.92 -6.25 15.13
CA PHE A 43 6.96 -5.75 16.10
C PHE A 43 6.89 -6.72 17.25
N GLU A 44 6.99 -8.04 16.96
CA GLU A 44 6.88 -9.06 17.98
C GLU A 44 8.04 -8.91 18.93
N LYS A 45 9.25 -8.63 18.38
CA LYS A 45 10.43 -8.46 19.20
C LYS A 45 10.23 -7.30 20.15
N THR A 46 9.62 -6.18 19.69
CA THR A 46 9.43 -5.05 20.58
C THR A 46 8.42 -5.42 21.63
N GLN A 47 7.30 -6.07 21.22
CA GLN A 47 6.32 -6.46 22.19
C GLN A 47 5.52 -7.60 21.64
N LEU A 48 5.08 -8.50 22.53
CA LEU A 48 4.29 -9.66 22.13
C LEU A 48 2.87 -9.37 22.50
N GLY A 49 2.03 -10.43 22.52
CA GLY A 49 0.65 -10.25 22.86
C GLY A 49 0.15 -11.57 23.33
N SER A 50 -0.98 -11.55 24.08
CA SER A 50 -1.54 -12.78 24.61
C SER A 50 -2.71 -13.14 23.73
N THR A 51 -2.68 -14.40 23.20
CA THR A 51 -3.74 -14.91 22.33
C THR A 51 -3.88 -13.99 21.14
N MET A 52 -2.79 -13.82 20.37
CA MET A 52 -2.86 -12.98 19.20
C MET A 52 -3.66 -13.70 18.16
N THR A 53 -4.69 -13.02 17.63
CA THR A 53 -5.54 -13.63 16.62
C THR A 53 -4.86 -13.47 15.30
N GLU A 54 -5.17 -14.38 14.34
CA GLU A 54 -4.56 -14.34 13.04
C GLU A 54 -4.99 -13.10 12.24
N PRO A 55 -6.30 -12.73 12.17
CA PRO A 55 -6.73 -11.53 11.42
C PRO A 55 -6.01 -10.27 11.78
N VAL A 56 -5.48 -10.16 13.02
CA VAL A 56 -4.77 -8.97 13.41
C VAL A 56 -3.53 -8.86 12.56
N LYS A 57 -2.81 -9.98 12.36
CA LYS A 57 -1.61 -9.98 11.56
C LYS A 57 -1.97 -9.71 10.12
N GLN A 58 -3.09 -10.31 9.67
CA GLN A 58 -3.53 -10.14 8.30
C GLN A 58 -3.85 -8.69 8.04
N SER A 59 -4.50 -8.00 9.00
CA SER A 59 -4.85 -6.62 8.80
C SER A 59 -3.59 -5.78 8.86
N PHE A 60 -2.60 -6.21 9.66
CA PHE A 60 -1.34 -5.49 9.78
C PHE A 60 -0.66 -5.47 8.44
N ILE A 61 -0.60 -6.63 7.76
CA ILE A 61 0.06 -6.72 6.48
C ILE A 61 -0.74 -5.94 5.46
N ARG A 62 -2.08 -6.04 5.55
CA ARG A 62 -2.97 -5.36 4.62
C ARG A 62 -2.75 -3.88 4.69
N LYS A 63 -2.69 -3.31 5.91
CA LYS A 63 -2.49 -1.88 6.07
C LYS A 63 -1.12 -1.51 5.56
N TYR A 64 -0.12 -2.38 5.80
CA TYR A 64 1.25 -2.12 5.38
C TYR A 64 1.31 -1.98 3.88
N ILE A 65 0.71 -2.92 3.13
CA ILE A 65 0.79 -2.86 1.67
C ILE A 65 -0.09 -1.74 1.17
N ASN A 66 -1.16 -1.37 1.90
CA ASN A 66 -2.02 -0.31 1.44
C ASN A 66 -1.28 1.00 1.57
N GLN A 67 -0.50 1.15 2.66
CA GLN A 67 0.24 2.38 2.88
C GLN A 67 1.29 2.49 1.82
N LYS A 68 1.95 1.36 1.47
CA LYS A 68 3.00 1.36 0.47
C LYS A 68 2.41 1.78 -0.85
N ALA A 69 1.21 1.26 -1.20
CA ALA A 69 0.58 1.60 -2.46
C ALA A 69 0.25 3.07 -2.49
N LEU A 70 -0.24 3.62 -1.35
CA LEU A 70 -0.60 5.02 -1.30
C LEU A 70 0.63 5.88 -1.44
N ARG A 71 1.75 5.46 -0.82
CA ARG A 71 2.95 6.24 -0.90
C ARG A 71 3.47 6.21 -2.32
N LYS A 72 3.47 5.01 -2.94
CA LYS A 72 3.98 4.86 -4.29
C LYS A 72 3.14 5.65 -5.27
N ILE A 73 1.79 5.55 -5.19
CA ILE A 73 0.96 6.27 -6.14
C ILE A 73 1.07 7.75 -5.89
N GLN A 74 1.31 8.17 -4.63
CA GLN A 74 1.43 9.58 -4.32
C GLN A 74 2.67 10.10 -5.02
N ALA A 75 3.75 9.30 -5.03
CA ALA A 75 4.99 9.70 -5.65
C ALA A 75 4.77 9.83 -7.15
N LEU A 76 3.79 9.07 -7.70
CA LEU A 76 3.53 9.11 -9.11
C LEU A 76 2.65 10.30 -9.42
N ARG A 77 2.11 10.97 -8.39
CA ARG A 77 1.23 12.09 -8.61
C ARG A 77 2.09 13.31 -8.74
N ASP A 78 3.37 13.20 -8.27
CA ASP A 78 4.28 14.32 -8.30
C ASP A 78 4.77 14.55 -9.71
N VAL A 79 4.48 13.62 -10.65
CA VAL A 79 4.94 13.77 -12.02
C VAL A 79 3.75 13.46 -12.89
N LYS A 80 3.81 13.92 -14.17
CA LYS A 80 2.72 13.68 -15.12
C LYS A 80 1.46 14.30 -14.57
N ASN A 81 1.51 15.63 -14.30
CA ASN A 81 0.37 16.31 -13.75
C ASN A 81 -0.45 16.80 -14.91
N ASN A 82 -1.60 16.16 -15.14
CA ASN A 82 -2.46 16.55 -16.23
C ASN A 82 -3.86 16.29 -15.78
N ASN A 83 -4.75 17.29 -15.95
CA ASN A 83 -6.13 17.13 -15.54
C ASN A 83 -6.83 16.32 -16.59
N ASN A 84 -7.69 15.38 -16.15
CA ASN A 84 -8.40 14.55 -17.09
C ASN A 84 -9.63 14.06 -16.38
N ALA A 85 -10.52 13.35 -17.11
CA ALA A 85 -11.72 12.84 -16.50
C ALA A 85 -12.02 11.52 -17.14
N ASN A 86 -12.51 10.57 -16.33
CA ASN A 86 -12.85 9.27 -16.82
C ASN A 86 -13.78 8.66 -15.81
N ASN A 87 -14.74 7.82 -16.30
CA ASN A 87 -15.71 7.18 -15.43
C ASN A 87 -16.48 8.24 -14.69
N ASN A 88 -16.86 9.33 -15.40
CA ASN A 88 -17.59 10.41 -14.78
C ASN A 88 -19.06 10.13 -14.90
N GLY A 89 -19.43 8.88 -15.30
CA GLY A 89 -20.83 8.53 -15.42
C GLY A 89 -21.45 8.58 -14.05
N SER A 90 -20.71 8.12 -13.02
CA SER A 90 -21.21 8.14 -11.68
C SER A 90 -20.85 9.48 -11.10
N ASN A 91 -21.74 10.04 -10.26
CA ASN A 91 -21.47 11.33 -9.67
C ASN A 91 -20.71 11.12 -8.39
N LEU A 92 -19.49 10.54 -8.51
CA LEU A 92 -18.67 10.30 -7.36
C LEU A 92 -17.22 10.59 -7.75
N ASN A 1 8.98 14.62 19.51
CA ASN A 1 7.58 15.11 19.49
C ASN A 1 6.95 14.88 18.14
N ASN A 2 6.56 13.61 17.86
CA ASN A 2 5.95 13.28 16.60
C ASN A 2 4.68 12.49 16.88
N PRO A 3 3.63 13.14 17.35
CA PRO A 3 2.38 12.45 17.64
C PRO A 3 1.52 12.30 16.43
N LEU A 4 1.95 11.41 15.50
CA LEU A 4 1.22 11.16 14.27
C LEU A 4 1.17 12.44 13.47
N GLN A 5 2.36 13.01 13.20
CA GLN A 5 2.42 14.24 12.47
C GLN A 5 2.43 13.91 11.01
N GLN A 6 1.42 14.40 10.28
CA GLN A 6 1.32 14.16 8.86
C GLN A 6 1.01 15.48 8.22
N GLN A 7 1.30 15.61 6.90
CA GLN A 7 1.04 16.84 6.20
C GLN A 7 -0.45 17.04 6.17
N SER A 8 -1.19 15.95 5.92
CA SER A 8 -2.62 16.02 5.87
C SER A 8 -3.13 14.68 6.30
N SER A 9 -4.22 14.68 7.11
CA SER A 9 -4.79 13.44 7.59
C SER A 9 -6.20 13.38 7.09
N GLN A 10 -6.59 12.22 6.52
CA GLN A 10 -7.93 12.04 6.00
C GLN A 10 -8.40 10.69 6.47
N ASN A 11 -9.72 10.55 6.67
CA ASN A 11 -10.27 9.28 7.12
C ASN A 11 -10.76 8.53 5.92
N THR A 12 -10.51 9.07 4.70
CA THR A 12 -10.94 8.42 3.48
C THR A 12 -9.76 8.38 2.55
N VAL A 13 -9.62 7.25 1.83
CA VAL A 13 -8.53 7.13 0.88
C VAL A 13 -9.01 6.11 -0.16
N PRO A 14 -8.73 6.31 -1.46
CA PRO A 14 -9.14 5.34 -2.46
C PRO A 14 -8.08 4.33 -2.78
N ASN A 15 -8.27 3.08 -2.31
CA ASN A 15 -7.32 2.02 -2.57
C ASN A 15 -8.10 0.84 -3.07
N VAL A 16 -7.99 0.54 -4.38
CA VAL A 16 -8.69 -0.58 -4.94
C VAL A 16 -7.75 -1.75 -4.89
N LEU A 17 -8.23 -2.88 -4.32
CA LEU A 17 -7.40 -4.05 -4.18
C LEU A 17 -7.04 -4.59 -5.55
N ASN A 18 -7.99 -4.52 -6.50
CA ASN A 18 -7.74 -5.05 -7.83
C ASN A 18 -6.67 -4.23 -8.53
N GLN A 19 -6.47 -2.96 -8.14
CA GLN A 19 -5.49 -2.13 -8.82
C GLN A 19 -4.12 -2.36 -8.21
N ILE A 20 -4.03 -3.16 -7.12
CA ILE A 20 -2.76 -3.42 -6.48
C ILE A 20 -1.87 -4.15 -7.46
N ASN A 21 -2.46 -5.08 -8.25
CA ASN A 21 -1.70 -5.85 -9.20
C ASN A 21 -1.14 -4.94 -10.27
N GLN A 22 -1.75 -3.74 -10.49
CA GLN A 22 -1.25 -2.85 -11.51
C GLN A 22 -0.20 -1.96 -10.91
N ILE A 23 -0.35 -1.60 -9.61
CA ILE A 23 0.60 -0.72 -8.96
C ILE A 23 1.89 -1.46 -8.72
N PHE A 24 1.78 -2.74 -8.30
CA PHE A 24 2.96 -3.53 -7.99
C PHE A 24 2.91 -4.79 -8.79
N SER A 25 4.10 -5.28 -9.20
CA SER A 25 4.19 -6.50 -9.98
C SER A 25 4.11 -7.64 -8.98
N PRO A 26 3.68 -8.84 -9.40
CA PRO A 26 3.60 -9.99 -8.48
C PRO A 26 4.89 -10.33 -7.77
N GLU A 27 6.03 -10.21 -8.49
CA GLU A 27 7.32 -10.50 -7.88
C GLU A 27 7.59 -9.49 -6.80
N GLU A 28 7.18 -8.23 -7.03
CA GLU A 28 7.42 -7.19 -6.06
C GLU A 28 6.53 -7.44 -4.87
N GLN A 29 5.27 -7.84 -5.15
CA GLN A 29 4.32 -8.13 -4.09
C GLN A 29 4.82 -9.25 -3.23
N ARG A 30 5.41 -10.31 -3.85
CA ARG A 30 5.92 -11.44 -3.08
C ARG A 30 7.01 -10.96 -2.14
N SER A 31 7.92 -10.09 -2.63
CA SER A 31 9.00 -9.61 -1.79
C SER A 31 8.41 -8.77 -0.69
N LEU A 32 7.41 -7.93 -1.03
CA LEU A 32 6.77 -7.06 -0.07
C LEU A 32 6.14 -7.87 1.03
N LEU A 33 5.47 -9.00 0.68
CA LEU A 33 4.84 -9.82 1.69
C LEU A 33 5.89 -10.40 2.59
N GLN A 34 7.04 -10.83 2.02
CA GLN A 34 8.11 -11.39 2.83
C GLN A 34 8.64 -10.35 3.77
N GLU A 35 8.78 -9.09 3.28
CA GLU A 35 9.27 -8.02 4.12
C GLU A 35 8.28 -7.76 5.22
N ALA A 36 6.97 -7.83 4.89
CA ALA A 36 5.92 -7.62 5.86
C ALA A 36 6.03 -8.63 6.99
N ILE A 37 6.38 -9.90 6.67
CA ILE A 37 6.51 -10.91 7.71
C ILE A 37 7.64 -10.50 8.62
N GLU A 38 8.77 -10.05 8.01
CA GLU A 38 9.91 -9.60 8.78
C GLU A 38 9.48 -8.45 9.67
N THR A 39 8.67 -7.52 9.14
CA THR A 39 8.18 -6.39 9.92
C THR A 39 7.37 -6.89 11.09
N CYS A 40 6.57 -7.95 10.88
CA CYS A 40 5.77 -8.50 11.96
C CYS A 40 6.70 -9.03 13.03
N LYS A 41 7.81 -9.69 12.62
CA LYS A 41 8.76 -10.23 13.56
C LYS A 41 9.41 -9.09 14.32
N ASN A 42 9.59 -7.94 13.65
CA ASN A 42 10.19 -6.78 14.29
C ASN A 42 9.28 -6.33 15.42
N PHE A 43 7.95 -6.37 15.19
CA PHE A 43 6.99 -5.96 16.20
C PHE A 43 6.98 -6.99 17.30
N GLU A 44 7.10 -8.28 16.93
CA GLU A 44 7.06 -9.36 17.91
C GLU A 44 8.26 -9.23 18.82
N LYS A 45 9.42 -8.91 18.23
CA LYS A 45 10.64 -8.74 19.00
C LYS A 45 10.44 -7.64 20.00
N THR A 46 9.79 -6.53 19.60
CA THR A 46 9.58 -5.44 20.52
C THR A 46 8.66 -5.90 21.62
N GLN A 47 7.56 -6.60 21.27
CA GLN A 47 6.67 -7.09 22.29
C GLN A 47 5.89 -8.26 21.76
N LEU A 48 5.71 -9.29 22.62
CA LEU A 48 4.96 -10.45 22.23
C LEU A 48 4.78 -11.27 23.49
N GLY A 49 3.52 -11.48 23.91
CA GLY A 49 3.29 -12.27 25.09
C GLY A 49 1.87 -12.09 25.51
N SER A 50 0.93 -12.21 24.56
CA SER A 50 -0.46 -12.05 24.90
C SER A 50 -1.25 -12.96 23.99
N THR A 51 -2.10 -12.39 23.11
CA THR A 51 -2.88 -13.21 22.21
C THR A 51 -3.19 -12.35 21.03
N MET A 52 -3.35 -12.98 19.84
CA MET A 52 -3.65 -12.20 18.67
C MET A 52 -4.39 -13.09 17.72
N THR A 53 -5.52 -12.57 17.18
CA THR A 53 -6.32 -13.33 16.25
C THR A 53 -5.71 -13.16 14.89
N GLU A 54 -6.07 -14.02 13.91
CA GLU A 54 -5.49 -13.92 12.59
C GLU A 54 -5.97 -12.66 11.84
N PRO A 55 -7.29 -12.32 11.82
CA PRO A 55 -7.75 -11.10 11.13
C PRO A 55 -7.04 -9.84 11.55
N VAL A 56 -6.53 -9.78 12.80
CA VAL A 56 -5.81 -8.61 13.25
C VAL A 56 -4.56 -8.47 12.41
N LYS A 57 -3.83 -9.60 12.22
CA LYS A 57 -2.61 -9.58 11.43
C LYS A 57 -2.96 -9.30 10.00
N GLN A 58 -4.09 -9.88 9.54
CA GLN A 58 -4.53 -9.69 8.16
C GLN A 58 -4.78 -8.23 7.92
N SER A 59 -5.43 -7.55 8.88
CA SER A 59 -5.72 -6.13 8.75
C SER A 59 -4.43 -5.37 8.72
N PHE A 60 -3.44 -5.80 9.53
CA PHE A 60 -2.15 -5.13 9.59
C PHE A 60 -1.49 -5.18 8.24
N ILE A 61 -1.52 -6.35 7.56
CA ILE A 61 -0.86 -6.48 6.27
C ILE A 61 -1.59 -5.62 5.26
N ARG A 62 -2.95 -5.63 5.31
CA ARG A 62 -3.73 -4.86 4.36
C ARG A 62 -3.45 -3.39 4.52
N LYS A 63 -3.37 -2.91 5.78
CA LYS A 63 -3.11 -1.49 6.01
C LYS A 63 -1.70 -1.17 5.60
N TYR A 64 -0.75 -2.07 5.89
CA TYR A 64 0.65 -1.87 5.57
C TYR A 64 0.81 -1.72 4.07
N ILE A 65 0.22 -2.66 3.29
CA ILE A 65 0.34 -2.63 1.85
C ILE A 65 -0.33 -1.39 1.30
N ASN A 66 -1.56 -1.08 1.78
CA ASN A 66 -2.29 0.06 1.27
C ASN A 66 -1.57 1.35 1.58
N GLN A 67 -0.95 1.46 2.77
CA GLN A 67 -0.26 2.69 3.13
C GLN A 67 0.90 2.91 2.20
N LYS A 68 1.71 1.87 1.96
CA LYS A 68 2.85 2.00 1.09
C LYS A 68 2.40 2.27 -0.31
N ALA A 69 1.28 1.62 -0.74
CA ALA A 69 0.77 1.81 -2.07
C ALA A 69 0.36 3.26 -2.25
N LEU A 70 -0.26 3.84 -1.21
CA LEU A 70 -0.70 5.22 -1.28
C LEU A 70 0.50 6.12 -1.46
N ARG A 71 1.59 5.84 -0.72
CA ARG A 71 2.77 6.67 -0.80
C ARG A 71 3.38 6.52 -2.18
N LYS A 72 3.39 5.29 -2.71
CA LYS A 72 3.97 5.04 -4.02
C LYS A 72 3.18 5.78 -5.07
N ILE A 73 1.83 5.72 -4.99
CA ILE A 73 1.00 6.38 -5.98
C ILE A 73 1.23 7.87 -5.90
N GLN A 74 1.30 8.43 -4.67
CA GLN A 74 1.50 9.86 -4.50
C GLN A 74 2.85 10.26 -5.07
N ALA A 75 3.88 9.42 -4.85
CA ALA A 75 5.21 9.74 -5.33
C ALA A 75 5.25 9.59 -6.83
N LEU A 76 4.35 8.75 -7.39
CA LEU A 76 4.33 8.52 -8.81
C LEU A 76 3.75 9.71 -9.53
N ARG A 77 3.08 10.64 -8.79
CA ARG A 77 2.49 11.78 -9.44
C ARG A 77 3.53 12.87 -9.45
N ASP A 78 4.61 12.68 -8.65
CA ASP A 78 5.65 13.67 -8.56
C ASP A 78 6.70 13.37 -9.59
N VAL A 79 6.63 12.17 -10.23
CA VAL A 79 7.62 11.79 -11.21
C VAL A 79 7.50 12.74 -12.38
N LYS A 80 6.27 12.98 -12.86
CA LYS A 80 6.08 13.89 -13.96
C LYS A 80 4.68 14.41 -13.84
N ASN A 81 4.51 15.74 -14.01
CA ASN A 81 3.19 16.33 -13.93
C ASN A 81 2.51 16.14 -15.25
N ASN A 82 2.10 14.89 -15.54
CA ASN A 82 1.43 14.58 -16.79
C ASN A 82 0.06 15.22 -16.74
N ASN A 83 -0.55 15.26 -15.52
CA ASN A 83 -1.87 15.84 -15.33
C ASN A 83 -2.87 15.10 -16.16
N ASN A 84 -2.84 13.76 -16.09
CA ASN A 84 -3.77 12.97 -16.85
C ASN A 84 -3.87 11.65 -16.14
N ALA A 85 -4.88 10.82 -16.55
CA ALA A 85 -5.09 9.52 -15.94
C ALA A 85 -5.45 9.73 -14.50
N ASN A 86 -6.63 10.35 -14.27
CA ASN A 86 -7.06 10.61 -12.92
C ASN A 86 -8.56 10.59 -12.95
N ASN A 87 -9.18 9.93 -11.95
CA ASN A 87 -10.62 9.84 -11.91
C ASN A 87 -11.14 11.10 -11.26
N ASN A 88 -10.23 11.87 -10.61
CA ASN A 88 -10.63 13.09 -9.96
C ASN A 88 -10.31 14.21 -10.89
N GLY A 89 -11.34 15.01 -11.25
CA GLY A 89 -11.10 16.11 -12.16
C GLY A 89 -12.42 16.78 -12.39
N SER A 90 -12.79 16.97 -13.67
CA SER A 90 -14.03 17.62 -13.99
C SER A 90 -14.50 17.02 -15.28
N ASN A 91 -15.83 16.90 -15.44
CA ASN A 91 -16.38 16.33 -16.64
C ASN A 91 -17.81 16.73 -16.71
N LEU A 92 -18.40 16.69 -17.92
CA LEU A 92 -19.79 17.05 -18.07
C LEU A 92 -20.64 15.83 -17.71
N ASN A 1 -17.21 39.52 -21.86
CA ASN A 1 -15.97 40.34 -21.90
C ASN A 1 -14.87 39.64 -21.14
N ASN A 2 -15.19 39.10 -19.94
CA ASN A 2 -14.21 38.43 -19.15
C ASN A 2 -14.07 37.02 -19.72
N PRO A 3 -12.90 36.40 -19.55
CA PRO A 3 -12.72 35.05 -20.08
C PRO A 3 -13.45 34.01 -19.28
N LEU A 4 -13.83 32.90 -19.96
CA LEU A 4 -14.54 31.83 -19.31
C LEU A 4 -13.59 30.68 -19.22
N GLN A 5 -13.42 30.13 -18.00
CA GLN A 5 -12.54 29.02 -17.78
C GLN A 5 -13.26 28.08 -16.88
N GLN A 6 -13.12 26.75 -17.14
CA GLN A 6 -13.76 25.76 -16.30
C GLN A 6 -12.81 24.63 -16.13
N GLN A 7 -12.53 24.27 -14.86
CA GLN A 7 -11.63 23.17 -14.56
C GLN A 7 -12.35 22.26 -13.61
N SER A 8 -12.12 20.95 -13.75
CA SER A 8 -12.76 19.99 -12.88
C SER A 8 -11.78 18.88 -12.64
N SER A 9 -11.71 18.41 -11.38
CA SER A 9 -10.82 17.33 -11.03
C SER A 9 -11.58 16.41 -10.13
N GLN A 10 -11.37 15.08 -10.31
CA GLN A 10 -12.05 14.12 -9.51
C GLN A 10 -11.11 12.95 -9.36
N ASN A 11 -11.02 12.40 -8.12
CA ASN A 11 -10.15 11.28 -7.87
C ASN A 11 -10.92 10.29 -7.05
N THR A 12 -11.16 9.09 -7.63
CA THR A 12 -11.88 8.06 -6.94
C THR A 12 -11.10 6.79 -7.04
N VAL A 13 -11.16 5.97 -5.98
CA VAL A 13 -10.46 4.70 -5.95
C VAL A 13 -11.44 3.67 -5.39
N PRO A 14 -12.41 3.23 -6.18
CA PRO A 14 -13.39 2.26 -5.71
C PRO A 14 -12.81 0.89 -5.51
N ASN A 15 -11.70 0.58 -6.23
CA ASN A 15 -11.10 -0.72 -6.09
C ASN A 15 -9.63 -0.54 -6.35
N VAL A 16 -8.79 -0.77 -5.31
CA VAL A 16 -7.37 -0.60 -5.43
C VAL A 16 -6.75 -1.99 -5.50
N LEU A 17 -7.54 -3.02 -5.18
CA LEU A 17 -7.03 -4.38 -5.19
C LEU A 17 -6.79 -4.80 -6.61
N ASN A 18 -7.69 -4.38 -7.52
CA ASN A 18 -7.55 -4.77 -8.92
C ASN A 18 -6.37 -4.05 -9.52
N GLN A 19 -6.04 -2.84 -9.01
CA GLN A 19 -4.96 -2.06 -9.56
C GLN A 19 -3.65 -2.43 -8.91
N ILE A 20 -3.68 -3.35 -7.91
CA ILE A 20 -2.45 -3.71 -7.23
C ILE A 20 -1.53 -4.44 -8.17
N ASN A 21 -2.09 -5.06 -9.25
CA ASN A 21 -1.27 -5.80 -10.17
C ASN A 21 -0.62 -4.85 -11.16
N GLN A 22 -1.03 -3.54 -11.14
CA GLN A 22 -0.45 -2.57 -12.05
C GLN A 22 0.48 -1.69 -11.27
N ILE A 23 0.15 -1.45 -9.98
CA ILE A 23 0.99 -0.60 -9.15
C ILE A 23 2.27 -1.35 -8.88
N PHE A 24 2.16 -2.68 -8.61
CA PHE A 24 3.32 -3.47 -8.28
C PHE A 24 3.34 -4.67 -9.19
N SER A 25 4.56 -5.16 -9.49
CA SER A 25 4.71 -6.32 -10.34
C SER A 25 4.57 -7.51 -9.42
N PRO A 26 4.18 -8.69 -9.94
CA PRO A 26 4.02 -9.89 -9.07
C PRO A 26 5.25 -10.25 -8.28
N GLU A 27 6.45 -10.15 -8.90
CA GLU A 27 7.68 -10.47 -8.22
C GLU A 27 7.90 -9.49 -7.10
N GLU A 28 7.52 -8.22 -7.33
CA GLU A 28 7.72 -7.20 -6.33
C GLU A 28 6.75 -7.46 -5.20
N GLN A 29 5.49 -7.82 -5.57
CA GLN A 29 4.47 -8.11 -4.59
C GLN A 29 4.90 -9.26 -3.72
N ARG A 30 5.52 -10.30 -4.33
CA ARG A 30 5.99 -11.44 -3.56
C ARG A 30 7.01 -10.97 -2.56
N SER A 31 7.90 -10.04 -2.97
CA SER A 31 8.92 -9.54 -2.06
C SER A 31 8.24 -8.79 -0.94
N LEU A 32 7.18 -8.02 -1.27
CA LEU A 32 6.45 -7.27 -0.28
C LEU A 32 5.82 -8.21 0.71
N LEU A 33 5.32 -9.37 0.23
CA LEU A 33 4.70 -10.34 1.10
C LEU A 33 5.74 -10.84 2.08
N GLN A 34 6.96 -11.12 1.57
CA GLN A 34 8.03 -11.60 2.43
C GLN A 34 8.36 -10.52 3.44
N GLU A 35 8.35 -9.24 3.00
CA GLU A 35 8.63 -8.14 3.89
C GLU A 35 7.58 -8.10 4.98
N ALA A 36 6.31 -8.36 4.61
CA ALA A 36 5.22 -8.38 5.57
C ALA A 36 5.49 -9.40 6.65
N ILE A 37 6.07 -10.57 6.29
CA ILE A 37 6.38 -11.58 7.28
C ILE A 37 7.44 -11.02 8.19
N GLU A 38 8.45 -10.35 7.61
CA GLU A 38 9.51 -9.74 8.39
C GLU A 38 8.90 -8.74 9.36
N THR A 39 7.89 -7.95 8.90
CA THR A 39 7.23 -7.00 9.78
C THR A 39 6.58 -7.74 10.92
N CYS A 40 5.99 -8.93 10.66
CA CYS A 40 5.35 -9.68 11.71
C CYS A 40 6.41 -10.09 12.72
N LYS A 41 7.62 -10.49 12.22
CA LYS A 41 8.70 -10.87 13.09
C LYS A 41 9.12 -9.70 13.94
N ASN A 42 8.92 -8.46 13.43
CA ASN A 42 9.31 -7.29 14.19
C ASN A 42 8.36 -7.19 15.37
N PHE A 43 7.07 -7.52 15.14
CA PHE A 43 6.07 -7.48 16.18
C PHE A 43 6.42 -8.53 17.21
N GLU A 44 6.89 -9.71 16.74
CA GLU A 44 7.23 -10.80 17.63
C GLU A 44 8.41 -10.36 18.47
N LYS A 45 9.36 -9.65 17.83
CA LYS A 45 10.54 -9.16 18.52
C LYS A 45 10.11 -8.26 19.64
N THR A 46 9.12 -7.36 19.41
CA THR A 46 8.63 -6.49 20.47
C THR A 46 8.02 -7.36 21.54
N GLN A 47 7.22 -8.38 21.07
CA GLN A 47 6.57 -9.38 21.94
C GLN A 47 5.39 -8.80 22.66
N LEU A 48 5.58 -7.66 23.39
CA LEU A 48 4.51 -7.03 24.15
C LEU A 48 4.10 -8.01 25.22
N GLY A 49 2.84 -8.48 25.18
CA GLY A 49 2.41 -9.43 26.18
C GLY A 49 0.92 -9.56 26.09
N SER A 50 0.42 -10.08 24.96
CA SER A 50 -0.99 -10.24 24.80
C SER A 50 -1.22 -11.27 23.73
N THR A 51 -2.42 -11.90 23.73
CA THR A 51 -2.73 -12.88 22.73
C THR A 51 -3.30 -12.14 21.57
N MET A 52 -2.76 -12.39 20.36
CA MET A 52 -3.23 -11.70 19.18
C MET A 52 -3.67 -12.74 18.19
N THR A 53 -4.88 -12.55 17.61
CA THR A 53 -5.39 -13.50 16.64
C THR A 53 -4.71 -13.21 15.33
N GLU A 54 -4.85 -14.12 14.34
CA GLU A 54 -4.20 -13.94 13.06
C GLU A 54 -4.86 -12.82 12.23
N PRO A 55 -6.20 -12.75 12.07
CA PRO A 55 -6.84 -11.69 11.27
C PRO A 55 -6.43 -10.29 11.64
N VAL A 56 -6.16 -10.02 12.94
CA VAL A 56 -5.75 -8.70 13.35
C VAL A 56 -4.41 -8.39 12.71
N LYS A 57 -3.49 -9.39 12.72
CA LYS A 57 -2.18 -9.19 12.13
C LYS A 57 -2.32 -9.02 10.64
N GLN A 58 -3.24 -9.81 10.04
CA GLN A 58 -3.47 -9.75 8.61
C GLN A 58 -3.96 -8.37 8.24
N SER A 59 -4.85 -7.80 9.08
CA SER A 59 -5.40 -6.48 8.82
C SER A 59 -4.27 -5.48 8.89
N PHE A 60 -3.34 -5.69 9.85
CA PHE A 60 -2.22 -4.79 10.01
C PHE A 60 -1.37 -4.85 8.77
N ILE A 61 -1.19 -6.05 8.18
CA ILE A 61 -0.37 -6.20 7.01
C ILE A 61 -1.04 -5.49 5.86
N ARG A 62 -2.38 -5.64 5.76
CA ARG A 62 -3.13 -5.03 4.68
C ARG A 62 -3.02 -3.52 4.80
N LYS A 63 -3.10 -2.99 6.04
CA LYS A 63 -3.00 -1.57 6.24
C LYS A 63 -1.62 -1.11 5.84
N TYR A 64 -0.59 -1.88 6.23
CA TYR A 64 0.79 -1.53 5.92
C TYR A 64 0.99 -1.48 4.42
N ILE A 65 0.53 -2.53 3.71
CA ILE A 65 0.70 -2.60 2.27
C ILE A 65 -0.08 -1.49 1.62
N ASN A 66 -1.32 -1.23 2.08
CA ASN A 66 -2.15 -0.21 1.48
C ASN A 66 -1.52 1.15 1.67
N GLN A 67 -0.94 1.41 2.86
CA GLN A 67 -0.32 2.69 3.12
C GLN A 67 0.87 2.86 2.22
N LYS A 68 1.67 1.78 2.06
CA LYS A 68 2.85 1.84 1.22
C LYS A 68 2.43 2.12 -0.20
N ALA A 69 1.38 1.42 -0.69
CA ALA A 69 0.92 1.63 -2.05
C ALA A 69 0.42 3.03 -2.22
N LEU A 70 -0.29 3.57 -1.20
CA LEU A 70 -0.83 4.91 -1.28
C LEU A 70 0.32 5.89 -1.39
N ARG A 71 1.40 5.68 -0.59
CA ARG A 71 2.54 6.57 -0.63
C ARG A 71 3.16 6.52 -2.00
N LYS A 72 3.30 5.31 -2.58
CA LYS A 72 3.91 5.16 -3.89
C LYS A 72 3.07 5.87 -4.92
N ILE A 73 1.73 5.71 -4.86
CA ILE A 73 0.85 6.33 -5.83
C ILE A 73 0.95 7.84 -5.70
N GLN A 74 0.95 8.35 -4.45
CA GLN A 74 1.02 9.79 -4.24
C GLN A 74 2.35 10.31 -4.74
N ALA A 75 3.43 9.54 -4.55
CA ALA A 75 4.74 9.96 -4.99
C ALA A 75 4.74 10.14 -6.49
N LEU A 76 4.06 9.24 -7.22
CA LEU A 76 4.00 9.33 -8.67
C LEU A 76 2.96 10.35 -9.05
N ARG A 77 2.15 10.82 -8.08
CA ARG A 77 1.10 11.77 -8.38
C ARG A 77 1.71 13.14 -8.27
N ASP A 78 2.90 13.21 -7.65
CA ASP A 78 3.59 14.48 -7.46
C ASP A 78 3.90 15.12 -8.78
N VAL A 79 4.30 14.32 -9.81
CA VAL A 79 4.64 14.91 -11.09
C VAL A 79 3.45 14.76 -11.99
N LYS A 80 3.25 13.56 -12.58
CA LYS A 80 2.14 13.35 -13.48
C LYS A 80 1.77 11.90 -13.40
N ASN A 81 0.45 11.62 -13.35
CA ASN A 81 0.00 10.25 -13.29
C ASN A 81 -1.35 10.20 -13.95
N ASN A 82 -1.92 8.98 -14.07
CA ASN A 82 -3.21 8.83 -14.68
C ASN A 82 -3.87 7.65 -14.03
N ASN A 83 -5.17 7.79 -13.71
CA ASN A 83 -5.90 6.72 -13.08
C ASN A 83 -6.46 5.86 -14.18
N ASN A 84 -5.97 4.61 -14.28
CA ASN A 84 -6.44 3.72 -15.30
C ASN A 84 -6.38 2.33 -14.74
N ALA A 85 -7.18 1.41 -15.32
CA ALA A 85 -7.20 0.06 -14.86
C ALA A 85 -7.49 -0.82 -16.04
N ASN A 86 -6.86 -2.03 -16.06
CA ASN A 86 -7.08 -2.94 -17.13
C ASN A 86 -8.28 -3.78 -16.79
N ASN A 87 -9.13 -4.05 -17.81
CA ASN A 87 -10.32 -4.83 -17.59
C ASN A 87 -10.00 -6.27 -17.87
N ASN A 88 -8.69 -6.59 -18.04
CA ASN A 88 -8.28 -7.94 -18.30
C ASN A 88 -7.95 -8.59 -16.98
N GLY A 89 -8.11 -7.83 -15.88
CA GLY A 89 -7.81 -8.37 -14.57
C GLY A 89 -9.05 -9.05 -14.08
N SER A 90 -8.87 -10.20 -13.39
CA SER A 90 -10.01 -10.92 -12.86
C SER A 90 -9.53 -11.64 -11.65
N ASN A 91 -10.41 -11.74 -10.63
CA ASN A 91 -10.04 -12.41 -9.41
C ASN A 91 -11.32 -12.74 -8.69
N LEU A 92 -11.21 -13.51 -7.59
CA LEU A 92 -12.39 -13.87 -6.84
C LEU A 92 -11.94 -14.22 -5.41
N ASN A 1 -5.83 22.04 16.71
CA ASN A 1 -5.09 20.80 16.40
C ASN A 1 -6.02 19.77 15.82
N ASN A 2 -6.30 19.88 14.50
CA ASN A 2 -7.18 18.94 13.85
C ASN A 2 -6.73 18.89 12.40
N PRO A 3 -6.67 17.72 11.77
CA PRO A 3 -6.24 17.64 10.39
C PRO A 3 -7.30 18.09 9.43
N LEU A 4 -6.88 18.49 8.21
CA LEU A 4 -7.82 18.93 7.21
C LEU A 4 -8.29 17.70 6.49
N GLN A 5 -9.48 17.19 6.90
CA GLN A 5 -10.07 15.99 6.31
C GLN A 5 -9.10 14.85 6.49
N GLN A 6 -8.93 14.01 5.44
CA GLN A 6 -8.03 12.87 5.49
C GLN A 6 -8.35 12.00 6.66
N GLN A 7 -9.61 11.48 6.74
CA GLN A 7 -10.01 10.64 7.84
C GLN A 7 -10.81 9.51 7.28
N SER A 8 -12.10 9.76 7.00
CA SER A 8 -12.94 8.73 6.46
C SER A 8 -14.11 9.40 5.81
N SER A 9 -14.81 8.66 4.92
CA SER A 9 -15.96 9.23 4.26
C SER A 9 -16.88 8.07 3.98
N GLN A 10 -18.20 8.33 4.01
CA GLN A 10 -19.18 7.29 3.76
C GLN A 10 -19.74 7.50 2.39
N ASN A 11 -19.23 8.53 1.66
CA ASN A 11 -19.74 8.83 0.34
C ASN A 11 -18.87 8.13 -0.68
N THR A 12 -17.80 7.45 -0.23
CA THR A 12 -16.94 6.77 -1.16
C THR A 12 -16.22 5.70 -0.40
N VAL A 13 -15.71 4.68 -1.14
CA VAL A 13 -14.99 3.59 -0.53
C VAL A 13 -13.70 3.45 -1.31
N PRO A 14 -12.62 2.96 -0.70
CA PRO A 14 -11.37 2.82 -1.42
C PRO A 14 -11.38 1.71 -2.42
N ASN A 15 -10.65 1.90 -3.54
CA ASN A 15 -10.59 0.89 -4.57
C ASN A 15 -9.18 0.89 -5.09
N VAL A 16 -8.24 0.43 -4.25
CA VAL A 16 -6.84 0.37 -4.65
C VAL A 16 -6.38 -1.05 -4.53
N LEU A 17 -7.25 -1.93 -3.95
CA LEU A 17 -6.88 -3.32 -3.79
C LEU A 17 -6.81 -3.97 -5.14
N ASN A 18 -7.74 -3.59 -6.04
CA ASN A 18 -7.76 -4.18 -7.37
C ASN A 18 -6.71 -3.54 -8.23
N GLN A 19 -6.07 -2.45 -7.73
CA GLN A 19 -5.04 -1.78 -8.50
C GLN A 19 -3.70 -2.20 -7.99
N ILE A 20 -3.66 -3.09 -6.97
CA ILE A 20 -2.39 -3.53 -6.43
C ILE A 20 -1.64 -4.35 -7.45
N ASN A 21 -2.38 -4.93 -8.42
CA ASN A 21 -1.74 -5.77 -9.42
C ASN A 21 -1.22 -4.89 -10.53
N GLN A 22 -1.52 -3.56 -10.49
CA GLN A 22 -1.05 -2.66 -11.51
C GLN A 22 0.04 -1.81 -10.92
N ILE A 23 -0.09 -1.48 -9.62
CA ILE A 23 0.89 -0.66 -8.94
C ILE A 23 2.14 -1.47 -8.77
N PHE A 24 1.99 -2.77 -8.40
CA PHE A 24 3.13 -3.62 -8.17
C PHE A 24 2.98 -4.86 -9.01
N SER A 25 4.13 -5.42 -9.44
CA SER A 25 4.13 -6.63 -10.22
C SER A 25 3.93 -7.74 -9.20
N PRO A 26 3.47 -8.92 -9.60
CA PRO A 26 3.28 -10.00 -8.63
C PRO A 26 4.54 -10.45 -7.97
N GLU A 27 5.68 -10.39 -8.69
CA GLU A 27 6.95 -10.78 -8.12
C GLU A 27 7.30 -9.81 -7.02
N GLU A 28 7.00 -8.51 -7.24
CA GLU A 28 7.31 -7.50 -6.25
C GLU A 28 6.37 -7.68 -5.09
N GLN A 29 5.08 -7.97 -5.41
CA GLN A 29 4.07 -8.16 -4.39
C GLN A 29 4.46 -9.29 -3.48
N ARG A 30 4.98 -10.41 -4.02
CA ARG A 30 5.37 -11.53 -3.19
C ARG A 30 6.48 -11.11 -2.25
N SER A 31 7.46 -10.31 -2.74
CA SER A 31 8.55 -9.88 -1.90
C SER A 31 8.01 -8.98 -0.82
N LEU A 32 7.08 -8.07 -1.20
CA LEU A 32 6.50 -7.14 -0.26
C LEU A 32 5.76 -7.90 0.81
N LEU A 33 5.06 -8.98 0.43
CA LEU A 33 4.31 -9.77 1.41
C LEU A 33 5.28 -10.37 2.40
N GLN A 34 6.42 -10.91 1.91
CA GLN A 34 7.40 -11.52 2.79
C GLN A 34 7.97 -10.46 3.70
N GLU A 35 8.22 -9.24 3.16
CA GLU A 35 8.78 -8.17 3.95
C GLU A 35 7.79 -7.80 5.03
N ALA A 36 6.49 -7.75 4.67
CA ALA A 36 5.45 -7.42 5.63
C ALA A 36 5.44 -8.43 6.76
N ILE A 37 5.66 -9.74 6.46
CA ILE A 37 5.67 -10.74 7.50
C ILE A 37 6.83 -10.45 8.43
N GLU A 38 8.01 -10.16 7.84
CA GLU A 38 9.20 -9.83 8.63
C GLU A 38 8.90 -8.63 9.50
N THR A 39 8.21 -7.61 8.93
CA THR A 39 7.86 -6.42 9.67
C THR A 39 6.97 -6.80 10.82
N CYS A 40 6.04 -7.76 10.60
CA CYS A 40 5.15 -8.19 11.67
C CYS A 40 5.98 -8.79 12.79
N LYS A 41 7.01 -9.60 12.44
CA LYS A 41 7.86 -10.20 13.43
C LYS A 41 8.60 -9.11 14.18
N ASN A 42 8.98 -8.04 13.45
CA ASN A 42 9.70 -6.92 14.06
C ASN A 42 8.78 -6.29 15.09
N PHE A 43 7.47 -6.19 14.76
CA PHE A 43 6.50 -5.63 15.66
C PHE A 43 6.35 -6.54 16.86
N GLU A 44 6.40 -7.87 16.62
CA GLU A 44 6.22 -8.83 17.68
C GLU A 44 7.38 -8.73 18.65
N LYS A 45 8.61 -8.56 18.11
CA LYS A 45 9.78 -8.44 18.96
C LYS A 45 9.64 -7.24 19.85
N THR A 46 9.13 -6.10 19.33
CA THR A 46 8.99 -4.92 20.15
C THR A 46 7.91 -5.18 21.18
N GLN A 47 6.79 -5.76 20.74
CA GLN A 47 5.71 -6.05 21.67
C GLN A 47 4.89 -7.17 21.09
N LEU A 48 4.79 -8.29 21.84
CA LEU A 48 4.02 -9.41 21.39
C LEU A 48 2.67 -9.34 22.05
N GLY A 49 2.58 -9.83 23.31
CA GLY A 49 1.34 -9.81 24.04
C GLY A 49 1.12 -11.21 24.49
N SER A 50 -0.15 -11.60 24.72
CA SER A 50 -0.45 -12.96 25.13
C SER A 50 -0.69 -13.74 23.86
N THR A 51 -1.97 -14.05 23.56
CA THR A 51 -2.28 -14.78 22.35
C THR A 51 -2.49 -13.79 21.25
N MET A 52 -2.21 -14.21 19.99
CA MET A 52 -2.39 -13.34 18.85
C MET A 52 -3.25 -14.09 17.87
N THR A 53 -4.27 -13.40 17.31
CA THR A 53 -5.14 -14.03 16.35
C THR A 53 -4.60 -13.71 14.98
N GLU A 54 -5.03 -14.47 13.95
CA GLU A 54 -4.55 -14.23 12.60
C GLU A 54 -5.09 -12.92 12.02
N PRO A 55 -6.41 -12.60 12.08
CA PRO A 55 -6.94 -11.35 11.50
C PRO A 55 -6.24 -10.09 11.94
N VAL A 56 -5.78 -10.01 13.20
CA VAL A 56 -5.09 -8.82 13.65
C VAL A 56 -3.81 -8.64 12.86
N LYS A 57 -3.03 -9.74 12.70
CA LYS A 57 -1.78 -9.67 11.96
C LYS A 57 -2.08 -9.41 10.51
N GLN A 58 -3.15 -10.05 10.00
CA GLN A 58 -3.52 -9.90 8.61
C GLN A 58 -3.87 -8.46 8.33
N SER A 59 -4.61 -7.81 9.26
CA SER A 59 -5.00 -6.43 9.08
C SER A 59 -3.78 -5.57 9.10
N PHE A 60 -2.80 -5.92 9.98
CA PHE A 60 -1.58 -5.15 10.10
C PHE A 60 -0.85 -5.17 8.78
N ILE A 61 -0.75 -6.36 8.14
CA ILE A 61 -0.04 -6.46 6.89
C ILE A 61 -0.78 -5.69 5.82
N ARG A 62 -2.13 -5.81 5.81
CA ARG A 62 -2.92 -5.13 4.79
C ARG A 62 -2.76 -3.63 4.92
N LYS A 63 -2.76 -3.10 6.17
CA LYS A 63 -2.61 -1.67 6.35
C LYS A 63 -1.24 -1.25 5.88
N TYR A 64 -0.21 -2.07 6.19
CA TYR A 64 1.15 -1.75 5.80
C TYR A 64 1.25 -1.68 4.30
N ILE A 65 0.71 -2.69 3.59
CA ILE A 65 0.78 -2.73 2.15
C ILE A 65 0.03 -1.55 1.55
N ASN A 66 -1.21 -1.29 2.02
CA ASN A 66 -1.99 -0.20 1.47
C ASN A 66 -1.32 1.14 1.72
N GLN A 67 -0.73 1.35 2.92
CA GLN A 67 -0.10 2.63 3.19
C GLN A 67 1.11 2.80 2.31
N LYS A 68 1.90 1.72 2.11
CA LYS A 68 3.08 1.81 1.28
C LYS A 68 2.66 2.10 -0.14
N ALA A 69 1.59 1.43 -0.61
CA ALA A 69 1.11 1.63 -1.96
C ALA A 69 0.65 3.06 -2.13
N LEU A 70 -0.03 3.60 -1.10
CA LEU A 70 -0.55 4.96 -1.15
C LEU A 70 0.61 5.91 -1.29
N ARG A 71 1.69 5.70 -0.51
CA ARG A 71 2.84 6.59 -0.58
C ARG A 71 3.48 6.47 -1.93
N LYS A 72 3.55 5.23 -2.47
CA LYS A 72 4.18 5.01 -3.76
C LYS A 72 3.44 5.76 -4.84
N ILE A 73 2.09 5.70 -4.86
CA ILE A 73 1.36 6.37 -5.91
C ILE A 73 1.36 7.86 -5.66
N GLN A 74 1.46 8.28 -4.37
CA GLN A 74 1.50 9.69 -4.06
C GLN A 74 2.77 10.27 -4.62
N ALA A 75 3.89 9.52 -4.49
CA ALA A 75 5.16 9.97 -4.99
C ALA A 75 5.10 10.14 -6.48
N LEU A 76 4.39 9.22 -7.18
CA LEU A 76 4.28 9.29 -8.62
C LEU A 76 3.25 10.30 -9.00
N ARG A 77 2.47 10.80 -8.03
CA ARG A 77 1.41 11.74 -8.34
C ARG A 77 2.01 13.12 -8.32
N ASP A 78 3.00 13.32 -7.43
CA ASP A 78 3.63 14.61 -7.28
C ASP A 78 4.51 14.93 -8.47
N VAL A 79 4.78 13.92 -9.34
CA VAL A 79 5.64 14.14 -10.50
C VAL A 79 4.79 13.97 -11.73
N LYS A 80 3.45 14.03 -11.56
CA LYS A 80 2.54 13.88 -12.66
C LYS A 80 1.77 15.17 -12.78
N ASN A 81 1.75 15.74 -14.01
CA ASN A 81 1.04 16.98 -14.21
C ASN A 81 0.56 16.98 -15.63
N ASN A 82 -0.74 16.64 -15.81
CA ASN A 82 -1.29 16.64 -17.14
C ASN A 82 -2.78 16.75 -16.99
N ASN A 83 -3.31 17.97 -17.25
CA ASN A 83 -4.74 18.20 -17.14
C ASN A 83 -5.33 18.08 -18.51
N ASN A 84 -4.49 17.81 -19.54
CA ASN A 84 -4.97 17.69 -20.89
C ASN A 84 -5.24 16.24 -21.14
N ALA A 85 -6.53 15.83 -21.04
CA ALA A 85 -6.87 14.46 -21.28
C ALA A 85 -8.28 14.44 -21.78
N ASN A 86 -8.56 13.60 -22.79
CA ASN A 86 -9.89 13.51 -23.32
C ASN A 86 -9.95 12.24 -24.14
N ASN A 87 -11.18 11.91 -24.63
CA ASN A 87 -11.38 10.72 -25.44
C ASN A 87 -10.98 9.50 -24.65
N ASN A 88 -11.35 9.48 -23.34
CA ASN A 88 -11.00 8.34 -22.51
C ASN A 88 -11.72 7.13 -23.02
N GLY A 89 -13.00 7.31 -23.43
CA GLY A 89 -13.75 6.21 -23.94
C GLY A 89 -15.11 6.73 -24.30
N SER A 90 -15.99 5.82 -24.78
CA SER A 90 -17.32 6.21 -25.16
C SER A 90 -18.11 6.51 -23.92
N ASN A 91 -17.68 5.95 -22.77
CA ASN A 91 -18.38 6.17 -21.52
C ASN A 91 -17.32 6.39 -20.48
N LEU A 92 -17.61 7.29 -19.52
CA LEU A 92 -16.65 7.57 -18.48
C LEU A 92 -17.44 7.95 -17.22
N ASN A 1 2.61 16.79 25.68
CA ASN A 1 2.85 16.70 24.22
C ASN A 1 1.79 15.86 23.56
N ASN A 2 0.60 16.44 23.34
CA ASN A 2 -0.47 15.71 22.71
C ASN A 2 -0.17 15.68 21.22
N PRO A 3 -0.65 14.67 20.51
CA PRO A 3 -0.40 14.59 19.07
C PRO A 3 -1.20 15.58 18.30
N LEU A 4 -0.63 16.07 17.17
CA LEU A 4 -1.33 17.04 16.36
C LEU A 4 -2.51 16.38 15.73
N GLN A 5 -2.34 15.11 15.28
CA GLN A 5 -3.43 14.41 14.66
C GLN A 5 -3.09 12.95 14.68
N GLN A 6 -4.11 12.09 14.93
CA GLN A 6 -3.90 10.66 14.96
C GLN A 6 -4.36 10.12 13.64
N GLN A 7 -3.40 9.77 12.77
CA GLN A 7 -3.75 9.24 11.47
C GLN A 7 -3.77 7.74 11.59
N SER A 8 -4.95 7.19 11.92
CA SER A 8 -5.07 5.76 12.05
C SER A 8 -6.54 5.44 11.98
N SER A 9 -6.90 4.37 11.26
CA SER A 9 -8.28 3.99 11.16
C SER A 9 -8.30 2.54 10.80
N GLN A 10 -9.20 1.76 11.45
CA GLN A 10 -9.27 0.35 11.15
C GLN A 10 -10.05 0.18 9.87
N ASN A 11 -10.91 1.19 9.54
CA ASN A 11 -11.70 1.14 8.35
C ASN A 11 -10.99 1.94 7.30
N THR A 12 -10.37 1.25 6.32
CA THR A 12 -9.66 1.92 5.25
C THR A 12 -10.12 1.26 3.99
N VAL A 13 -10.57 2.06 3.00
CA VAL A 13 -11.04 1.52 1.74
C VAL A 13 -10.35 2.31 0.64
N PRO A 14 -9.11 2.00 0.31
CA PRO A 14 -8.40 2.73 -0.72
C PRO A 14 -8.90 2.45 -2.10
N ASN A 15 -9.58 1.28 -2.28
CA ASN A 15 -10.12 0.89 -3.57
C ASN A 15 -8.98 0.80 -4.57
N VAL A 16 -7.90 0.09 -4.18
CA VAL A 16 -6.75 -0.06 -5.04
C VAL A 16 -6.35 -1.51 -5.01
N LEU A 17 -7.23 -2.38 -4.46
CA LEU A 17 -6.91 -3.79 -4.37
C LEU A 17 -6.81 -4.38 -5.75
N ASN A 18 -7.69 -3.96 -6.67
CA ASN A 18 -7.66 -4.50 -8.01
C ASN A 18 -6.61 -3.77 -8.83
N GLN A 19 -6.05 -2.68 -8.26
CA GLN A 19 -5.06 -1.91 -8.97
C GLN A 19 -3.70 -2.25 -8.41
N ILE A 20 -3.63 -3.17 -7.43
CA ILE A 20 -2.36 -3.53 -6.84
C ILE A 20 -1.51 -4.25 -7.85
N ASN A 21 -2.14 -4.87 -8.87
CA ASN A 21 -1.40 -5.59 -9.87
C ASN A 21 -0.90 -4.63 -10.92
N GLN A 22 -1.32 -3.35 -10.86
CA GLN A 22 -0.88 -2.37 -11.83
C GLN A 22 0.11 -1.45 -11.15
N ILE A 23 -0.11 -1.18 -9.85
CA ILE A 23 0.77 -0.32 -9.10
C ILE A 23 2.06 -1.04 -8.88
N PHE A 24 1.98 -2.35 -8.55
CA PHE A 24 3.16 -3.13 -8.27
C PHE A 24 3.15 -4.35 -9.15
N SER A 25 4.36 -4.84 -9.50
CA SER A 25 4.46 -6.02 -10.32
C SER A 25 4.29 -7.18 -9.36
N PRO A 26 3.87 -8.36 -9.82
CA PRO A 26 3.67 -9.49 -8.91
C PRO A 26 4.93 -9.94 -8.22
N GLU A 27 6.08 -9.86 -8.93
CA GLU A 27 7.34 -10.26 -8.35
C GLU A 27 7.67 -9.32 -7.22
N GLU A 28 7.32 -8.03 -7.40
CA GLU A 28 7.61 -7.04 -6.39
C GLU A 28 6.67 -7.27 -5.24
N GLN A 29 5.39 -7.58 -5.56
CA GLN A 29 4.38 -7.82 -4.55
C GLN A 29 4.79 -9.00 -3.69
N ARG A 30 5.35 -10.06 -4.29
CA ARG A 30 5.77 -11.22 -3.52
C ARG A 30 6.87 -10.79 -2.57
N SER A 31 7.78 -9.91 -3.02
CA SER A 31 8.86 -9.46 -2.17
C SER A 31 8.28 -8.66 -1.03
N LEU A 32 7.25 -7.83 -1.33
CA LEU A 32 6.61 -7.02 -0.31
C LEU A 32 5.96 -7.92 0.70
N LEU A 33 5.37 -9.05 0.24
CA LEU A 33 4.71 -9.97 1.15
C LEU A 33 5.75 -10.53 2.10
N GLN A 34 6.94 -10.89 1.58
CA GLN A 34 8.01 -11.42 2.41
C GLN A 34 8.41 -10.37 3.42
N GLU A 35 8.47 -9.09 2.99
CA GLU A 35 8.85 -8.02 3.89
C GLU A 35 7.80 -7.91 4.97
N ALA A 36 6.51 -8.09 4.60
CA ALA A 36 5.44 -8.02 5.57
C ALA A 36 5.64 -9.06 6.64
N ILE A 37 6.11 -10.28 6.26
CA ILE A 37 6.34 -11.32 7.25
C ILE A 37 7.44 -10.86 8.17
N GLU A 38 8.51 -10.28 7.57
CA GLU A 38 9.63 -9.77 8.35
C GLU A 38 9.11 -8.73 9.32
N THR A 39 8.18 -7.86 8.87
CA THR A 39 7.61 -6.85 9.73
C THR A 39 6.88 -7.52 10.87
N CYS A 40 6.17 -8.65 10.60
CA CYS A 40 5.45 -9.35 11.64
C CYS A 40 6.44 -9.85 12.66
N LYS A 41 7.61 -10.35 12.19
CA LYS A 41 8.64 -10.84 13.09
C LYS A 41 9.19 -9.70 13.93
N ASN A 42 9.05 -8.45 13.43
CA ASN A 42 9.53 -7.30 14.19
C ASN A 42 8.62 -7.17 15.40
N PHE A 43 7.32 -7.42 15.19
CA PHE A 43 6.35 -7.34 16.26
C PHE A 43 6.65 -8.43 17.25
N GLU A 44 7.05 -9.62 16.75
CA GLU A 44 7.35 -10.75 17.62
C GLU A 44 8.57 -10.39 18.44
N LYS A 45 9.56 -9.73 17.80
CA LYS A 45 10.77 -9.31 18.48
C LYS A 45 10.40 -8.41 19.64
N THR A 46 9.44 -7.46 19.42
CA THR A 46 9.01 -6.59 20.50
C THR A 46 8.36 -7.45 21.56
N GLN A 47 7.54 -8.44 21.10
CA GLN A 47 6.88 -9.39 21.97
C GLN A 47 5.87 -8.67 22.83
N LEU A 48 4.71 -8.35 22.23
CA LEU A 48 3.64 -7.70 22.96
C LEU A 48 3.20 -8.63 24.07
N GLY A 49 2.88 -8.03 25.24
CA GLY A 49 2.48 -8.81 26.39
C GLY A 49 1.00 -9.00 26.33
N SER A 50 0.50 -9.57 25.21
CA SER A 50 -0.91 -9.79 25.07
C SER A 50 -1.08 -10.79 23.96
N THR A 51 -2.20 -11.55 23.99
CA THR A 51 -2.45 -12.52 22.96
C THR A 51 -2.97 -11.75 21.78
N MET A 52 -2.95 -12.37 20.58
CA MET A 52 -3.42 -11.67 19.41
C MET A 52 -4.00 -12.68 18.46
N THR A 53 -5.19 -12.36 17.90
CA THR A 53 -5.85 -13.24 16.96
C THR A 53 -5.07 -13.16 15.67
N GLU A 54 -5.31 -14.12 14.75
CA GLU A 54 -4.58 -14.12 13.49
C GLU A 54 -5.08 -13.03 12.53
N PRO A 55 -6.42 -12.87 12.29
CA PRO A 55 -6.90 -11.83 11.39
C PRO A 55 -6.46 -10.43 11.74
N VAL A 56 -6.16 -10.18 13.02
CA VAL A 56 -5.71 -8.86 13.43
C VAL A 56 -4.37 -8.60 12.78
N LYS A 57 -3.48 -9.62 12.77
CA LYS A 57 -2.17 -9.45 12.19
C LYS A 57 -2.30 -9.33 10.70
N GLN A 58 -3.23 -10.11 10.11
CA GLN A 58 -3.44 -10.08 8.67
C GLN A 58 -3.93 -8.72 8.27
N SER A 59 -4.82 -8.12 9.10
CA SER A 59 -5.35 -6.81 8.82
C SER A 59 -4.23 -5.81 8.87
N PHE A 60 -3.29 -6.00 9.81
CA PHE A 60 -2.16 -5.10 9.96
C PHE A 60 -1.34 -5.14 8.70
N ILE A 61 -1.17 -6.33 8.09
CA ILE A 61 -0.36 -6.44 6.89
C ILE A 61 -1.08 -5.76 5.76
N ARG A 62 -2.42 -5.97 5.69
CA ARG A 62 -3.22 -5.38 4.64
C ARG A 62 -3.16 -3.88 4.73
N LYS A 63 -3.21 -3.32 5.95
CA LYS A 63 -3.17 -1.89 6.11
C LYS A 63 -1.79 -1.40 5.77
N TYR A 64 -0.76 -2.20 6.13
CA TYR A 64 0.63 -1.84 5.86
C TYR A 64 0.85 -1.67 4.38
N ILE A 65 0.39 -2.66 3.56
CA ILE A 65 0.60 -2.56 2.13
C ILE A 65 -0.32 -1.54 1.52
N ASN A 66 -1.49 -1.30 2.14
CA ASN A 66 -2.41 -0.33 1.58
C ASN A 66 -1.83 1.04 1.73
N GLN A 67 -1.21 1.33 2.90
CA GLN A 67 -0.63 2.64 3.12
C GLN A 67 0.56 2.80 2.20
N LYS A 68 1.32 1.70 2.02
CA LYS A 68 2.50 1.74 1.18
C LYS A 68 2.08 2.06 -0.24
N ALA A 69 0.98 1.42 -0.72
CA ALA A 69 0.51 1.66 -2.06
C ALA A 69 0.08 3.09 -2.21
N LEU A 70 -0.63 3.64 -1.20
CA LEU A 70 -1.11 5.01 -1.26
C LEU A 70 0.07 5.95 -1.32
N ARG A 71 1.14 5.66 -0.54
CA ARG A 71 2.30 6.52 -0.52
C ARG A 71 2.94 6.50 -1.88
N LYS A 72 3.06 5.30 -2.49
CA LYS A 72 3.68 5.15 -3.79
C LYS A 72 2.88 5.90 -4.81
N ILE A 73 1.53 5.80 -4.77
CA ILE A 73 0.69 6.47 -5.74
C ILE A 73 0.87 7.97 -5.63
N GLN A 74 0.91 8.51 -4.39
CA GLN A 74 1.05 9.93 -4.22
C GLN A 74 2.39 10.40 -4.74
N ALA A 75 3.45 9.59 -4.51
CA ALA A 75 4.78 9.98 -4.96
C ALA A 75 4.87 9.79 -6.46
N LEU A 76 3.94 8.99 -7.03
CA LEU A 76 3.95 8.73 -8.45
C LEU A 76 3.50 9.94 -9.20
N ARG A 77 2.88 10.93 -8.51
CA ARG A 77 2.39 12.11 -9.19
C ARG A 77 3.51 13.11 -9.25
N ASP A 78 4.60 12.85 -8.49
CA ASP A 78 5.71 13.77 -8.44
C ASP A 78 6.54 13.63 -9.69
N VAL A 79 6.30 12.58 -10.51
CA VAL A 79 7.07 12.39 -11.72
C VAL A 79 6.11 11.98 -12.80
N LYS A 80 6.47 12.22 -14.07
CA LYS A 80 5.61 11.83 -15.15
C LYS A 80 6.50 11.52 -16.31
N ASN A 81 6.19 10.46 -17.06
CA ASN A 81 7.01 10.09 -18.18
C ASN A 81 6.15 9.25 -19.07
N ASN A 82 5.83 9.77 -20.28
CA ASN A 82 5.00 9.05 -21.22
C ASN A 82 5.87 8.37 -22.22
N ASN A 83 7.20 8.38 -22.00
CA ASN A 83 8.11 7.75 -22.94
C ASN A 83 8.39 6.35 -22.47
N ASN A 84 7.81 5.97 -21.30
CA ASN A 84 8.00 4.65 -20.72
C ASN A 84 9.47 4.41 -20.50
N ALA A 85 10.19 5.47 -20.04
CA ALA A 85 11.61 5.35 -19.78
C ALA A 85 11.81 4.34 -18.69
N ASN A 86 10.93 4.36 -17.67
CA ASN A 86 11.02 3.43 -16.58
C ASN A 86 9.63 3.00 -16.27
N ASN A 87 9.09 2.07 -17.08
CA ASN A 87 7.75 1.60 -16.88
C ASN A 87 7.64 0.30 -17.62
N ASN A 88 6.69 -0.56 -17.20
CA ASN A 88 6.51 -1.82 -17.86
C ASN A 88 5.76 -1.56 -19.13
N GLY A 89 6.23 -2.16 -20.24
CA GLY A 89 5.58 -1.94 -21.51
C GLY A 89 6.63 -2.01 -22.57
N SER A 90 6.36 -1.37 -23.71
CA SER A 90 7.31 -1.37 -24.80
C SER A 90 7.14 -0.07 -25.53
N ASN A 91 8.16 0.31 -26.33
CA ASN A 91 8.07 1.55 -27.06
C ASN A 91 8.93 1.40 -28.27
N LEU A 92 8.80 2.34 -29.23
CA LEU A 92 9.57 2.28 -30.44
C LEU A 92 10.91 2.99 -30.17
N ASN A 1 14.73 11.39 17.82
CA ASN A 1 15.18 10.51 16.71
C ASN A 1 14.13 9.47 16.40
N ASN A 2 13.05 9.90 15.71
CA ASN A 2 11.98 9.00 15.35
C ASN A 2 11.63 9.27 13.90
N PRO A 3 12.45 8.79 12.96
CA PRO A 3 12.19 9.00 11.55
C PRO A 3 11.05 8.16 11.02
N LEU A 4 10.62 7.15 11.80
CA LEU A 4 9.54 6.30 11.36
C LEU A 4 8.27 6.86 11.94
N GLN A 5 7.29 7.14 11.05
CA GLN A 5 6.02 7.68 11.46
C GLN A 5 4.96 6.92 10.73
N GLN A 6 3.93 6.45 11.47
CA GLN A 6 2.85 5.72 10.86
C GLN A 6 1.60 6.21 11.50
N GLN A 7 0.51 6.32 10.70
CA GLN A 7 -0.73 6.81 11.22
C GLN A 7 -1.81 6.16 10.41
N SER A 8 -2.93 5.78 11.09
CA SER A 8 -4.04 5.16 10.42
C SER A 8 -5.28 5.84 10.89
N SER A 9 -5.17 7.16 11.15
CA SER A 9 -6.30 7.94 11.62
C SER A 9 -7.00 8.52 10.43
N GLN A 10 -6.42 8.31 9.22
CA GLN A 10 -7.01 8.84 8.02
C GLN A 10 -6.80 7.82 6.94
N ASN A 11 -7.86 7.59 6.13
CA ASN A 11 -7.77 6.63 5.05
C ASN A 11 -8.54 7.21 3.91
N THR A 12 -7.95 7.12 2.69
CA THR A 12 -8.61 7.66 1.51
C THR A 12 -8.51 6.62 0.45
N VAL A 13 -9.64 6.40 -0.29
CA VAL A 13 -9.71 5.40 -1.35
C VAL A 13 -9.38 4.03 -0.78
N PRO A 14 -10.28 3.45 0.01
CA PRO A 14 -10.03 2.14 0.59
C PRO A 14 -10.05 1.03 -0.42
N ASN A 15 -10.71 1.27 -1.57
CA ASN A 15 -10.78 0.27 -2.60
C ASN A 15 -9.55 0.43 -3.46
N VAL A 16 -8.42 -0.16 -2.99
CA VAL A 16 -7.18 -0.08 -3.71
C VAL A 16 -6.60 -1.47 -3.78
N LEU A 17 -7.32 -2.46 -3.19
CA LEU A 17 -6.84 -3.82 -3.18
C LEU A 17 -6.83 -4.36 -4.59
N ASN A 18 -7.86 -4.02 -5.39
CA ASN A 18 -7.93 -4.53 -6.74
C ASN A 18 -7.00 -3.73 -7.64
N GLN A 19 -6.47 -2.59 -7.14
CA GLN A 19 -5.57 -1.78 -7.94
C GLN A 19 -4.16 -2.07 -7.54
N ILE A 20 -3.95 -2.97 -6.56
CA ILE A 20 -2.61 -3.29 -6.12
C ILE A 20 -1.91 -4.05 -7.21
N ASN A 21 -2.70 -4.72 -8.09
CA ASN A 21 -2.14 -5.50 -9.16
C ASN A 21 -1.69 -4.57 -10.26
N GLN A 22 -2.09 -3.28 -10.19
CA GLN A 22 -1.71 -2.33 -11.22
C GLN A 22 -0.61 -1.45 -10.69
N ILE A 23 -0.65 -1.15 -9.38
CA ILE A 23 0.37 -0.30 -8.78
C ILE A 23 1.65 -1.08 -8.69
N PHE A 24 1.54 -2.38 -8.32
CA PHE A 24 2.73 -3.20 -8.14
C PHE A 24 2.55 -4.45 -8.95
N SER A 25 3.68 -5.02 -9.41
CA SER A 25 3.63 -6.25 -10.17
C SER A 25 3.45 -7.36 -9.16
N PRO A 26 2.90 -8.51 -9.55
CA PRO A 26 2.68 -9.59 -8.60
C PRO A 26 3.96 -10.15 -8.01
N GLU A 27 5.06 -10.11 -8.79
CA GLU A 27 6.33 -10.59 -8.31
C GLU A 27 6.80 -9.66 -7.21
N GLU A 28 6.54 -8.35 -7.38
CA GLU A 28 6.96 -7.37 -6.40
C GLU A 28 6.10 -7.54 -5.17
N GLN A 29 4.79 -7.74 -5.38
CA GLN A 29 3.86 -7.91 -4.28
C GLN A 29 4.22 -9.13 -3.48
N ARG A 30 4.60 -10.24 -4.17
CA ARG A 30 4.96 -11.46 -3.49
C ARG A 30 6.19 -11.21 -2.63
N SER A 31 7.18 -10.47 -3.17
CA SER A 31 8.39 -10.21 -2.42
C SER A 31 8.08 -9.35 -1.22
N LEU A 32 7.18 -8.35 -1.41
CA LEU A 32 6.82 -7.46 -0.33
C LEU A 32 6.05 -8.23 0.71
N LEU A 33 5.33 -9.28 0.31
CA LEU A 33 4.56 -10.06 1.27
C LEU A 33 5.52 -10.79 2.16
N GLN A 34 6.60 -11.37 1.58
CA GLN A 34 7.57 -12.10 2.37
C GLN A 34 8.25 -11.16 3.32
N GLU A 35 8.58 -9.93 2.84
CA GLU A 35 9.24 -8.96 3.69
C GLU A 35 8.31 -8.57 4.80
N ALA A 36 7.01 -8.39 4.49
CA ALA A 36 6.02 -8.02 5.48
C ALA A 36 5.95 -9.04 6.58
N ILE A 37 6.09 -10.35 6.24
CA ILE A 37 6.04 -11.38 7.26
C ILE A 37 7.21 -11.19 8.20
N GLU A 38 8.42 -10.94 7.63
CA GLU A 38 9.58 -10.71 8.46
C GLU A 38 9.37 -9.47 9.33
N THR A 39 8.76 -8.41 8.75
CA THR A 39 8.48 -7.19 9.49
C THR A 39 7.55 -7.50 10.65
N CYS A 40 6.67 -8.53 10.50
CA CYS A 40 5.74 -8.88 11.56
C CYS A 40 6.49 -9.24 12.82
N LYS A 41 7.66 -9.91 12.68
CA LYS A 41 8.44 -10.30 13.85
C LYS A 41 8.88 -9.06 14.58
N ASN A 42 9.23 -8.00 13.81
CA ASN A 42 9.66 -6.76 14.41
C ASN A 42 8.49 -6.16 15.14
N PHE A 43 7.28 -6.31 14.54
CA PHE A 43 6.06 -5.79 15.13
C PHE A 43 5.75 -6.51 16.42
N GLU A 44 6.12 -7.81 16.50
CA GLU A 44 5.84 -8.60 17.69
C GLU A 44 6.59 -8.01 18.86
N LYS A 45 7.82 -7.52 18.62
CA LYS A 45 8.59 -6.93 19.68
C LYS A 45 7.87 -5.71 20.24
N THR A 46 7.33 -4.84 19.35
CA THR A 46 6.64 -3.65 19.81
C THR A 46 5.31 -3.99 20.45
N GLN A 47 4.52 -4.92 19.85
CA GLN A 47 3.21 -5.25 20.39
C GLN A 47 3.30 -6.56 21.11
N LEU A 48 3.00 -6.53 22.44
CA LEU A 48 3.06 -7.73 23.24
C LEU A 48 1.64 -8.14 23.52
N GLY A 49 1.35 -9.44 23.32
CA GLY A 49 0.02 -9.94 23.56
C GLY A 49 0.16 -11.36 24.00
N SER A 50 -0.86 -11.86 24.75
CA SER A 50 -0.82 -13.23 25.23
C SER A 50 -0.85 -14.17 24.05
N THR A 51 -1.74 -13.90 23.08
CA THR A 51 -1.82 -14.74 21.91
C THR A 51 -2.29 -13.87 20.79
N MET A 52 -1.55 -13.85 19.67
CA MET A 52 -1.93 -13.04 18.53
C MET A 52 -2.76 -13.88 17.62
N THR A 53 -3.97 -13.38 17.27
CA THR A 53 -4.84 -14.08 16.37
C THR A 53 -4.37 -13.80 14.97
N GLU A 54 -4.89 -14.53 13.97
CA GLU A 54 -4.45 -14.34 12.60
C GLU A 54 -4.83 -12.96 12.04
N PRO A 55 -6.07 -12.45 12.21
CA PRO A 55 -6.44 -11.12 11.69
C PRO A 55 -5.53 -9.99 12.10
N VAL A 56 -4.85 -10.10 13.26
CA VAL A 56 -3.94 -9.05 13.67
C VAL A 56 -2.80 -8.98 12.69
N LYS A 57 -2.24 -10.15 12.33
CA LYS A 57 -1.12 -10.21 11.40
C LYS A 57 -1.59 -9.80 10.03
N GLN A 58 -2.79 -10.28 9.63
CA GLN A 58 -3.33 -9.99 8.32
C GLN A 58 -3.55 -8.50 8.18
N SER A 59 -4.09 -7.87 9.25
CA SER A 59 -4.36 -6.45 9.20
C SER A 59 -3.06 -5.71 9.15
N PHE A 60 -2.05 -6.18 9.89
CA PHE A 60 -0.75 -5.53 9.92
C PHE A 60 -0.14 -5.53 8.54
N ILE A 61 -0.18 -6.68 7.84
CA ILE A 61 0.44 -6.77 6.53
C ILE A 61 -0.34 -5.91 5.57
N ARG A 62 -1.69 -5.95 5.68
CA ARG A 62 -2.55 -5.20 4.79
C ARG A 62 -2.27 -3.72 4.94
N LYS A 63 -2.18 -3.23 6.19
CA LYS A 63 -1.92 -1.82 6.41
C LYS A 63 -0.53 -1.49 5.94
N TYR A 64 0.43 -2.41 6.16
CA TYR A 64 1.81 -2.19 5.76
C TYR A 64 1.90 -1.96 4.27
N ILE A 65 1.26 -2.83 3.45
CA ILE A 65 1.35 -2.66 2.01
C ILE A 65 0.47 -1.52 1.58
N ASN A 66 -0.57 -1.20 2.37
CA ASN A 66 -1.45 -0.11 2.00
C ASN A 66 -0.70 1.18 2.13
N GLN A 67 0.09 1.33 3.21
CA GLN A 67 0.84 2.54 3.44
C GLN A 67 1.86 2.69 2.35
N LYS A 68 2.52 1.58 1.97
CA LYS A 68 3.54 1.62 0.94
C LYS A 68 2.91 2.05 -0.36
N ALA A 69 1.72 1.50 -0.69
CA ALA A 69 1.05 1.85 -1.92
C ALA A 69 0.69 3.32 -1.92
N LEU A 70 0.20 3.84 -0.78
CA LEU A 70 -0.20 5.23 -0.71
C LEU A 70 1.00 6.12 -0.90
N ARG A 71 2.15 5.74 -0.30
CA ARG A 71 3.34 6.56 -0.42
C ARG A 71 3.84 6.51 -1.85
N LYS A 72 3.80 5.32 -2.47
CA LYS A 72 4.27 5.19 -3.84
C LYS A 72 3.42 6.02 -4.76
N ILE A 73 2.08 5.93 -4.61
CA ILE A 73 1.17 6.68 -5.46
C ILE A 73 1.38 8.15 -5.23
N GLN A 74 1.53 8.58 -3.96
CA GLN A 74 1.72 9.99 -3.65
C GLN A 74 3.00 10.48 -4.29
N ALA A 75 4.05 9.64 -4.26
CA ALA A 75 5.33 10.01 -4.83
C ALA A 75 5.18 10.22 -6.32
N LEU A 76 4.31 9.40 -6.96
CA LEU A 76 4.11 9.48 -8.39
C LEU A 76 3.30 10.70 -8.74
N ARG A 77 2.68 11.37 -7.75
CA ARG A 77 1.85 12.53 -8.05
C ARG A 77 2.74 13.75 -8.07
N ASP A 78 4.00 13.59 -7.57
CA ASP A 78 4.92 14.70 -7.52
C ASP A 78 5.46 14.99 -8.89
N VAL A 79 5.23 14.07 -9.87
CA VAL A 79 5.73 14.28 -11.22
C VAL A 79 4.58 13.95 -12.12
N LYS A 80 4.24 14.85 -13.06
CA LYS A 80 3.14 14.57 -13.94
C LYS A 80 3.39 15.36 -15.19
N ASN A 81 3.19 14.71 -16.37
CA ASN A 81 3.39 15.39 -17.63
C ASN A 81 2.05 15.89 -18.07
N ASN A 82 1.86 17.22 -18.04
CA ASN A 82 0.62 17.82 -18.44
C ASN A 82 0.82 18.40 -19.82
N ASN A 83 -0.13 18.11 -20.74
CA ASN A 83 -0.03 18.62 -22.09
C ASN A 83 -0.83 19.89 -22.15
N ASN A 84 -1.47 20.25 -21.02
CA ASN A 84 -2.28 21.45 -20.96
C ASN A 84 -1.51 22.46 -20.15
N ALA A 85 -1.56 23.74 -20.57
CA ALA A 85 -0.86 24.76 -19.86
C ALA A 85 -1.62 26.04 -20.04
N ASN A 86 -1.62 26.89 -18.99
CA ASN A 86 -2.32 28.14 -19.07
C ASN A 86 -1.58 29.09 -18.18
N ASN A 87 -1.28 30.30 -18.69
CA ASN A 87 -0.57 31.28 -17.91
C ASN A 87 -0.84 32.62 -18.52
N ASN A 88 -0.52 33.69 -17.77
CA ASN A 88 -0.74 35.02 -18.26
C ASN A 88 0.47 35.43 -19.07
N GLY A 89 0.43 36.65 -19.64
CA GLY A 89 1.54 37.11 -20.43
C GLY A 89 1.21 38.49 -20.88
N SER A 90 2.13 39.10 -21.66
CA SER A 90 1.92 40.44 -22.16
C SER A 90 2.23 40.41 -23.62
N ASN A 91 1.54 41.26 -24.40
CA ASN A 91 1.78 41.30 -25.82
C ASN A 91 1.40 42.67 -26.29
N LEU A 92 2.12 43.19 -27.30
CA LEU A 92 1.82 44.51 -27.82
C LEU A 92 0.65 44.39 -28.80
#